data_4N1D
# 
_entry.id   4N1D 
# 
_audit_conform.dict_name       mmcif_pdbx.dic 
_audit_conform.dict_version    5.397 
_audit_conform.dict_location   http://mmcif.pdb.org/dictionaries/ascii/mmcif_pdbx.dic 
# 
loop_
_database_2.database_id 
_database_2.database_code 
_database_2.pdbx_database_accession 
_database_2.pdbx_DOI 
PDB   4N1D         pdb_00004n1d 10.2210/pdb4n1d/pdb 
RCSB  RCSB082628   ?            ?                   
WWPDB D_1000082628 ?            ?                   
# 
loop_
_pdbx_audit_revision_history.ordinal 
_pdbx_audit_revision_history.data_content_type 
_pdbx_audit_revision_history.major_revision 
_pdbx_audit_revision_history.minor_revision 
_pdbx_audit_revision_history.revision_date 
1 'Structure model' 1 0 2013-12-04 
2 'Structure model' 1 1 2014-02-05 
3 'Structure model' 1 2 2017-07-26 
4 'Structure model' 1 3 2024-10-30 
# 
_pdbx_audit_revision_details.ordinal             1 
_pdbx_audit_revision_details.revision_ordinal    1 
_pdbx_audit_revision_details.data_content_type   'Structure model' 
_pdbx_audit_revision_details.provider            repository 
_pdbx_audit_revision_details.type                'Initial release' 
_pdbx_audit_revision_details.description         ? 
_pdbx_audit_revision_details.details             ? 
# 
loop_
_pdbx_audit_revision_group.ordinal 
_pdbx_audit_revision_group.revision_ordinal 
_pdbx_audit_revision_group.data_content_type 
_pdbx_audit_revision_group.group 
1 2 'Structure model' 'Database references'    
2 3 'Structure model' 'Refinement description' 
3 3 'Structure model' 'Source and taxonomy'    
4 4 'Structure model' 'Data collection'        
5 4 'Structure model' 'Database references'    
6 4 'Structure model' 'Structure summary'      
# 
loop_
_pdbx_audit_revision_category.ordinal 
_pdbx_audit_revision_category.revision_ordinal 
_pdbx_audit_revision_category.data_content_type 
_pdbx_audit_revision_category.category 
1 3 'Structure model' entity_src_gen            
2 3 'Structure model' software                  
3 4 'Structure model' chem_comp_atom            
4 4 'Structure model' chem_comp_bond            
5 4 'Structure model' database_2                
6 4 'Structure model' pdbx_entry_details        
7 4 'Structure model' pdbx_modification_feature 
# 
loop_
_pdbx_audit_revision_item.ordinal 
_pdbx_audit_revision_item.revision_ordinal 
_pdbx_audit_revision_item.data_content_type 
_pdbx_audit_revision_item.item 
1 4 'Structure model' '_database_2.pdbx_DOI'                
2 4 'Structure model' '_database_2.pdbx_database_accession' 
# 
_pdbx_database_status.entry_id                        4N1D 
_pdbx_database_status.deposit_site                    RCSB 
_pdbx_database_status.process_site                    RCSB 
_pdbx_database_status.recvd_initial_deposition_date   2013-10-04 
_pdbx_database_status.status_code                     REL 
_pdbx_database_status.status_code_sf                  REL 
_pdbx_database_status.status_code_mr                  ? 
_pdbx_database_status.SG_entry                        ? 
_pdbx_database_status.status_code_cs                  ? 
_pdbx_database_status.methods_development_category    ? 
_pdbx_database_status.pdb_format_compatible           Y 
_pdbx_database_status.status_code_nmr_data            ? 
# 
_audit_author.name           'Esquivies, L.' 
_audit_author.pdbx_ordinal   1 
# 
_citation.id                        primary 
_citation.title                     
'Designer Nodal/BMP2 Chimeras Mimic Nodal Signaling, Promote Chondrogenesis, and Reveal a BMP2-like Structure.' 
_citation.journal_abbrev            J.Biol.Chem. 
_citation.journal_volume            289 
_citation.page_first                1788 
_citation.page_last                 1797 
_citation.year                      2014 
_citation.journal_id_ASTM           JBCHA3 
_citation.country                   US 
_citation.journal_id_ISSN           0021-9258 
_citation.journal_id_CSD            0071 
_citation.book_publisher            ? 
_citation.pdbx_database_id_PubMed   24311780 
_citation.pdbx_database_id_DOI      10.1074/jbc.M113.529180 
# 
loop_
_citation_author.citation_id 
_citation_author.name 
_citation_author.ordinal 
_citation_author.identifier_ORCID 
primary 'Esquivies, L.'          1  ? 
primary 'Blackler, A.'           2  ? 
primary 'Peran, M.'              3  ? 
primary 'Rodriguez-Esteban, C.'  4  ? 
primary 'Izpisua Belmonte, J.C.' 5  ? 
primary 'Booker, E.'             6  ? 
primary 'Gray, P.C.'             7  ? 
primary 'Ahn, C.'                8  ? 
primary 'Kwiatkowski, W.'        9  ? 
primary 'Choe, S.'               10 ? 
# 
loop_
_entity.id 
_entity.type 
_entity.src_method 
_entity.pdbx_description 
_entity.formula_weight 
_entity.pdbx_number_of_molecules 
_entity.pdbx_ec 
_entity.pdbx_mutation 
_entity.pdbx_fragment 
_entity.details 
1 polymer man 'Nodal/BMP2 chimera protein' 13584.686 1  ? ? ? ? 
2 water   nat water                        18.015    72 ? ? ? ? 
# 
_entity_name_com.entity_id   1 
_entity_name_com.name        'BMP-2, Bone morphogenetic protein 2A, BMP-2A' 
# 
_entity_poly.entity_id                      1 
_entity_poly.type                           'polypeptide(L)' 
_entity_poly.nstd_linkage                   no 
_entity_poly.nstd_monomer                   no 
_entity_poly.pdbx_seq_one_letter_code       
;MQAKHKQRKRLKSSCKRHPLYVDFNLIGWGSWIIYPKQYNAYRCEGECPNPVGEEFHPTNHAYIQSLLKRYQPHRVPSTC
CVPTELSAISMLYLDENEKVVLKNYQDMVVEGCGCR
;
_entity_poly.pdbx_seq_one_letter_code_can   
;MQAKHKQRKRLKSSCKRHPLYVDFNLIGWGSWIIYPKQYNAYRCEGECPNPVGEEFHPTNHAYIQSLLKRYQPHRVPSTC
CVPTELSAISMLYLDENEKVVLKNYQDMVVEGCGCR
;
_entity_poly.pdbx_strand_id                 A 
_entity_poly.pdbx_target_identifier         ? 
# 
_pdbx_entity_nonpoly.entity_id   2 
_pdbx_entity_nonpoly.name        water 
_pdbx_entity_nonpoly.comp_id     HOH 
# 
loop_
_entity_poly_seq.entity_id 
_entity_poly_seq.num 
_entity_poly_seq.mon_id 
_entity_poly_seq.hetero 
1 1   MET n 
1 2   GLN n 
1 3   ALA n 
1 4   LYS n 
1 5   HIS n 
1 6   LYS n 
1 7   GLN n 
1 8   ARG n 
1 9   LYS n 
1 10  ARG n 
1 11  LEU n 
1 12  LYS n 
1 13  SER n 
1 14  SER n 
1 15  CYS n 
1 16  LYS n 
1 17  ARG n 
1 18  HIS n 
1 19  PRO n 
1 20  LEU n 
1 21  TYR n 
1 22  VAL n 
1 23  ASP n 
1 24  PHE n 
1 25  ASN n 
1 26  LEU n 
1 27  ILE n 
1 28  GLY n 
1 29  TRP n 
1 30  GLY n 
1 31  SER n 
1 32  TRP n 
1 33  ILE n 
1 34  ILE n 
1 35  TYR n 
1 36  PRO n 
1 37  LYS n 
1 38  GLN n 
1 39  TYR n 
1 40  ASN n 
1 41  ALA n 
1 42  TYR n 
1 43  ARG n 
1 44  CYS n 
1 45  GLU n 
1 46  GLY n 
1 47  GLU n 
1 48  CYS n 
1 49  PRO n 
1 50  ASN n 
1 51  PRO n 
1 52  VAL n 
1 53  GLY n 
1 54  GLU n 
1 55  GLU n 
1 56  PHE n 
1 57  HIS n 
1 58  PRO n 
1 59  THR n 
1 60  ASN n 
1 61  HIS n 
1 62  ALA n 
1 63  TYR n 
1 64  ILE n 
1 65  GLN n 
1 66  SER n 
1 67  LEU n 
1 68  LEU n 
1 69  LYS n 
1 70  ARG n 
1 71  TYR n 
1 72  GLN n 
1 73  PRO n 
1 74  HIS n 
1 75  ARG n 
1 76  VAL n 
1 77  PRO n 
1 78  SER n 
1 79  THR n 
1 80  CYS n 
1 81  CYS n 
1 82  VAL n 
1 83  PRO n 
1 84  THR n 
1 85  GLU n 
1 86  LEU n 
1 87  SER n 
1 88  ALA n 
1 89  ILE n 
1 90  SER n 
1 91  MET n 
1 92  LEU n 
1 93  TYR n 
1 94  LEU n 
1 95  ASP n 
1 96  GLU n 
1 97  ASN n 
1 98  GLU n 
1 99  LYS n 
1 100 VAL n 
1 101 VAL n 
1 102 LEU n 
1 103 LYS n 
1 104 ASN n 
1 105 TYR n 
1 106 GLN n 
1 107 ASP n 
1 108 MET n 
1 109 VAL n 
1 110 VAL n 
1 111 GLU n 
1 112 GLY n 
1 113 CYS n 
1 114 GLY n 
1 115 CYS n 
1 116 ARG n 
# 
loop_
_entity_src_gen.entity_id 
_entity_src_gen.pdbx_src_id 
_entity_src_gen.pdbx_alt_source_flag 
_entity_src_gen.pdbx_seq_type 
_entity_src_gen.pdbx_beg_seq_num 
_entity_src_gen.pdbx_end_seq_num 
_entity_src_gen.gene_src_common_name 
_entity_src_gen.gene_src_genus 
_entity_src_gen.pdbx_gene_src_gene 
_entity_src_gen.gene_src_species 
_entity_src_gen.gene_src_strain 
_entity_src_gen.gene_src_tissue 
_entity_src_gen.gene_src_tissue_fraction 
_entity_src_gen.gene_src_details 
_entity_src_gen.pdbx_gene_src_fragment 
_entity_src_gen.pdbx_gene_src_scientific_name 
_entity_src_gen.pdbx_gene_src_ncbi_taxonomy_id 
_entity_src_gen.pdbx_gene_src_variant 
_entity_src_gen.pdbx_gene_src_cell_line 
_entity_src_gen.pdbx_gene_src_atcc 
_entity_src_gen.pdbx_gene_src_organ 
_entity_src_gen.pdbx_gene_src_organelle 
_entity_src_gen.pdbx_gene_src_cell 
_entity_src_gen.pdbx_gene_src_cellular_location 
_entity_src_gen.host_org_common_name 
_entity_src_gen.pdbx_host_org_scientific_name 
_entity_src_gen.pdbx_host_org_ncbi_taxonomy_id 
_entity_src_gen.host_org_genus 
_entity_src_gen.pdbx_host_org_gene 
_entity_src_gen.pdbx_host_org_organ 
_entity_src_gen.host_org_species 
_entity_src_gen.pdbx_host_org_tissue 
_entity_src_gen.pdbx_host_org_tissue_fraction 
_entity_src_gen.pdbx_host_org_strain 
_entity_src_gen.pdbx_host_org_variant 
_entity_src_gen.pdbx_host_org_cell_line 
_entity_src_gen.pdbx_host_org_atcc 
_entity_src_gen.pdbx_host_org_culture_collection 
_entity_src_gen.pdbx_host_org_cell 
_entity_src_gen.pdbx_host_org_organelle 
_entity_src_gen.pdbx_host_org_cellular_location 
_entity_src_gen.pdbx_host_org_vector_type 
_entity_src_gen.pdbx_host_org_vector 
_entity_src_gen.host_org_details 
_entity_src_gen.expression_system_id 
_entity_src_gen.plasmid_name 
_entity_src_gen.plasmid_details 
_entity_src_gen.pdbx_description 
1 1 sample ? 2  24  human ? 'BMP2, BMP2A, Nodal' ? ? ? ? ? ? 'Homo sapiens' 9606 ? ? ? ? ? ? ? ? 'Escherichia coli' 562 ? ? ? ? ? 
? ? ? ? ? ? ? ? ? ? ? ? ? ? ? ? 
1 3 sample ? 82 116 human ? 'BMP2, BMP2A, Nodal' ? ? ? ? ? ? 'Homo sapiens' 9606 ? ? ? ? ? ? ? ? 'Escherichia coli' 562 ? ? ? ? ? 
? ? ? ? ? ? ? ? ? ? ? ? ? ? ? ? 
1 2 sample ? 25 81  human ? 'BMP2, BMP2A, Nodal' ? ? ? ? ? ? 'Homo sapiens' 9606 ? ? ? ? ? ? ? ? 'Escherichia coli' 562 ? ? ? ? ? 
? ? ? ? ? ? ? ? ? ? ? ? ? ? ? ? 
# 
loop_
_chem_comp.id 
_chem_comp.type 
_chem_comp.mon_nstd_flag 
_chem_comp.name 
_chem_comp.pdbx_synonyms 
_chem_comp.formula 
_chem_comp.formula_weight 
ALA 'L-peptide linking' y ALANINE         ? 'C3 H7 N O2'     89.093  
ARG 'L-peptide linking' y ARGININE        ? 'C6 H15 N4 O2 1' 175.209 
ASN 'L-peptide linking' y ASPARAGINE      ? 'C4 H8 N2 O3'    132.118 
ASP 'L-peptide linking' y 'ASPARTIC ACID' ? 'C4 H7 N O4'     133.103 
CYS 'L-peptide linking' y CYSTEINE        ? 'C3 H7 N O2 S'   121.158 
GLN 'L-peptide linking' y GLUTAMINE       ? 'C5 H10 N2 O3'   146.144 
GLU 'L-peptide linking' y 'GLUTAMIC ACID' ? 'C5 H9 N O4'     147.129 
GLY 'peptide linking'   y GLYCINE         ? 'C2 H5 N O2'     75.067  
HIS 'L-peptide linking' y HISTIDINE       ? 'C6 H10 N3 O2 1' 156.162 
HOH non-polymer         . WATER           ? 'H2 O'           18.015  
ILE 'L-peptide linking' y ISOLEUCINE      ? 'C6 H13 N O2'    131.173 
LEU 'L-peptide linking' y LEUCINE         ? 'C6 H13 N O2'    131.173 
LYS 'L-peptide linking' y LYSINE          ? 'C6 H15 N2 O2 1' 147.195 
MET 'L-peptide linking' y METHIONINE      ? 'C5 H11 N O2 S'  149.211 
PHE 'L-peptide linking' y PHENYLALANINE   ? 'C9 H11 N O2'    165.189 
PRO 'L-peptide linking' y PROLINE         ? 'C5 H9 N O2'     115.130 
SER 'L-peptide linking' y SERINE          ? 'C3 H7 N O3'     105.093 
THR 'L-peptide linking' y THREONINE       ? 'C4 H9 N O3'     119.119 
TRP 'L-peptide linking' y TRYPTOPHAN      ? 'C11 H12 N2 O2'  204.225 
TYR 'L-peptide linking' y TYROSINE        ? 'C9 H11 N O3'    181.189 
VAL 'L-peptide linking' y VALINE          ? 'C5 H11 N O2'    117.146 
# 
loop_
_pdbx_poly_seq_scheme.asym_id 
_pdbx_poly_seq_scheme.entity_id 
_pdbx_poly_seq_scheme.seq_id 
_pdbx_poly_seq_scheme.mon_id 
_pdbx_poly_seq_scheme.ndb_seq_num 
_pdbx_poly_seq_scheme.pdb_seq_num 
_pdbx_poly_seq_scheme.auth_seq_num 
_pdbx_poly_seq_scheme.pdb_mon_id 
_pdbx_poly_seq_scheme.auth_mon_id 
_pdbx_poly_seq_scheme.pdb_strand_id 
_pdbx_poly_seq_scheme.pdb_ins_code 
_pdbx_poly_seq_scheme.hetero 
A 1 1   MET 1   0   ?   ?   ?   A . n 
A 1 2   GLN 2   1   ?   ?   ?   A . n 
A 1 3   ALA 3   2   ?   ?   ?   A . n 
A 1 4   LYS 4   3   ?   ?   ?   A . n 
A 1 5   HIS 5   4   ?   ?   ?   A . n 
A 1 6   LYS 6   5   ?   ?   ?   A . n 
A 1 7   GLN 7   6   ?   ?   ?   A . n 
A 1 8   ARG 8   7   ?   ?   ?   A . n 
A 1 9   LYS 9   8   ?   ?   ?   A . n 
A 1 10  ARG 10  9   ?   ?   ?   A . n 
A 1 11  LEU 11  10  ?   ?   ?   A . n 
A 1 12  LYS 12  11  11  LYS LYS A . n 
A 1 13  SER 13  12  12  SER SER A . n 
A 1 14  SER 14  13  13  SER SER A . n 
A 1 15  CYS 15  14  14  CYS CYS A . n 
A 1 16  LYS 16  15  15  LYS LYS A . n 
A 1 17  ARG 17  16  16  ARG ARG A . n 
A 1 18  HIS 18  17  17  HIS HIS A . n 
A 1 19  PRO 19  18  18  PRO PRO A . n 
A 1 20  LEU 20  19  19  LEU LEU A . n 
A 1 21  TYR 21  20  20  TYR TYR A . n 
A 1 22  VAL 22  21  21  VAL VAL A . n 
A 1 23  ASP 23  22  22  ASP ASP A . n 
A 1 24  PHE 24  23  23  PHE PHE A . n 
A 1 25  ASN 25  24  24  ASN ASN A . n 
A 1 26  LEU 26  25  25  LEU LEU A . n 
A 1 27  ILE 27  26  26  ILE ILE A . n 
A 1 28  GLY 28  27  27  GLY GLY A . n 
A 1 29  TRP 29  28  28  TRP TRP A . n 
A 1 30  GLY 30  29  29  GLY GLY A . n 
A 1 31  SER 31  30  30  SER SER A . n 
A 1 32  TRP 32  31  31  TRP TRP A . n 
A 1 33  ILE 33  32  32  ILE ILE A . n 
A 1 34  ILE 34  33  33  ILE ILE A . n 
A 1 35  TYR 35  34  34  TYR TYR A . n 
A 1 36  PRO 36  35  35  PRO PRO A . n 
A 1 37  LYS 37  36  36  LYS LYS A . n 
A 1 38  GLN 38  37  37  GLN GLN A . n 
A 1 39  TYR 39  38  38  TYR TYR A . n 
A 1 40  ASN 40  39  39  ASN ASN A . n 
A 1 41  ALA 41  40  40  ALA ALA A . n 
A 1 42  TYR 42  41  41  TYR TYR A . n 
A 1 43  ARG 43  42  42  ARG ARG A . n 
A 1 44  CYS 44  43  43  CYS CYS A . n 
A 1 45  GLU 45  44  44  GLU GLU A . n 
A 1 46  GLY 46  45  45  GLY GLY A . n 
A 1 47  GLU 47  46  46  GLU GLU A . n 
A 1 48  CYS 48  47  47  CYS CYS A . n 
A 1 49  PRO 49  48  48  PRO PRO A . n 
A 1 50  ASN 50  49  49  ASN ASN A . n 
A 1 51  PRO 51  50  50  PRO PRO A . n 
A 1 52  VAL 52  51  51  VAL VAL A . n 
A 1 53  GLY 53  52  52  GLY GLY A . n 
A 1 54  GLU 54  53  53  GLU GLU A . n 
A 1 55  GLU 55  54  54  GLU GLU A . n 
A 1 56  PHE 56  55  55  PHE PHE A . n 
A 1 57  HIS 57  56  56  HIS HIS A . n 
A 1 58  PRO 58  57  57  PRO PRO A . n 
A 1 59  THR 59  58  58  THR THR A . n 
A 1 60  ASN 60  59  59  ASN ASN A . n 
A 1 61  HIS 61  60  60  HIS HIS A . n 
A 1 62  ALA 62  61  61  ALA ALA A . n 
A 1 63  TYR 63  62  62  TYR TYR A . n 
A 1 64  ILE 64  63  63  ILE ILE A . n 
A 1 65  GLN 65  64  64  GLN GLN A . n 
A 1 66  SER 66  65  65  SER SER A . n 
A 1 67  LEU 67  66  66  LEU LEU A . n 
A 1 68  LEU 68  67  67  LEU LEU A . n 
A 1 69  LYS 69  68  68  LYS LYS A . n 
A 1 70  ARG 70  69  69  ARG ARG A . n 
A 1 71  TYR 71  70  70  TYR TYR A . n 
A 1 72  GLN 72  71  71  GLN GLN A . n 
A 1 73  PRO 73  72  72  PRO PRO A . n 
A 1 74  HIS 74  73  73  HIS HIS A . n 
A 1 75  ARG 75  74  74  ARG ARG A . n 
A 1 76  VAL 76  75  75  VAL VAL A . n 
A 1 77  PRO 77  76  76  PRO PRO A . n 
A 1 78  SER 78  77  77  SER SER A . n 
A 1 79  THR 79  78  78  THR THR A . n 
A 1 80  CYS 80  79  79  CYS CYS A . n 
A 1 81  CYS 81  80  80  CYS CYS A . n 
A 1 82  VAL 82  81  81  VAL VAL A . n 
A 1 83  PRO 83  82  82  PRO PRO A . n 
A 1 84  THR 84  83  83  THR THR A . n 
A 1 85  GLU 85  84  84  GLU GLU A . n 
A 1 86  LEU 86  85  85  LEU LEU A . n 
A 1 87  SER 87  86  86  SER SER A . n 
A 1 88  ALA 88  87  87  ALA ALA A . n 
A 1 89  ILE 89  88  88  ILE ILE A . n 
A 1 90  SER 90  89  89  SER SER A . n 
A 1 91  MET 91  90  90  MET MET A . n 
A 1 92  LEU 92  91  91  LEU LEU A . n 
A 1 93  TYR 93  92  92  TYR TYR A . n 
A 1 94  LEU 94  93  93  LEU LEU A . n 
A 1 95  ASP 95  94  94  ASP ASP A . n 
A 1 96  GLU 96  95  95  GLU GLU A . n 
A 1 97  ASN 97  96  96  ASN ASN A . n 
A 1 98  GLU 98  97  97  GLU GLU A . n 
A 1 99  LYS 99  98  98  LYS LYS A . n 
A 1 100 VAL 100 99  99  VAL VAL A . n 
A 1 101 VAL 101 100 100 VAL VAL A . n 
A 1 102 LEU 102 101 101 LEU LEU A . n 
A 1 103 LYS 103 102 102 LYS LYS A . n 
A 1 104 ASN 104 103 103 ASN ASN A . n 
A 1 105 TYR 105 104 104 TYR TYR A . n 
A 1 106 GLN 106 105 105 GLN GLN A . n 
A 1 107 ASP 107 106 106 ASP ASP A . n 
A 1 108 MET 108 107 107 MET MET A . n 
A 1 109 VAL 109 108 108 VAL VAL A . n 
A 1 110 VAL 110 109 109 VAL VAL A . n 
A 1 111 GLU 111 110 110 GLU GLU A . n 
A 1 112 GLY 112 111 111 GLY GLY A . n 
A 1 113 CYS 113 112 112 CYS CYS A . n 
A 1 114 GLY 114 113 113 GLY GLY A . n 
A 1 115 CYS 115 114 114 CYS CYS A . n 
A 1 116 ARG 116 115 115 ARG ARG A . n 
# 
loop_
_pdbx_nonpoly_scheme.asym_id 
_pdbx_nonpoly_scheme.entity_id 
_pdbx_nonpoly_scheme.mon_id 
_pdbx_nonpoly_scheme.ndb_seq_num 
_pdbx_nonpoly_scheme.pdb_seq_num 
_pdbx_nonpoly_scheme.auth_seq_num 
_pdbx_nonpoly_scheme.pdb_mon_id 
_pdbx_nonpoly_scheme.auth_mon_id 
_pdbx_nonpoly_scheme.pdb_strand_id 
_pdbx_nonpoly_scheme.pdb_ins_code 
B 2 HOH 1  201 1  HOH HOH A . 
B 2 HOH 2  202 2  HOH HOH A . 
B 2 HOH 3  203 3  HOH HOH A . 
B 2 HOH 4  204 4  HOH HOH A . 
B 2 HOH 5  205 5  HOH HOH A . 
B 2 HOH 6  206 6  HOH HOH A . 
B 2 HOH 7  207 7  HOH HOH A . 
B 2 HOH 8  208 8  HOH HOH A . 
B 2 HOH 9  209 9  HOH HOH A . 
B 2 HOH 10 210 10 HOH HOH A . 
B 2 HOH 11 211 11 HOH HOH A . 
B 2 HOH 12 212 12 HOH HOH A . 
B 2 HOH 13 213 13 HOH HOH A . 
B 2 HOH 14 214 14 HOH HOH A . 
B 2 HOH 15 215 15 HOH HOH A . 
B 2 HOH 16 216 16 HOH HOH A . 
B 2 HOH 17 217 17 HOH HOH A . 
B 2 HOH 18 218 18 HOH HOH A . 
B 2 HOH 19 219 19 HOH HOH A . 
B 2 HOH 20 220 20 HOH HOH A . 
B 2 HOH 21 221 21 HOH HOH A . 
B 2 HOH 22 222 22 HOH HOH A . 
B 2 HOH 23 223 23 HOH HOH A . 
B 2 HOH 24 224 24 HOH HOH A . 
B 2 HOH 25 225 25 HOH HOH A . 
B 2 HOH 26 226 26 HOH HOH A . 
B 2 HOH 27 227 27 HOH HOH A . 
B 2 HOH 28 228 28 HOH HOH A . 
B 2 HOH 29 229 29 HOH HOH A . 
B 2 HOH 30 230 30 HOH HOH A . 
B 2 HOH 31 231 31 HOH HOH A . 
B 2 HOH 32 232 32 HOH HOH A . 
B 2 HOH 33 233 33 HOH HOH A . 
B 2 HOH 34 234 34 HOH HOH A . 
B 2 HOH 35 235 35 HOH HOH A . 
B 2 HOH 36 236 36 HOH HOH A . 
B 2 HOH 37 237 37 HOH HOH A . 
B 2 HOH 38 238 38 HOH HOH A . 
B 2 HOH 39 239 39 HOH HOH A . 
B 2 HOH 40 240 40 HOH HOH A . 
B 2 HOH 41 241 41 HOH HOH A . 
B 2 HOH 42 242 42 HOH HOH A . 
B 2 HOH 43 243 43 HOH HOH A . 
B 2 HOH 44 244 44 HOH HOH A . 
B 2 HOH 45 245 45 HOH HOH A . 
B 2 HOH 46 246 46 HOH HOH A . 
B 2 HOH 47 247 47 HOH HOH A . 
B 2 HOH 48 248 48 HOH HOH A . 
B 2 HOH 49 249 49 HOH HOH A . 
B 2 HOH 50 250 50 HOH HOH A . 
B 2 HOH 51 251 51 HOH HOH A . 
B 2 HOH 52 252 52 HOH HOH A . 
B 2 HOH 53 253 53 HOH HOH A . 
B 2 HOH 54 254 54 HOH HOH A . 
B 2 HOH 55 255 55 HOH HOH A . 
B 2 HOH 56 256 56 HOH HOH A . 
B 2 HOH 57 257 57 HOH HOH A . 
B 2 HOH 58 258 58 HOH HOH A . 
B 2 HOH 59 259 59 HOH HOH A . 
B 2 HOH 60 260 60 HOH HOH A . 
B 2 HOH 61 261 61 HOH HOH A . 
B 2 HOH 62 262 62 HOH HOH A . 
B 2 HOH 63 263 63 HOH HOH A . 
B 2 HOH 64 264 64 HOH HOH A . 
B 2 HOH 65 265 65 HOH HOH A . 
B 2 HOH 66 266 66 HOH HOH A . 
B 2 HOH 67 267 67 HOH HOH A . 
B 2 HOH 68 268 68 HOH HOH A . 
B 2 HOH 69 269 69 HOH HOH A . 
B 2 HOH 70 270 70 HOH HOH A . 
B 2 HOH 71 271 71 HOH HOH A . 
B 2 HOH 72 272 72 HOH HOH A . 
# 
loop_
_software.pdbx_ordinal 
_software.name 
_software.version 
_software.date 
_software.type 
_software.contact_author 
_software.contact_author_email 
_software.classification 
_software.location 
_software.language 
_software.citation_id 
1 SCALA       3.3.16     2010/01/06       other   'Phil R. Evans' pre@mrc-lmb.cam.ac.uk    'data scaling'    
http://www.ccp4.ac.uk/dist/html/scala.html Fortran_77 ? 
2 PHENIX      1.8.1_1168 ?                package 'Paul D. Adams' PDAdams@lbl.gov          refinement        
http://www.phenix-online.org/              C++        ? 
3 PDB_EXTRACT 3.11       'April 22, 2011' package PDB             deposit@deposit.rcsb.org 'data extraction' 
http://sw-tools.pdb.org/apps/PDB_EXTRACT/  C++        ? 
4 Blu-Ice     .          ?                ?       ?               ?                        'data collection' ? ?          ? 
5 XDS         .          ?                ?       ?               ?                        'data reduction'  ? ?          ? 
6 MrBUMP      .          ?                ?       ?               ?                        phasing           ? ?          ? 
# 
_cell.entry_id           4N1D 
_cell.length_a           95.570 
_cell.length_b           95.570 
_cell.length_c           97.494 
_cell.angle_alpha        90.00 
_cell.angle_beta         90.00 
_cell.angle_gamma        120.00 
_cell.Z_PDB              18 
_cell.pdbx_unique_axis   ? 
_cell.length_a_esd       ? 
_cell.length_b_esd       ? 
_cell.length_c_esd       ? 
_cell.angle_alpha_esd    ? 
_cell.angle_beta_esd     ? 
_cell.angle_gamma_esd    ? 
# 
_symmetry.entry_id                         4N1D 
_symmetry.space_group_name_H-M             'H 3 2' 
_symmetry.pdbx_full_space_group_name_H-M   ? 
_symmetry.cell_setting                     ? 
_symmetry.Int_Tables_number                155 
_symmetry.space_group_name_Hall            ? 
# 
_exptl.crystals_number   1 
_exptl.entry_id          4N1D 
_exptl.method            'X-RAY DIFFRACTION' 
# 
_exptl_crystal.id                    1 
_exptl_crystal.density_Matthews      3.15 
_exptl_crystal.density_meas          ? 
_exptl_crystal.density_percent_sol   61.00 
_exptl_crystal.description           ? 
_exptl_crystal.F_000                 ? 
_exptl_crystal.preparation           ? 
# 
_exptl_crystal_grow.crystal_id      1 
_exptl_crystal_grow.method          'VAPOR DIFFUSION, HANGING DROP' 
_exptl_crystal_grow.pH              4.6 
_exptl_crystal_grow.temp            288 
_exptl_crystal_grow.temp_details    ? 
_exptl_crystal_grow.pdbx_details    
'0.2M NaCl, 0.1 M Na acetate pH 4.6, 30% 2-Methyl-2,4-pentanediol, VAPOR DIFFUSION, HANGING DROP, temperature 288K' 
_exptl_crystal_grow.pdbx_pH_range   ? 
# 
_diffrn.id                     1 
_diffrn.ambient_temp           100 
_diffrn.ambient_temp_details   ? 
_diffrn.crystal_id             1 
# 
_diffrn_detector.diffrn_id              1 
_diffrn_detector.detector               PIXEL 
_diffrn_detector.details                ? 
_diffrn_detector.type                   'DECTRIS PILATUS 6M' 
_diffrn_detector.pdbx_collection_date   2012-02-27 
# 
_diffrn_radiation.diffrn_id                        1 
_diffrn_radiation.wavelength_id                    1 
_diffrn_radiation.pdbx_diffrn_protocol             'SINGLE WAVELENGTH' 
_diffrn_radiation.monochromator                    
'Side scattering bent cube-root I-beam single crystal; asymmetric cut 4.965 degs' 
_diffrn_radiation.pdbx_monochromatic_or_laue_m_l   M 
_diffrn_radiation.pdbx_scattering_type             x-ray 
# 
_diffrn_radiation_wavelength.id           1 
_diffrn_radiation_wavelength.wavelength   0.98 
_diffrn_radiation_wavelength.wt           1.0 
# 
_diffrn_source.diffrn_id                   1 
_diffrn_source.source                      SYNCHROTRON 
_diffrn_source.type                        'SSRL BEAMLINE BL11-1' 
_diffrn_source.pdbx_wavelength             ? 
_diffrn_source.pdbx_wavelength_list        0.98 
_diffrn_source.pdbx_synchrotron_site       SSRL 
_diffrn_source.pdbx_synchrotron_beamline   BL11-1 
# 
_reflns.pdbx_chi_squared             ? 
_reflns.pdbx_scaling_rejects         ? 
_reflns.limit_k_max                  ? 
_reflns.d_resolution_high            1.912 
_reflns.observed_criterion_F_min     ? 
_reflns.pdbx_netI_over_sigmaI        41.400 
_reflns.observed_criterion_F_max     ? 
_reflns.pdbx_Rmerge_I_obs            ? 
_reflns.limit_l_max                  ? 
_reflns.limit_k_min                  ? 
_reflns.entry_id                     4N1D 
_reflns.B_iso_Wilson_estimate        ? 
_reflns.percent_possible_obs         99.200 
_reflns.pdbx_Rsym_value              0.033 
_reflns.observed_criterion_sigma_I   -3.0 
_reflns.observed_criterion_sigma_F   ? 
_reflns.limit_l_min                  ? 
_reflns.limit_h_min                  ? 
_reflns.R_free_details               ? 
_reflns.number_all                   ? 
_reflns.d_resolution_low             31.548 
_reflns.pdbx_redundancy              9.700 
_reflns.number_obs                   13316 
_reflns.limit_h_max                  ? 
_reflns.pdbx_ordinal                 1 
_reflns.pdbx_diffrn_id               1 
# 
loop_
_reflns_shell.d_res_high 
_reflns_shell.d_res_low 
_reflns_shell.number_measured_obs 
_reflns_shell.number_measured_all 
_reflns_shell.number_unique_obs 
_reflns_shell.Rmerge_I_obs 
_reflns_shell.meanI_over_sigI_obs 
_reflns_shell.pdbx_Rsym_value 
_reflns_shell.pdbx_chi_squared 
_reflns_shell.pdbx_redundancy 
_reflns_shell.percent_possible_obs 
_reflns_shell.number_unique_all 
_reflns_shell.percent_possible_all 
_reflns_shell.pdbx_ordinal 
_reflns_shell.pdbx_diffrn_id 
1.910 2.020  ? 13501 ? 0.342 2.300  0.342 ? 7.400  ? 1821 94.300  1  1 
2.020 2.140  ? 18951 ? 0.237 3.300  0.237 ? 10.300 ? 1845 100.000 2  1 
2.140 2.290  ? 17221 ? 0.157 4.900  0.157 ? 10.000 ? 1722 100.000 3  1 
2.290 2.470  ? 16266 ? 0.100 7.700  0.100 ? 10.200 ? 1601 100.000 4  1 
2.470 2.700  ? 15158 ? 0.067 11.300 0.067 ? 10.200 ? 1489 100.000 5  1 
2.700 3.020  ? 13443 ? 0.043 17.100 0.043 ? 9.900  ? 1352 100.000 6  1 
3.020 3.490  ? 12156 ? 0.027 26.300 0.027 ? 10.200 ? 1193 100.000 7  1 
3.490 4.280  ? 10310 ? 0.017 38.400 0.017 ? 9.900  ? 1040 100.000 8  1 
4.280 6.050  ? 7637  ? 0.015 42.100 0.015 ? 9.700  ? 787  100.000 9  1 
6.050 31.548 ? 4282  ? 0.015 40.900 0.015 ? 9.200  ? 466  99.400  10 1 
# 
_refine.ls_percent_reflns_R_free                 9.9700 
_refine.overall_SU_B                             ? 
_refine.pdbx_solvent_vdw_probe_radii             1.1100 
_refine.pdbx_R_Free_selection_details            random 
_refine.overall_FOM_free_R_set                   ? 
_refine.pdbx_data_cutoff_low_absF                ? 
_refine.entry_id                                 4N1D 
_refine.aniso_B[2][3]                            ? 
_refine.overall_SU_R_Cruickshank_DPI             ? 
_refine.overall_SU_ML                            0.1600 
_refine.pdbx_ls_sigma_I                          ? 
_refine.aniso_B[1][3]                            ? 
_refine.pdbx_stereochemistry_target_values       ML 
_refine.aniso_B[3][3]                            ? 
_refine.occupancy_max                            1.000 
_refine.ls_number_restraints                     ? 
_refine.aniso_B[1][1]                            ? 
_refine.pdbx_overall_ESU_R                       ? 
_refine.ls_R_factor_obs                          0.1784 
_refine.pdbx_ls_cross_valid_method               ? 
_refine.pdbx_solvent_ion_probe_radii             ? 
_refine.pdbx_starting_model                      ? 
_refine.ls_wR_factor_R_free                      ? 
_refine.ls_wR_factor_R_work                      ? 
_refine.pdbx_isotropic_thermal_model             ? 
_refine.pdbx_method_to_determine_struct          'MOLECULAR REPLACEMENT' 
_refine.solvent_model_param_ksol                 ? 
_refine.pdbx_solvent_shrinkage_radii             0.9000 
_refine.correlation_coeff_Fo_to_Fc               ? 
_refine.ls_number_reflns_R_free                  1328 
_refine.correlation_coeff_Fo_to_Fc_free          ? 
_refine.pdbx_ls_sigma_F                          1.360 
_refine.ls_percent_reflns_obs                    99.1100 
_refine.ls_R_factor_R_work                       0.1754 
_refine.overall_SU_R_free                        ? 
_refine.ls_d_res_high                            1.9120 
_refine.pdbx_overall_ESU_R_Free                  ? 
_refine.B_iso_min                                24.520 
_refine.occupancy_min                            0.700 
_refine.B_iso_mean                               43.1648 
_refine.pdbx_stereochem_target_val_spec_case     ? 
_refine.ls_R_factor_all                          ? 
_refine.aniso_B[2][2]                            ? 
_refine.B_iso_max                                100.870 
_refine.ls_d_res_low                             31.5480 
_refine.pdbx_overall_phase_error                 19.7800 
_refine.solvent_model_details                    'FLAT BULK SOLVENT MODEL' 
_refine.aniso_B[1][2]                            ? 
_refine.ls_R_factor_R_free                       0.2039 
_refine.ls_R_factor_R_free_error                 ? 
_refine.ls_number_reflns_obs                     13314 
_refine.overall_FOM_work_R_set                   ? 
_refine.ls_number_parameters                     ? 
_refine.details                                  ? 
_refine.ls_number_reflns_all                     ? 
_refine.ls_redundancy_reflns_obs                 ? 
_refine.pdbx_data_cutoff_high_absF               ? 
_refine.solvent_model_param_bsol                 ? 
_refine.ls_R_factor_R_free_error_details         ? 
_refine.pdbx_data_cutoff_high_rms_absF           ? 
_refine.pdbx_diffrn_id                           1 
_refine.pdbx_refine_id                           'X-RAY DIFFRACTION' 
_refine.pdbx_TLS_residual_ADP_flag               ? 
_refine.pdbx_overall_SU_R_free_Cruickshank_DPI   ? 
_refine.pdbx_overall_SU_R_Blow_DPI               ? 
_refine.pdbx_overall_SU_R_free_Blow_DPI          ? 
# 
_refine_hist.pdbx_refine_id                   'X-RAY DIFFRACTION' 
_refine_hist.cycle_id                         LAST 
_refine_hist.pdbx_number_atoms_protein        852 
_refine_hist.pdbx_number_atoms_nucleic_acid   0 
_refine_hist.pdbx_number_atoms_ligand         0 
_refine_hist.number_atoms_solvent             72 
_refine_hist.number_atoms_total               924 
_refine_hist.d_res_high                       1.9120 
_refine_hist.d_res_low                        31.5480 
# 
loop_
_refine_ls_restr.type 
_refine_ls_restr.number 
_refine_ls_restr.dev_ideal 
_refine_ls_restr.dev_ideal_target 
_refine_ls_restr.weight 
_refine_ls_restr.pdbx_restraint_function 
_refine_ls_restr.pdbx_refine_id 
f_bond_d           881  0.006  ? ? ? 'X-RAY DIFFRACTION' 
f_angle_d          1192 1.136  ? ? ? 'X-RAY DIFFRACTION' 
f_chiral_restr     123  0.080  ? ? ? 'X-RAY DIFFRACTION' 
f_plane_restr      155  0.004  ? ? ? 'X-RAY DIFFRACTION' 
f_dihedral_angle_d 329  13.981 ? ? ? 'X-RAY DIFFRACTION' 
# 
loop_
_refine_ls_shell.d_res_high 
_refine_ls_shell.d_res_low 
_refine_ls_shell.pdbx_total_number_of_bins_used 
_refine_ls_shell.percent_reflns_obs 
_refine_ls_shell.number_reflns_R_work 
_refine_ls_shell.R_factor_all 
_refine_ls_shell.R_factor_R_work 
_refine_ls_shell.R_factor_R_free 
_refine_ls_shell.percent_reflns_R_free 
_refine_ls_shell.number_reflns_R_free 
_refine_ls_shell.R_factor_R_free_error 
_refine_ls_shell.number_reflns_all 
_refine_ls_shell.number_reflns_obs 
_refine_ls_shell.redundancy_reflns_obs 
_refine_ls_shell.pdbx_refine_id 
1.9120 1.9885  9 92.0000  1226 . 0.1909 0.2260 . 137 . 1363 . . 'X-RAY DIFFRACTION' 
1.9885 2.0790  9 100.0000 1329 . 0.1808 0.2100 . 153 . 1482 . . 'X-RAY DIFFRACTION' 
2.0790 2.1886  9 100.0000 1293 . 0.1813 0.2147 . 161 . 1454 . . 'X-RAY DIFFRACTION' 
2.1886 2.3257  9 100.0000 1344 . 0.1716 0.2199 . 137 . 1481 . . 'X-RAY DIFFRACTION' 
2.3257 2.5052  9 100.0000 1357 . 0.1810 0.2052 . 127 . 1484 . . 'X-RAY DIFFRACTION' 
2.5052 2.7572  9 100.0000 1343 . 0.1788 0.2420 . 148 . 1491 . . 'X-RAY DIFFRACTION' 
2.7572 3.1558  9 100.0000 1335 . 0.1750 0.2029 . 154 . 1489 . . 'X-RAY DIFFRACTION' 
3.1558 3.9748  9 100.0000 1364 . 0.1642 0.1782 . 146 . 1510 . . 'X-RAY DIFFRACTION' 
3.9748 31.5522 9 100.0000 1395 . 0.1788 0.2058 . 165 . 1560 . . 'X-RAY DIFFRACTION' 
# 
_struct.entry_id                  4N1D 
_struct.title                     'Nodal/BMP2 chimera NB250' 
_struct.pdbx_model_details        ? 
_struct.pdbx_CASP_flag            ? 
_struct.pdbx_model_type_details   ? 
# 
_struct_keywords.entry_id        4N1D 
_struct_keywords.pdbx_keywords   'Cytokine, Signaling Protein' 
_struct_keywords.text            'Cytokine, Signaling Protein' 
# 
loop_
_struct_asym.id 
_struct_asym.pdbx_blank_PDB_chainid_flag 
_struct_asym.pdbx_modified 
_struct_asym.entity_id 
_struct_asym.details 
A N N 1 ? 
B N N 2 ? 
# 
loop_
_struct_ref.id 
_struct_ref.db_name 
_struct_ref.db_code 
_struct_ref.pdbx_db_accession 
_struct_ref.entity_id 
_struct_ref.pdbx_seq_one_letter_code 
_struct_ref.pdbx_align_begin 
_struct_ref.pdbx_db_isoform 
1 UNP BMP2_HUMAN  P12643 1 QAKHKQRKRLKSSCKRHPLYVDF                                   283 ? 
2 UNP NODAL_HUMAN Q96S42 1 NLIGWGSWIIYPKQYNAYRCEGECPNPVGEEFHPTNHAYIQSLLKRYQPHRVPSTCC 257 ? 
3 UNP BMP2_HUMAN  P12643 1 VPTELSAISMLYLDENEKVVLKNYQDMVVEGCGCR                       362 ? 
# 
loop_
_struct_ref_seq.align_id 
_struct_ref_seq.ref_id 
_struct_ref_seq.pdbx_PDB_id_code 
_struct_ref_seq.pdbx_strand_id 
_struct_ref_seq.seq_align_beg 
_struct_ref_seq.pdbx_seq_align_beg_ins_code 
_struct_ref_seq.seq_align_end 
_struct_ref_seq.pdbx_seq_align_end_ins_code 
_struct_ref_seq.pdbx_db_accession 
_struct_ref_seq.db_align_beg 
_struct_ref_seq.pdbx_db_align_beg_ins_code 
_struct_ref_seq.db_align_end 
_struct_ref_seq.pdbx_db_align_end_ins_code 
_struct_ref_seq.pdbx_auth_seq_align_beg 
_struct_ref_seq.pdbx_auth_seq_align_end 
1 1 4N1D A 2  ? 24  ? P12643 283 ? 305 ? 1  23  
2 2 4N1D A 25 ? 81  ? Q96S42 257 ? 313 ? 24 80  
3 3 4N1D A 82 ? 116 ? P12643 362 ? 396 ? 81 115 
# 
_pdbx_struct_assembly.id                   1 
_pdbx_struct_assembly.details              author_and_software_defined_assembly 
_pdbx_struct_assembly.method_details       PISA 
_pdbx_struct_assembly.oligomeric_details   dimeric 
_pdbx_struct_assembly.oligomeric_count     2 
# 
loop_
_pdbx_struct_assembly_prop.biol_id 
_pdbx_struct_assembly_prop.type 
_pdbx_struct_assembly_prop.value 
_pdbx_struct_assembly_prop.details 
1 'ABSA (A^2)' 2970  ? 
1 MORE         -28   ? 
1 'SSA (A^2)'  11110 ? 
# 
_pdbx_struct_assembly_gen.assembly_id       1 
_pdbx_struct_assembly_gen.oper_expression   1,2 
_pdbx_struct_assembly_gen.asym_id_list      A,B 
# 
loop_
_pdbx_struct_oper_list.id 
_pdbx_struct_oper_list.type 
_pdbx_struct_oper_list.name 
_pdbx_struct_oper_list.symmetry_operation 
_pdbx_struct_oper_list.matrix[1][1] 
_pdbx_struct_oper_list.matrix[1][2] 
_pdbx_struct_oper_list.matrix[1][3] 
_pdbx_struct_oper_list.vector[1] 
_pdbx_struct_oper_list.matrix[2][1] 
_pdbx_struct_oper_list.matrix[2][2] 
_pdbx_struct_oper_list.matrix[2][3] 
_pdbx_struct_oper_list.vector[2] 
_pdbx_struct_oper_list.matrix[3][1] 
_pdbx_struct_oper_list.matrix[3][2] 
_pdbx_struct_oper_list.matrix[3][3] 
_pdbx_struct_oper_list.vector[3] 
1 'identity operation'         1_555 x,y,z  1.0000000000  0.0000000000  0.0000000000 0.0000000000   0.0000000000  1.0000000000 0.0000000000  0.0000000000  0.0000000000 0.0000000000  1.0000000000  0.0000000000  
2 'crystal symmetry operation' 4_555 y,x,-z -0.9859843027 -0.1443952849 0.0835760525 -15.9812422356 -0.1443952849 0.4876176217 -0.8610337141 -2.0037303067 0.0835760525 -0.8610337141 -0.5016333190 -0.7818143191 
# 
_struct_biol.id        1 
_struct_biol.details   'Dimer generated by the operations: y,x,-z' 
# 
loop_
_struct_conf.conf_type_id 
_struct_conf.id 
_struct_conf.pdbx_PDB_helix_id 
_struct_conf.beg_label_comp_id 
_struct_conf.beg_label_asym_id 
_struct_conf.beg_label_seq_id 
_struct_conf.pdbx_beg_PDB_ins_code 
_struct_conf.end_label_comp_id 
_struct_conf.end_label_asym_id 
_struct_conf.end_label_seq_id 
_struct_conf.pdbx_end_PDB_ins_code 
_struct_conf.beg_auth_comp_id 
_struct_conf.beg_auth_asym_id 
_struct_conf.beg_auth_seq_id 
_struct_conf.end_auth_comp_id 
_struct_conf.end_auth_asym_id 
_struct_conf.end_auth_seq_id 
_struct_conf.pdbx_PDB_helix_class 
_struct_conf.details 
_struct_conf.pdbx_PDB_helix_length 
HELX_P HELX_P1 1 GLY A 53 ? HIS A 57 ? GLY A 52 HIS A 56 5 ? 5  
HELX_P HELX_P2 2 THR A 59 ? GLN A 72 ? THR A 58 GLN A 71 1 ? 14 
# 
_struct_conf_type.id          HELX_P 
_struct_conf_type.criteria    ? 
_struct_conf_type.reference   ? 
# 
loop_
_struct_conn.id 
_struct_conn.conn_type_id 
_struct_conn.pdbx_leaving_atom_flag 
_struct_conn.pdbx_PDB_id 
_struct_conn.ptnr1_label_asym_id 
_struct_conn.ptnr1_label_comp_id 
_struct_conn.ptnr1_label_seq_id 
_struct_conn.ptnr1_label_atom_id 
_struct_conn.pdbx_ptnr1_label_alt_id 
_struct_conn.pdbx_ptnr1_PDB_ins_code 
_struct_conn.pdbx_ptnr1_standard_comp_id 
_struct_conn.ptnr1_symmetry 
_struct_conn.ptnr2_label_asym_id 
_struct_conn.ptnr2_label_comp_id 
_struct_conn.ptnr2_label_seq_id 
_struct_conn.ptnr2_label_atom_id 
_struct_conn.pdbx_ptnr2_label_alt_id 
_struct_conn.pdbx_ptnr2_PDB_ins_code 
_struct_conn.ptnr1_auth_asym_id 
_struct_conn.ptnr1_auth_comp_id 
_struct_conn.ptnr1_auth_seq_id 
_struct_conn.ptnr2_auth_asym_id 
_struct_conn.ptnr2_auth_comp_id 
_struct_conn.ptnr2_auth_seq_id 
_struct_conn.ptnr2_symmetry 
_struct_conn.pdbx_ptnr3_label_atom_id 
_struct_conn.pdbx_ptnr3_label_seq_id 
_struct_conn.pdbx_ptnr3_label_comp_id 
_struct_conn.pdbx_ptnr3_label_asym_id 
_struct_conn.pdbx_ptnr3_label_alt_id 
_struct_conn.pdbx_ptnr3_PDB_ins_code 
_struct_conn.details 
_struct_conn.pdbx_dist_value 
_struct_conn.pdbx_value_order 
_struct_conn.pdbx_role 
disulf1 disulf ? ? A CYS 15 SG ? ? ? 1_555 A CYS 81  SG ? ? A CYS 14 A CYS 80  1_555 ? ? ? ? ? ? ? 2.050 ? ? 
disulf2 disulf ? ? A CYS 44 SG ? ? ? 1_555 A CYS 113 SG ? ? A CYS 43 A CYS 112 1_555 ? ? ? ? ? ? ? 2.038 ? ? 
disulf3 disulf ? ? A CYS 48 SG ? ? ? 1_555 A CYS 115 SG ? ? A CYS 47 A CYS 114 1_555 ? ? ? ? ? ? ? 2.039 ? ? 
disulf4 disulf ? ? A CYS 80 SG ? ? ? 1_555 A CYS 80  SG ? ? A CYS 79 A CYS 79  4_555 ? ? ? ? ? ? ? 2.032 ? ? 
# 
_struct_conn_type.id          disulf 
_struct_conn_type.criteria    ? 
_struct_conn_type.reference   ? 
# 
loop_
_pdbx_modification_feature.ordinal 
_pdbx_modification_feature.label_comp_id 
_pdbx_modification_feature.label_asym_id 
_pdbx_modification_feature.label_seq_id 
_pdbx_modification_feature.label_alt_id 
_pdbx_modification_feature.modified_residue_label_comp_id 
_pdbx_modification_feature.modified_residue_label_asym_id 
_pdbx_modification_feature.modified_residue_label_seq_id 
_pdbx_modification_feature.modified_residue_label_alt_id 
_pdbx_modification_feature.auth_comp_id 
_pdbx_modification_feature.auth_asym_id 
_pdbx_modification_feature.auth_seq_id 
_pdbx_modification_feature.PDB_ins_code 
_pdbx_modification_feature.symmetry 
_pdbx_modification_feature.modified_residue_auth_comp_id 
_pdbx_modification_feature.modified_residue_auth_asym_id 
_pdbx_modification_feature.modified_residue_auth_seq_id 
_pdbx_modification_feature.modified_residue_PDB_ins_code 
_pdbx_modification_feature.modified_residue_symmetry 
_pdbx_modification_feature.comp_id_linking_atom 
_pdbx_modification_feature.modified_residue_id_linking_atom 
_pdbx_modification_feature.modified_residue_id 
_pdbx_modification_feature.ref_pcm_id 
_pdbx_modification_feature.ref_comp_id 
_pdbx_modification_feature.type 
_pdbx_modification_feature.category 
1 CYS A 15 ? CYS A 81  ? CYS A 14 ? 1_555 CYS A 80  ? 1_555 SG SG . . . None 'Disulfide bridge' 
2 CYS A 44 ? CYS A 113 ? CYS A 43 ? 1_555 CYS A 112 ? 1_555 SG SG . . . None 'Disulfide bridge' 
3 CYS A 48 ? CYS A 115 ? CYS A 47 ? 1_555 CYS A 114 ? 1_555 SG SG . . . None 'Disulfide bridge' 
4 CYS A 80 ? CYS A 80  ? CYS A 79 ? 1_555 CYS A 79  ? 4_555 SG SG . . . None 'Disulfide bridge' 
# 
loop_
_struct_mon_prot_cis.pdbx_id 
_struct_mon_prot_cis.label_comp_id 
_struct_mon_prot_cis.label_seq_id 
_struct_mon_prot_cis.label_asym_id 
_struct_mon_prot_cis.label_alt_id 
_struct_mon_prot_cis.pdbx_PDB_ins_code 
_struct_mon_prot_cis.auth_comp_id 
_struct_mon_prot_cis.auth_seq_id 
_struct_mon_prot_cis.auth_asym_id 
_struct_mon_prot_cis.pdbx_label_comp_id_2 
_struct_mon_prot_cis.pdbx_label_seq_id_2 
_struct_mon_prot_cis.pdbx_label_asym_id_2 
_struct_mon_prot_cis.pdbx_PDB_ins_code_2 
_struct_mon_prot_cis.pdbx_auth_comp_id_2 
_struct_mon_prot_cis.pdbx_auth_seq_id_2 
_struct_mon_prot_cis.pdbx_auth_asym_id_2 
_struct_mon_prot_cis.pdbx_PDB_model_num 
_struct_mon_prot_cis.pdbx_omega_angle 
1 LYS 12 A . ? LYS 11 A SER 13 A ? SER 12 A 1 28.20 
2 TYR 35 A . ? TYR 34 A PRO 36 A ? PRO 35 A 1 -2.11 
3 ASN 50 A . ? ASN 49 A PRO 51 A ? PRO 50 A 1 -3.27 
# 
loop_
_struct_sheet.id 
_struct_sheet.type 
_struct_sheet.number_strands 
_struct_sheet.details 
A ? 2 ? 
B ? 2 ? 
C ? 3 ? 
# 
loop_
_struct_sheet_order.sheet_id 
_struct_sheet_order.range_id_1 
_struct_sheet_order.range_id_2 
_struct_sheet_order.offset 
_struct_sheet_order.sense 
A 1 2 ? anti-parallel 
B 1 2 ? anti-parallel 
C 1 2 ? anti-parallel 
C 2 3 ? anti-parallel 
# 
loop_
_struct_sheet_range.sheet_id 
_struct_sheet_range.id 
_struct_sheet_range.beg_label_comp_id 
_struct_sheet_range.beg_label_asym_id 
_struct_sheet_range.beg_label_seq_id 
_struct_sheet_range.pdbx_beg_PDB_ins_code 
_struct_sheet_range.end_label_comp_id 
_struct_sheet_range.end_label_asym_id 
_struct_sheet_range.end_label_seq_id 
_struct_sheet_range.pdbx_end_PDB_ins_code 
_struct_sheet_range.beg_auth_comp_id 
_struct_sheet_range.beg_auth_asym_id 
_struct_sheet_range.beg_auth_seq_id 
_struct_sheet_range.end_auth_comp_id 
_struct_sheet_range.end_auth_asym_id 
_struct_sheet_range.end_auth_seq_id 
A 1 LYS A 16  ? HIS A 18  ? LYS A 15 HIS A 17  
A 2 ARG A 43  ? GLU A 45  ? ARG A 42 GLU A 44  
B 1 TYR A 21  ? ASP A 23  ? TYR A 20 ASP A 22  
B 2 GLN A 38  ? ASN A 40  ? GLN A 37 ASN A 39  
C 1 ILE A 33  ? TYR A 35  ? ILE A 32 TYR A 34  
C 2 CYS A 80  ? LEU A 94  ? CYS A 79 LEU A 93  
C 3 VAL A 100 ? ARG A 116 ? VAL A 99 ARG A 115 
# 
loop_
_pdbx_struct_sheet_hbond.sheet_id 
_pdbx_struct_sheet_hbond.range_id_1 
_pdbx_struct_sheet_hbond.range_id_2 
_pdbx_struct_sheet_hbond.range_1_label_atom_id 
_pdbx_struct_sheet_hbond.range_1_label_comp_id 
_pdbx_struct_sheet_hbond.range_1_label_asym_id 
_pdbx_struct_sheet_hbond.range_1_label_seq_id 
_pdbx_struct_sheet_hbond.range_1_PDB_ins_code 
_pdbx_struct_sheet_hbond.range_1_auth_atom_id 
_pdbx_struct_sheet_hbond.range_1_auth_comp_id 
_pdbx_struct_sheet_hbond.range_1_auth_asym_id 
_pdbx_struct_sheet_hbond.range_1_auth_seq_id 
_pdbx_struct_sheet_hbond.range_2_label_atom_id 
_pdbx_struct_sheet_hbond.range_2_label_comp_id 
_pdbx_struct_sheet_hbond.range_2_label_asym_id 
_pdbx_struct_sheet_hbond.range_2_label_seq_id 
_pdbx_struct_sheet_hbond.range_2_PDB_ins_code 
_pdbx_struct_sheet_hbond.range_2_auth_atom_id 
_pdbx_struct_sheet_hbond.range_2_auth_comp_id 
_pdbx_struct_sheet_hbond.range_2_auth_asym_id 
_pdbx_struct_sheet_hbond.range_2_auth_seq_id 
A 1 2 N HIS A 18 ? N HIS A 17 O ARG A 43  ? O ARG A 42  
B 1 2 N VAL A 22 ? N VAL A 21 O TYR A 39  ? O TYR A 38  
C 1 2 N TYR A 35 ? N TYR A 34 O LEU A 92  ? O LEU A 91  
C 2 3 N TYR A 93 ? N TYR A 92 O VAL A 101 ? O VAL A 100 
# 
_pdbx_entry_details.entry_id                   4N1D 
_pdbx_entry_details.compound_details           ? 
_pdbx_entry_details.source_details             ? 
_pdbx_entry_details.nonpolymer_details         ? 
_pdbx_entry_details.sequence_details           ? 
_pdbx_entry_details.has_ligand_of_interest     ? 
_pdbx_entry_details.has_protein_modification   Y 
# 
loop_
_pdbx_validate_close_contact.id 
_pdbx_validate_close_contact.PDB_model_num 
_pdbx_validate_close_contact.auth_atom_id_1 
_pdbx_validate_close_contact.auth_asym_id_1 
_pdbx_validate_close_contact.auth_comp_id_1 
_pdbx_validate_close_contact.auth_seq_id_1 
_pdbx_validate_close_contact.PDB_ins_code_1 
_pdbx_validate_close_contact.label_alt_id_1 
_pdbx_validate_close_contact.auth_atom_id_2 
_pdbx_validate_close_contact.auth_asym_id_2 
_pdbx_validate_close_contact.auth_comp_id_2 
_pdbx_validate_close_contact.auth_seq_id_2 
_pdbx_validate_close_contact.PDB_ins_code_2 
_pdbx_validate_close_contact.label_alt_id_2 
_pdbx_validate_close_contact.dist 
1 1 O A HOH 217 ? ? O A HOH 244 ? ? 1.89 
2 1 O A HOH 214 ? ? O A HOH 263 ? ? 2.07 
3 1 O A HOH 202 ? ? O A HOH 264 ? ? 2.18 
# 
loop_
_pdbx_validate_symm_contact.id 
_pdbx_validate_symm_contact.PDB_model_num 
_pdbx_validate_symm_contact.auth_atom_id_1 
_pdbx_validate_symm_contact.auth_asym_id_1 
_pdbx_validate_symm_contact.auth_comp_id_1 
_pdbx_validate_symm_contact.auth_seq_id_1 
_pdbx_validate_symm_contact.PDB_ins_code_1 
_pdbx_validate_symm_contact.label_alt_id_1 
_pdbx_validate_symm_contact.site_symmetry_1 
_pdbx_validate_symm_contact.auth_atom_id_2 
_pdbx_validate_symm_contact.auth_asym_id_2 
_pdbx_validate_symm_contact.auth_comp_id_2 
_pdbx_validate_symm_contact.auth_seq_id_2 
_pdbx_validate_symm_contact.PDB_ins_code_2 
_pdbx_validate_symm_contact.label_alt_id_2 
_pdbx_validate_symm_contact.site_symmetry_2 
_pdbx_validate_symm_contact.dist 
1 1 O A HOH 245 ? ? 1_555 O A HOH 245 ? ? 2_445 1.86 
2 1 O A HOH 213 ? ? 1_555 O A HOH 264 ? ? 4_555 2.11 
# 
loop_
_pdbx_validate_torsion.id 
_pdbx_validate_torsion.PDB_model_num 
_pdbx_validate_torsion.auth_comp_id 
_pdbx_validate_torsion.auth_asym_id 
_pdbx_validate_torsion.auth_seq_id 
_pdbx_validate_torsion.PDB_ins_code 
_pdbx_validate_torsion.label_alt_id 
_pdbx_validate_torsion.phi 
_pdbx_validate_torsion.psi 
1 1 SER A 12 ? ? -92.41 37.32  
2 1 TYR A 41 ? ? 58.16  175.01 
# 
loop_
_pdbx_struct_special_symmetry.id 
_pdbx_struct_special_symmetry.PDB_model_num 
_pdbx_struct_special_symmetry.auth_asym_id 
_pdbx_struct_special_symmetry.auth_comp_id 
_pdbx_struct_special_symmetry.auth_seq_id 
_pdbx_struct_special_symmetry.PDB_ins_code 
_pdbx_struct_special_symmetry.label_asym_id 
_pdbx_struct_special_symmetry.label_comp_id 
_pdbx_struct_special_symmetry.label_seq_id 
1 1 A HOH 252 ? B HOH . 
2 1 A HOH 267 ? B HOH . 
# 
loop_
_pdbx_refine_tls.pdbx_refine_id 
_pdbx_refine_tls.id 
_pdbx_refine_tls.details 
_pdbx_refine_tls.method 
_pdbx_refine_tls.origin_x 
_pdbx_refine_tls.origin_y 
_pdbx_refine_tls.origin_z 
_pdbx_refine_tls.T[1][1] 
_pdbx_refine_tls.T[2][2] 
_pdbx_refine_tls.T[3][3] 
_pdbx_refine_tls.T[1][2] 
_pdbx_refine_tls.T[1][3] 
_pdbx_refine_tls.T[2][3] 
_pdbx_refine_tls.L[1][1] 
_pdbx_refine_tls.L[2][2] 
_pdbx_refine_tls.L[3][3] 
_pdbx_refine_tls.L[1][2] 
_pdbx_refine_tls.L[1][3] 
_pdbx_refine_tls.L[2][3] 
_pdbx_refine_tls.S[1][1] 
_pdbx_refine_tls.S[2][2] 
_pdbx_refine_tls.S[3][3] 
_pdbx_refine_tls.S[1][2] 
_pdbx_refine_tls.S[1][3] 
_pdbx_refine_tls.S[2][3] 
_pdbx_refine_tls.S[2][1] 
_pdbx_refine_tls.S[3][1] 
_pdbx_refine_tls.S[3][2] 
'X-RAY DIFFRACTION' 1  ? refined 4.9838   2.3232  -7.1538  0.3700 0.5705 0.3257 -0.1163 0.0447  0.1210  5.1375  2.1778  6.8345  0.3952  2.2049  3.6857  -0.5145 0.5557  0.0519  1.5406  -0.0413 -0.1491 -0.6707 -0.8957 1.0188  
'X-RAY DIFFRACTION' 2  ? refined 13.8255  6.8056  11.5538  0.3193 0.3023 0.4614 -0.0168 -0.0541 0.0280  4.5243  7.0039  3.8423  1.3347  1.9740  1.7801  -0.3339 0.1852  0.2166  -0.1772 1.1319  0.0522  0.4858  -0.8341 0.1134  
'X-RAY DIFFRACTION' 3  ? refined 7.3971   1.9961  -1.5885  0.2814 0.3888 0.3260 -0.0271 0.0012  0.0632  17.9145 0.2200  6.1373  1.4434  8.3893  0.9123  -0.4382 0.0255  0.4183  0.7372  0.8630  0.0539  -0.2798 -0.3641 0.1564  
'X-RAY DIFFRACTION' 4  ? refined -10.7126 -0.7760 -13.7133 0.3581 0.6736 0.3681 -0.0720 -0.0659 0.1080  15.7220 3.9536  3.1285  -2.6587 5.1639  0.7148  -0.0652 0.1053  -0.1018 1.4806  1.0145  -0.0323 -0.2501 -0.0345 0.0363  
'X-RAY DIFFRACTION' 5  ? refined -8.4750  -8.4380 -10.6479 0.4298 0.6445 0.4356 0.0452  0.0657  -0.0817 5.7145  10.8145 3.9150  7.8122  -4.7337 -6.5050 -0.4798 -0.0228 0.4259  1.2163  -0.7794 -0.4708 -1.4528 0.7540  0.6920  
'X-RAY DIFFRACTION' 6  ? refined -19.7651 0.2350  -10.7703 0.3076 0.4717 0.4615 -0.0488 -0.0493 0.1261  9.0366  2.7231  6.6901  3.4038  -1.6381 -0.2865 -0.3086 0.5469  -0.1802 1.3980  1.2329  0.4597  -0.7829 -0.5603 -0.1124 
'X-RAY DIFFRACTION' 7  ? refined -4.1713  -2.8828 -2.9841  0.2658 0.3671 0.2964 0.0024  0.0252  -0.0614 15.5330 0.6555  1.8475  2.8895  5.2262  0.9709  0.1860  -0.2081 0.1730  0.4379  -0.1281 -0.4166 -0.1342 0.0657  0.1919  
'X-RAY DIFFRACTION' 8  ? refined 10.9558  -2.6887 11.9289  0.2510 0.3073 0.3239 0.0102  -0.0185 0.0141  5.0637  2.8100  8.5495  2.4283  6.2041  3.7218  -0.0333 0.1127  -0.0387 0.0261  0.0808  -0.0856 0.2254  0.1759  0.2049  
'X-RAY DIFFRACTION' 9  ? refined 12.2362  -0.5729 21.0203  0.3166 0.3003 0.3664 0.0233  -0.0096 0.0120  5.6530  1.3270  12.5418 -0.9128 -0.6338 3.7999  -0.0687 0.0723  -0.0663 -0.5736 0.1517  0.3110  0.2601  -0.0775 -0.4069 
'X-RAY DIFFRACTION' 10 ? refined -0.0024  -4.4600 0.2803   0.2230 0.3116 0.3062 -0.0176 0.0369  0.0066  7.7434  0.4422  5.5813  -1.2820 5.6941  -0.3938 0.1587  0.0274  -0.1978 0.2397  -0.4022 0.1198  0.0130  0.3795  -0.0749 
# 
loop_
_pdbx_refine_tls_group.pdbx_refine_id 
_pdbx_refine_tls_group.id 
_pdbx_refine_tls_group.refine_tls_id 
_pdbx_refine_tls_group.beg_auth_asym_id 
_pdbx_refine_tls_group.beg_auth_seq_id 
_pdbx_refine_tls_group.end_auth_asym_id 
_pdbx_refine_tls_group.end_auth_seq_id 
_pdbx_refine_tls_group.selection_details 
_pdbx_refine_tls_group.beg_label_asym_id 
_pdbx_refine_tls_group.beg_label_seq_id 
_pdbx_refine_tls_group.end_label_asym_id 
_pdbx_refine_tls_group.end_label_seq_id 
_pdbx_refine_tls_group.selection 
'X-RAY DIFFRACTION' 1  1  A 0 A 0 
;chain 'A' and (resid 11 through 22 )
;
? ? ? ? ? 
'X-RAY DIFFRACTION' 2  2  A 0 A 0 
;chain 'A' and (resid 23 through 36 )
;
? ? ? ? ? 
'X-RAY DIFFRACTION' 3  3  A 0 A 0 
;chain 'A' and (resid 37 through 44 )
;
? ? ? ? ? 
'X-RAY DIFFRACTION' 4  4  A 0 A 0 
;chain 'A' and (resid 45 through 52 )
;
? ? ? ? ? 
'X-RAY DIFFRACTION' 5  5  A 0 A 0 
;chain 'A' and (resid 53 through 58 )
;
? ? ? ? ? 
'X-RAY DIFFRACTION' 6  6  A 0 A 0 
;chain 'A' and (resid 59 through 78 )
;
? ? ? ? ? 
'X-RAY DIFFRACTION' 7  7  A 0 A 0 
;chain 'A' and (resid 79 through 84 )
;
? ? ? ? ? 
'X-RAY DIFFRACTION' 8  8  A 0 A 0 
;chain 'A' and (resid 85 through 93 )
;
? ? ? ? ? 
'X-RAY DIFFRACTION' 9  9  A 0 A 0 
;chain 'A' and (resid 94 through 104 )
;
? ? ? ? ? 
'X-RAY DIFFRACTION' 10 10 A 0 A 0 
;chain 'A' and (resid 105 through 115 )
;
? ? ? ? ? 
# 
loop_
_pdbx_unobs_or_zero_occ_residues.id 
_pdbx_unobs_or_zero_occ_residues.PDB_model_num 
_pdbx_unobs_or_zero_occ_residues.polymer_flag 
_pdbx_unobs_or_zero_occ_residues.occupancy_flag 
_pdbx_unobs_or_zero_occ_residues.auth_asym_id 
_pdbx_unobs_or_zero_occ_residues.auth_comp_id 
_pdbx_unobs_or_zero_occ_residues.auth_seq_id 
_pdbx_unobs_or_zero_occ_residues.PDB_ins_code 
_pdbx_unobs_or_zero_occ_residues.label_asym_id 
_pdbx_unobs_or_zero_occ_residues.label_comp_id 
_pdbx_unobs_or_zero_occ_residues.label_seq_id 
1  1 Y 1 A MET 0  ? A MET 1  
2  1 Y 1 A GLN 1  ? A GLN 2  
3  1 Y 1 A ALA 2  ? A ALA 3  
4  1 Y 1 A LYS 3  ? A LYS 4  
5  1 Y 1 A HIS 4  ? A HIS 5  
6  1 Y 1 A LYS 5  ? A LYS 6  
7  1 Y 1 A GLN 6  ? A GLN 7  
8  1 Y 1 A ARG 7  ? A ARG 8  
9  1 Y 1 A LYS 8  ? A LYS 9  
10 1 Y 1 A ARG 9  ? A ARG 10 
11 1 Y 1 A LEU 10 ? A LEU 11 
# 
loop_
_chem_comp_atom.comp_id 
_chem_comp_atom.atom_id 
_chem_comp_atom.type_symbol 
_chem_comp_atom.pdbx_aromatic_flag 
_chem_comp_atom.pdbx_stereo_config 
_chem_comp_atom.pdbx_ordinal 
ALA N    N N N 1   
ALA CA   C N S 2   
ALA C    C N N 3   
ALA O    O N N 4   
ALA CB   C N N 5   
ALA OXT  O N N 6   
ALA H    H N N 7   
ALA H2   H N N 8   
ALA HA   H N N 9   
ALA HB1  H N N 10  
ALA HB2  H N N 11  
ALA HB3  H N N 12  
ALA HXT  H N N 13  
ARG N    N N N 14  
ARG CA   C N S 15  
ARG C    C N N 16  
ARG O    O N N 17  
ARG CB   C N N 18  
ARG CG   C N N 19  
ARG CD   C N N 20  
ARG NE   N N N 21  
ARG CZ   C N N 22  
ARG NH1  N N N 23  
ARG NH2  N N N 24  
ARG OXT  O N N 25  
ARG H    H N N 26  
ARG H2   H N N 27  
ARG HA   H N N 28  
ARG HB2  H N N 29  
ARG HB3  H N N 30  
ARG HG2  H N N 31  
ARG HG3  H N N 32  
ARG HD2  H N N 33  
ARG HD3  H N N 34  
ARG HE   H N N 35  
ARG HH11 H N N 36  
ARG HH12 H N N 37  
ARG HH21 H N N 38  
ARG HH22 H N N 39  
ARG HXT  H N N 40  
ASN N    N N N 41  
ASN CA   C N S 42  
ASN C    C N N 43  
ASN O    O N N 44  
ASN CB   C N N 45  
ASN CG   C N N 46  
ASN OD1  O N N 47  
ASN ND2  N N N 48  
ASN OXT  O N N 49  
ASN H    H N N 50  
ASN H2   H N N 51  
ASN HA   H N N 52  
ASN HB2  H N N 53  
ASN HB3  H N N 54  
ASN HD21 H N N 55  
ASN HD22 H N N 56  
ASN HXT  H N N 57  
ASP N    N N N 58  
ASP CA   C N S 59  
ASP C    C N N 60  
ASP O    O N N 61  
ASP CB   C N N 62  
ASP CG   C N N 63  
ASP OD1  O N N 64  
ASP OD2  O N N 65  
ASP OXT  O N N 66  
ASP H    H N N 67  
ASP H2   H N N 68  
ASP HA   H N N 69  
ASP HB2  H N N 70  
ASP HB3  H N N 71  
ASP HD2  H N N 72  
ASP HXT  H N N 73  
CYS N    N N N 74  
CYS CA   C N R 75  
CYS C    C N N 76  
CYS O    O N N 77  
CYS CB   C N N 78  
CYS SG   S N N 79  
CYS OXT  O N N 80  
CYS H    H N N 81  
CYS H2   H N N 82  
CYS HA   H N N 83  
CYS HB2  H N N 84  
CYS HB3  H N N 85  
CYS HG   H N N 86  
CYS HXT  H N N 87  
GLN N    N N N 88  
GLN CA   C N S 89  
GLN C    C N N 90  
GLN O    O N N 91  
GLN CB   C N N 92  
GLN CG   C N N 93  
GLN CD   C N N 94  
GLN OE1  O N N 95  
GLN NE2  N N N 96  
GLN OXT  O N N 97  
GLN H    H N N 98  
GLN H2   H N N 99  
GLN HA   H N N 100 
GLN HB2  H N N 101 
GLN HB3  H N N 102 
GLN HG2  H N N 103 
GLN HG3  H N N 104 
GLN HE21 H N N 105 
GLN HE22 H N N 106 
GLN HXT  H N N 107 
GLU N    N N N 108 
GLU CA   C N S 109 
GLU C    C N N 110 
GLU O    O N N 111 
GLU CB   C N N 112 
GLU CG   C N N 113 
GLU CD   C N N 114 
GLU OE1  O N N 115 
GLU OE2  O N N 116 
GLU OXT  O N N 117 
GLU H    H N N 118 
GLU H2   H N N 119 
GLU HA   H N N 120 
GLU HB2  H N N 121 
GLU HB3  H N N 122 
GLU HG2  H N N 123 
GLU HG3  H N N 124 
GLU HE2  H N N 125 
GLU HXT  H N N 126 
GLY N    N N N 127 
GLY CA   C N N 128 
GLY C    C N N 129 
GLY O    O N N 130 
GLY OXT  O N N 131 
GLY H    H N N 132 
GLY H2   H N N 133 
GLY HA2  H N N 134 
GLY HA3  H N N 135 
GLY HXT  H N N 136 
HIS N    N N N 137 
HIS CA   C N S 138 
HIS C    C N N 139 
HIS O    O N N 140 
HIS CB   C N N 141 
HIS CG   C Y N 142 
HIS ND1  N Y N 143 
HIS CD2  C Y N 144 
HIS CE1  C Y N 145 
HIS NE2  N Y N 146 
HIS OXT  O N N 147 
HIS H    H N N 148 
HIS H2   H N N 149 
HIS HA   H N N 150 
HIS HB2  H N N 151 
HIS HB3  H N N 152 
HIS HD1  H N N 153 
HIS HD2  H N N 154 
HIS HE1  H N N 155 
HIS HE2  H N N 156 
HIS HXT  H N N 157 
HOH O    O N N 158 
HOH H1   H N N 159 
HOH H2   H N N 160 
ILE N    N N N 161 
ILE CA   C N S 162 
ILE C    C N N 163 
ILE O    O N N 164 
ILE CB   C N S 165 
ILE CG1  C N N 166 
ILE CG2  C N N 167 
ILE CD1  C N N 168 
ILE OXT  O N N 169 
ILE H    H N N 170 
ILE H2   H N N 171 
ILE HA   H N N 172 
ILE HB   H N N 173 
ILE HG12 H N N 174 
ILE HG13 H N N 175 
ILE HG21 H N N 176 
ILE HG22 H N N 177 
ILE HG23 H N N 178 
ILE HD11 H N N 179 
ILE HD12 H N N 180 
ILE HD13 H N N 181 
ILE HXT  H N N 182 
LEU N    N N N 183 
LEU CA   C N S 184 
LEU C    C N N 185 
LEU O    O N N 186 
LEU CB   C N N 187 
LEU CG   C N N 188 
LEU CD1  C N N 189 
LEU CD2  C N N 190 
LEU OXT  O N N 191 
LEU H    H N N 192 
LEU H2   H N N 193 
LEU HA   H N N 194 
LEU HB2  H N N 195 
LEU HB3  H N N 196 
LEU HG   H N N 197 
LEU HD11 H N N 198 
LEU HD12 H N N 199 
LEU HD13 H N N 200 
LEU HD21 H N N 201 
LEU HD22 H N N 202 
LEU HD23 H N N 203 
LEU HXT  H N N 204 
LYS N    N N N 205 
LYS CA   C N S 206 
LYS C    C N N 207 
LYS O    O N N 208 
LYS CB   C N N 209 
LYS CG   C N N 210 
LYS CD   C N N 211 
LYS CE   C N N 212 
LYS NZ   N N N 213 
LYS OXT  O N N 214 
LYS H    H N N 215 
LYS H2   H N N 216 
LYS HA   H N N 217 
LYS HB2  H N N 218 
LYS HB3  H N N 219 
LYS HG2  H N N 220 
LYS HG3  H N N 221 
LYS HD2  H N N 222 
LYS HD3  H N N 223 
LYS HE2  H N N 224 
LYS HE3  H N N 225 
LYS HZ1  H N N 226 
LYS HZ2  H N N 227 
LYS HZ3  H N N 228 
LYS HXT  H N N 229 
MET N    N N N 230 
MET CA   C N S 231 
MET C    C N N 232 
MET O    O N N 233 
MET CB   C N N 234 
MET CG   C N N 235 
MET SD   S N N 236 
MET CE   C N N 237 
MET OXT  O N N 238 
MET H    H N N 239 
MET H2   H N N 240 
MET HA   H N N 241 
MET HB2  H N N 242 
MET HB3  H N N 243 
MET HG2  H N N 244 
MET HG3  H N N 245 
MET HE1  H N N 246 
MET HE2  H N N 247 
MET HE3  H N N 248 
MET HXT  H N N 249 
PHE N    N N N 250 
PHE CA   C N S 251 
PHE C    C N N 252 
PHE O    O N N 253 
PHE CB   C N N 254 
PHE CG   C Y N 255 
PHE CD1  C Y N 256 
PHE CD2  C Y N 257 
PHE CE1  C Y N 258 
PHE CE2  C Y N 259 
PHE CZ   C Y N 260 
PHE OXT  O N N 261 
PHE H    H N N 262 
PHE H2   H N N 263 
PHE HA   H N N 264 
PHE HB2  H N N 265 
PHE HB3  H N N 266 
PHE HD1  H N N 267 
PHE HD2  H N N 268 
PHE HE1  H N N 269 
PHE HE2  H N N 270 
PHE HZ   H N N 271 
PHE HXT  H N N 272 
PRO N    N N N 273 
PRO CA   C N S 274 
PRO C    C N N 275 
PRO O    O N N 276 
PRO CB   C N N 277 
PRO CG   C N N 278 
PRO CD   C N N 279 
PRO OXT  O N N 280 
PRO H    H N N 281 
PRO HA   H N N 282 
PRO HB2  H N N 283 
PRO HB3  H N N 284 
PRO HG2  H N N 285 
PRO HG3  H N N 286 
PRO HD2  H N N 287 
PRO HD3  H N N 288 
PRO HXT  H N N 289 
SER N    N N N 290 
SER CA   C N S 291 
SER C    C N N 292 
SER O    O N N 293 
SER CB   C N N 294 
SER OG   O N N 295 
SER OXT  O N N 296 
SER H    H N N 297 
SER H2   H N N 298 
SER HA   H N N 299 
SER HB2  H N N 300 
SER HB3  H N N 301 
SER HG   H N N 302 
SER HXT  H N N 303 
THR N    N N N 304 
THR CA   C N S 305 
THR C    C N N 306 
THR O    O N N 307 
THR CB   C N R 308 
THR OG1  O N N 309 
THR CG2  C N N 310 
THR OXT  O N N 311 
THR H    H N N 312 
THR H2   H N N 313 
THR HA   H N N 314 
THR HB   H N N 315 
THR HG1  H N N 316 
THR HG21 H N N 317 
THR HG22 H N N 318 
THR HG23 H N N 319 
THR HXT  H N N 320 
TRP N    N N N 321 
TRP CA   C N S 322 
TRP C    C N N 323 
TRP O    O N N 324 
TRP CB   C N N 325 
TRP CG   C Y N 326 
TRP CD1  C Y N 327 
TRP CD2  C Y N 328 
TRP NE1  N Y N 329 
TRP CE2  C Y N 330 
TRP CE3  C Y N 331 
TRP CZ2  C Y N 332 
TRP CZ3  C Y N 333 
TRP CH2  C Y N 334 
TRP OXT  O N N 335 
TRP H    H N N 336 
TRP H2   H N N 337 
TRP HA   H N N 338 
TRP HB2  H N N 339 
TRP HB3  H N N 340 
TRP HD1  H N N 341 
TRP HE1  H N N 342 
TRP HE3  H N N 343 
TRP HZ2  H N N 344 
TRP HZ3  H N N 345 
TRP HH2  H N N 346 
TRP HXT  H N N 347 
TYR N    N N N 348 
TYR CA   C N S 349 
TYR C    C N N 350 
TYR O    O N N 351 
TYR CB   C N N 352 
TYR CG   C Y N 353 
TYR CD1  C Y N 354 
TYR CD2  C Y N 355 
TYR CE1  C Y N 356 
TYR CE2  C Y N 357 
TYR CZ   C Y N 358 
TYR OH   O N N 359 
TYR OXT  O N N 360 
TYR H    H N N 361 
TYR H2   H N N 362 
TYR HA   H N N 363 
TYR HB2  H N N 364 
TYR HB3  H N N 365 
TYR HD1  H N N 366 
TYR HD2  H N N 367 
TYR HE1  H N N 368 
TYR HE2  H N N 369 
TYR HH   H N N 370 
TYR HXT  H N N 371 
VAL N    N N N 372 
VAL CA   C N S 373 
VAL C    C N N 374 
VAL O    O N N 375 
VAL CB   C N N 376 
VAL CG1  C N N 377 
VAL CG2  C N N 378 
VAL OXT  O N N 379 
VAL H    H N N 380 
VAL H2   H N N 381 
VAL HA   H N N 382 
VAL HB   H N N 383 
VAL HG11 H N N 384 
VAL HG12 H N N 385 
VAL HG13 H N N 386 
VAL HG21 H N N 387 
VAL HG22 H N N 388 
VAL HG23 H N N 389 
VAL HXT  H N N 390 
# 
loop_
_chem_comp_bond.comp_id 
_chem_comp_bond.atom_id_1 
_chem_comp_bond.atom_id_2 
_chem_comp_bond.value_order 
_chem_comp_bond.pdbx_aromatic_flag 
_chem_comp_bond.pdbx_stereo_config 
_chem_comp_bond.pdbx_ordinal 
ALA N   CA   sing N N 1   
ALA N   H    sing N N 2   
ALA N   H2   sing N N 3   
ALA CA  C    sing N N 4   
ALA CA  CB   sing N N 5   
ALA CA  HA   sing N N 6   
ALA C   O    doub N N 7   
ALA C   OXT  sing N N 8   
ALA CB  HB1  sing N N 9   
ALA CB  HB2  sing N N 10  
ALA CB  HB3  sing N N 11  
ALA OXT HXT  sing N N 12  
ARG N   CA   sing N N 13  
ARG N   H    sing N N 14  
ARG N   H2   sing N N 15  
ARG CA  C    sing N N 16  
ARG CA  CB   sing N N 17  
ARG CA  HA   sing N N 18  
ARG C   O    doub N N 19  
ARG C   OXT  sing N N 20  
ARG CB  CG   sing N N 21  
ARG CB  HB2  sing N N 22  
ARG CB  HB3  sing N N 23  
ARG CG  CD   sing N N 24  
ARG CG  HG2  sing N N 25  
ARG CG  HG3  sing N N 26  
ARG CD  NE   sing N N 27  
ARG CD  HD2  sing N N 28  
ARG CD  HD3  sing N N 29  
ARG NE  CZ   sing N N 30  
ARG NE  HE   sing N N 31  
ARG CZ  NH1  sing N N 32  
ARG CZ  NH2  doub N N 33  
ARG NH1 HH11 sing N N 34  
ARG NH1 HH12 sing N N 35  
ARG NH2 HH21 sing N N 36  
ARG NH2 HH22 sing N N 37  
ARG OXT HXT  sing N N 38  
ASN N   CA   sing N N 39  
ASN N   H    sing N N 40  
ASN N   H2   sing N N 41  
ASN CA  C    sing N N 42  
ASN CA  CB   sing N N 43  
ASN CA  HA   sing N N 44  
ASN C   O    doub N N 45  
ASN C   OXT  sing N N 46  
ASN CB  CG   sing N N 47  
ASN CB  HB2  sing N N 48  
ASN CB  HB3  sing N N 49  
ASN CG  OD1  doub N N 50  
ASN CG  ND2  sing N N 51  
ASN ND2 HD21 sing N N 52  
ASN ND2 HD22 sing N N 53  
ASN OXT HXT  sing N N 54  
ASP N   CA   sing N N 55  
ASP N   H    sing N N 56  
ASP N   H2   sing N N 57  
ASP CA  C    sing N N 58  
ASP CA  CB   sing N N 59  
ASP CA  HA   sing N N 60  
ASP C   O    doub N N 61  
ASP C   OXT  sing N N 62  
ASP CB  CG   sing N N 63  
ASP CB  HB2  sing N N 64  
ASP CB  HB3  sing N N 65  
ASP CG  OD1  doub N N 66  
ASP CG  OD2  sing N N 67  
ASP OD2 HD2  sing N N 68  
ASP OXT HXT  sing N N 69  
CYS N   CA   sing N N 70  
CYS N   H    sing N N 71  
CYS N   H2   sing N N 72  
CYS CA  C    sing N N 73  
CYS CA  CB   sing N N 74  
CYS CA  HA   sing N N 75  
CYS C   O    doub N N 76  
CYS C   OXT  sing N N 77  
CYS CB  SG   sing N N 78  
CYS CB  HB2  sing N N 79  
CYS CB  HB3  sing N N 80  
CYS SG  HG   sing N N 81  
CYS OXT HXT  sing N N 82  
GLN N   CA   sing N N 83  
GLN N   H    sing N N 84  
GLN N   H2   sing N N 85  
GLN CA  C    sing N N 86  
GLN CA  CB   sing N N 87  
GLN CA  HA   sing N N 88  
GLN C   O    doub N N 89  
GLN C   OXT  sing N N 90  
GLN CB  CG   sing N N 91  
GLN CB  HB2  sing N N 92  
GLN CB  HB3  sing N N 93  
GLN CG  CD   sing N N 94  
GLN CG  HG2  sing N N 95  
GLN CG  HG3  sing N N 96  
GLN CD  OE1  doub N N 97  
GLN CD  NE2  sing N N 98  
GLN NE2 HE21 sing N N 99  
GLN NE2 HE22 sing N N 100 
GLN OXT HXT  sing N N 101 
GLU N   CA   sing N N 102 
GLU N   H    sing N N 103 
GLU N   H2   sing N N 104 
GLU CA  C    sing N N 105 
GLU CA  CB   sing N N 106 
GLU CA  HA   sing N N 107 
GLU C   O    doub N N 108 
GLU C   OXT  sing N N 109 
GLU CB  CG   sing N N 110 
GLU CB  HB2  sing N N 111 
GLU CB  HB3  sing N N 112 
GLU CG  CD   sing N N 113 
GLU CG  HG2  sing N N 114 
GLU CG  HG3  sing N N 115 
GLU CD  OE1  doub N N 116 
GLU CD  OE2  sing N N 117 
GLU OE2 HE2  sing N N 118 
GLU OXT HXT  sing N N 119 
GLY N   CA   sing N N 120 
GLY N   H    sing N N 121 
GLY N   H2   sing N N 122 
GLY CA  C    sing N N 123 
GLY CA  HA2  sing N N 124 
GLY CA  HA3  sing N N 125 
GLY C   O    doub N N 126 
GLY C   OXT  sing N N 127 
GLY OXT HXT  sing N N 128 
HIS N   CA   sing N N 129 
HIS N   H    sing N N 130 
HIS N   H2   sing N N 131 
HIS CA  C    sing N N 132 
HIS CA  CB   sing N N 133 
HIS CA  HA   sing N N 134 
HIS C   O    doub N N 135 
HIS C   OXT  sing N N 136 
HIS CB  CG   sing N N 137 
HIS CB  HB2  sing N N 138 
HIS CB  HB3  sing N N 139 
HIS CG  ND1  sing Y N 140 
HIS CG  CD2  doub Y N 141 
HIS ND1 CE1  doub Y N 142 
HIS ND1 HD1  sing N N 143 
HIS CD2 NE2  sing Y N 144 
HIS CD2 HD2  sing N N 145 
HIS CE1 NE2  sing Y N 146 
HIS CE1 HE1  sing N N 147 
HIS NE2 HE2  sing N N 148 
HIS OXT HXT  sing N N 149 
HOH O   H1   sing N N 150 
HOH O   H2   sing N N 151 
ILE N   CA   sing N N 152 
ILE N   H    sing N N 153 
ILE N   H2   sing N N 154 
ILE CA  C    sing N N 155 
ILE CA  CB   sing N N 156 
ILE CA  HA   sing N N 157 
ILE C   O    doub N N 158 
ILE C   OXT  sing N N 159 
ILE CB  CG1  sing N N 160 
ILE CB  CG2  sing N N 161 
ILE CB  HB   sing N N 162 
ILE CG1 CD1  sing N N 163 
ILE CG1 HG12 sing N N 164 
ILE CG1 HG13 sing N N 165 
ILE CG2 HG21 sing N N 166 
ILE CG2 HG22 sing N N 167 
ILE CG2 HG23 sing N N 168 
ILE CD1 HD11 sing N N 169 
ILE CD1 HD12 sing N N 170 
ILE CD1 HD13 sing N N 171 
ILE OXT HXT  sing N N 172 
LEU N   CA   sing N N 173 
LEU N   H    sing N N 174 
LEU N   H2   sing N N 175 
LEU CA  C    sing N N 176 
LEU CA  CB   sing N N 177 
LEU CA  HA   sing N N 178 
LEU C   O    doub N N 179 
LEU C   OXT  sing N N 180 
LEU CB  CG   sing N N 181 
LEU CB  HB2  sing N N 182 
LEU CB  HB3  sing N N 183 
LEU CG  CD1  sing N N 184 
LEU CG  CD2  sing N N 185 
LEU CG  HG   sing N N 186 
LEU CD1 HD11 sing N N 187 
LEU CD1 HD12 sing N N 188 
LEU CD1 HD13 sing N N 189 
LEU CD2 HD21 sing N N 190 
LEU CD2 HD22 sing N N 191 
LEU CD2 HD23 sing N N 192 
LEU OXT HXT  sing N N 193 
LYS N   CA   sing N N 194 
LYS N   H    sing N N 195 
LYS N   H2   sing N N 196 
LYS CA  C    sing N N 197 
LYS CA  CB   sing N N 198 
LYS CA  HA   sing N N 199 
LYS C   O    doub N N 200 
LYS C   OXT  sing N N 201 
LYS CB  CG   sing N N 202 
LYS CB  HB2  sing N N 203 
LYS CB  HB3  sing N N 204 
LYS CG  CD   sing N N 205 
LYS CG  HG2  sing N N 206 
LYS CG  HG3  sing N N 207 
LYS CD  CE   sing N N 208 
LYS CD  HD2  sing N N 209 
LYS CD  HD3  sing N N 210 
LYS CE  NZ   sing N N 211 
LYS CE  HE2  sing N N 212 
LYS CE  HE3  sing N N 213 
LYS NZ  HZ1  sing N N 214 
LYS NZ  HZ2  sing N N 215 
LYS NZ  HZ3  sing N N 216 
LYS OXT HXT  sing N N 217 
MET N   CA   sing N N 218 
MET N   H    sing N N 219 
MET N   H2   sing N N 220 
MET CA  C    sing N N 221 
MET CA  CB   sing N N 222 
MET CA  HA   sing N N 223 
MET C   O    doub N N 224 
MET C   OXT  sing N N 225 
MET CB  CG   sing N N 226 
MET CB  HB2  sing N N 227 
MET CB  HB3  sing N N 228 
MET CG  SD   sing N N 229 
MET CG  HG2  sing N N 230 
MET CG  HG3  sing N N 231 
MET SD  CE   sing N N 232 
MET CE  HE1  sing N N 233 
MET CE  HE2  sing N N 234 
MET CE  HE3  sing N N 235 
MET OXT HXT  sing N N 236 
PHE N   CA   sing N N 237 
PHE N   H    sing N N 238 
PHE N   H2   sing N N 239 
PHE CA  C    sing N N 240 
PHE CA  CB   sing N N 241 
PHE CA  HA   sing N N 242 
PHE C   O    doub N N 243 
PHE C   OXT  sing N N 244 
PHE CB  CG   sing N N 245 
PHE CB  HB2  sing N N 246 
PHE CB  HB3  sing N N 247 
PHE CG  CD1  doub Y N 248 
PHE CG  CD2  sing Y N 249 
PHE CD1 CE1  sing Y N 250 
PHE CD1 HD1  sing N N 251 
PHE CD2 CE2  doub Y N 252 
PHE CD2 HD2  sing N N 253 
PHE CE1 CZ   doub Y N 254 
PHE CE1 HE1  sing N N 255 
PHE CE2 CZ   sing Y N 256 
PHE CE2 HE2  sing N N 257 
PHE CZ  HZ   sing N N 258 
PHE OXT HXT  sing N N 259 
PRO N   CA   sing N N 260 
PRO N   CD   sing N N 261 
PRO N   H    sing N N 262 
PRO CA  C    sing N N 263 
PRO CA  CB   sing N N 264 
PRO CA  HA   sing N N 265 
PRO C   O    doub N N 266 
PRO C   OXT  sing N N 267 
PRO CB  CG   sing N N 268 
PRO CB  HB2  sing N N 269 
PRO CB  HB3  sing N N 270 
PRO CG  CD   sing N N 271 
PRO CG  HG2  sing N N 272 
PRO CG  HG3  sing N N 273 
PRO CD  HD2  sing N N 274 
PRO CD  HD3  sing N N 275 
PRO OXT HXT  sing N N 276 
SER N   CA   sing N N 277 
SER N   H    sing N N 278 
SER N   H2   sing N N 279 
SER CA  C    sing N N 280 
SER CA  CB   sing N N 281 
SER CA  HA   sing N N 282 
SER C   O    doub N N 283 
SER C   OXT  sing N N 284 
SER CB  OG   sing N N 285 
SER CB  HB2  sing N N 286 
SER CB  HB3  sing N N 287 
SER OG  HG   sing N N 288 
SER OXT HXT  sing N N 289 
THR N   CA   sing N N 290 
THR N   H    sing N N 291 
THR N   H2   sing N N 292 
THR CA  C    sing N N 293 
THR CA  CB   sing N N 294 
THR CA  HA   sing N N 295 
THR C   O    doub N N 296 
THR C   OXT  sing N N 297 
THR CB  OG1  sing N N 298 
THR CB  CG2  sing N N 299 
THR CB  HB   sing N N 300 
THR OG1 HG1  sing N N 301 
THR CG2 HG21 sing N N 302 
THR CG2 HG22 sing N N 303 
THR CG2 HG23 sing N N 304 
THR OXT HXT  sing N N 305 
TRP N   CA   sing N N 306 
TRP N   H    sing N N 307 
TRP N   H2   sing N N 308 
TRP CA  C    sing N N 309 
TRP CA  CB   sing N N 310 
TRP CA  HA   sing N N 311 
TRP C   O    doub N N 312 
TRP C   OXT  sing N N 313 
TRP CB  CG   sing N N 314 
TRP CB  HB2  sing N N 315 
TRP CB  HB3  sing N N 316 
TRP CG  CD1  doub Y N 317 
TRP CG  CD2  sing Y N 318 
TRP CD1 NE1  sing Y N 319 
TRP CD1 HD1  sing N N 320 
TRP CD2 CE2  doub Y N 321 
TRP CD2 CE3  sing Y N 322 
TRP NE1 CE2  sing Y N 323 
TRP NE1 HE1  sing N N 324 
TRP CE2 CZ2  sing Y N 325 
TRP CE3 CZ3  doub Y N 326 
TRP CE3 HE3  sing N N 327 
TRP CZ2 CH2  doub Y N 328 
TRP CZ2 HZ2  sing N N 329 
TRP CZ3 CH2  sing Y N 330 
TRP CZ3 HZ3  sing N N 331 
TRP CH2 HH2  sing N N 332 
TRP OXT HXT  sing N N 333 
TYR N   CA   sing N N 334 
TYR N   H    sing N N 335 
TYR N   H2   sing N N 336 
TYR CA  C    sing N N 337 
TYR CA  CB   sing N N 338 
TYR CA  HA   sing N N 339 
TYR C   O    doub N N 340 
TYR C   OXT  sing N N 341 
TYR CB  CG   sing N N 342 
TYR CB  HB2  sing N N 343 
TYR CB  HB3  sing N N 344 
TYR CG  CD1  doub Y N 345 
TYR CG  CD2  sing Y N 346 
TYR CD1 CE1  sing Y N 347 
TYR CD1 HD1  sing N N 348 
TYR CD2 CE2  doub Y N 349 
TYR CD2 HD2  sing N N 350 
TYR CE1 CZ   doub Y N 351 
TYR CE1 HE1  sing N N 352 
TYR CE2 CZ   sing Y N 353 
TYR CE2 HE2  sing N N 354 
TYR CZ  OH   sing N N 355 
TYR OH  HH   sing N N 356 
TYR OXT HXT  sing N N 357 
VAL N   CA   sing N N 358 
VAL N   H    sing N N 359 
VAL N   H2   sing N N 360 
VAL CA  C    sing N N 361 
VAL CA  CB   sing N N 362 
VAL CA  HA   sing N N 363 
VAL C   O    doub N N 364 
VAL C   OXT  sing N N 365 
VAL CB  CG1  sing N N 366 
VAL CB  CG2  sing N N 367 
VAL CB  HB   sing N N 368 
VAL CG1 HG11 sing N N 369 
VAL CG1 HG12 sing N N 370 
VAL CG1 HG13 sing N N 371 
VAL CG2 HG21 sing N N 372 
VAL CG2 HG22 sing N N 373 
VAL CG2 HG23 sing N N 374 
VAL OXT HXT  sing N N 375 
# 
_atom_sites.entry_id                    4N1D 
_atom_sites.fract_transf_matrix[1][1]   0.00254783 
_atom_sites.fract_transf_matrix[1][2]   0.01176267 
_atom_sites.fract_transf_matrix[1][3]   -0.00106635 
_atom_sites.fract_transf_matrix[2][1]   -0.00429935 
_atom_sites.fract_transf_matrix[2][2]   0.00628593 
_atom_sites.fract_transf_matrix[2][3]   -0.00937962 
_atom_sites.fract_transf_matrix[3][1]   -0.00840726 
_atom_sites.fract_transf_matrix[3][2]   0.00231078 
_atom_sites.fract_transf_matrix[3][3]   0.00540226 
_atom_sites.fract_transf_vector[1]      -0.271165 
_atom_sites.fract_transf_vector[2]      -0.334605 
_atom_sites.fract_transf_vector[3]      -0.062752 
# 
loop_
_atom_type.symbol 
C 
N 
O 
S 
# 
loop_
_atom_site.group_PDB 
_atom_site.id 
_atom_site.type_symbol 
_atom_site.label_atom_id 
_atom_site.label_alt_id 
_atom_site.label_comp_id 
_atom_site.label_asym_id 
_atom_site.label_entity_id 
_atom_site.label_seq_id 
_atom_site.pdbx_PDB_ins_code 
_atom_site.Cartn_x 
_atom_site.Cartn_y 
_atom_site.Cartn_z 
_atom_site.occupancy 
_atom_site.B_iso_or_equiv 
_atom_site.pdbx_formal_charge 
_atom_site.auth_seq_id 
_atom_site.auth_comp_id 
_atom_site.auth_asym_id 
_atom_site.auth_atom_id 
_atom_site.pdbx_PDB_model_num 
ATOM   1   N N   . LYS A 1 12  ? 0.464   1.477   -15.697 1.00 85.92  ? 11  LYS A N   1 
ATOM   2   C CA  . LYS A 1 12  ? 0.328   1.367   -17.151 1.00 82.40  ? 11  LYS A CA  1 
ATOM   3   C C   . LYS A 1 12  ? -0.135  2.596   -17.965 1.00 86.09  ? 11  LYS A C   1 
ATOM   4   O O   . LYS A 1 12  ? 0.371   2.778   -19.079 1.00 88.34  ? 11  LYS A O   1 
ATOM   5   C CB  . LYS A 1 12  ? -0.546  0.158   -17.542 1.00 75.98  ? 11  LYS A CB  1 
ATOM   6   C CG  . LYS A 1 12  ? -0.543  -0.147  -19.047 1.00 83.24  ? 11  LYS A CG  1 
ATOM   7   C CD  . LYS A 1 12  ? -1.700  -1.045  -19.473 1.00 86.76  ? 11  LYS A CD  1 
ATOM   8   C CE  . LYS A 1 12  ? -3.003  -0.264  -19.602 1.00 87.34  ? 11  LYS A CE  1 
ATOM   9   N NZ  . LYS A 1 12  ? -2.923  0.827   -20.619 1.00 92.72  ? 11  LYS A NZ  1 
ATOM   10  N N   . SER A 1 13  ? -1.020  3.471   -17.465 1.00 76.75  ? 12  SER A N   1 
ATOM   11  C CA  . SER A 1 13  ? -1.259  3.809   -16.055 1.00 65.62  ? 12  SER A CA  1 
ATOM   12  C C   . SER A 1 13  ? -2.340  3.040   -15.280 1.00 58.98  ? 12  SER A C   1 
ATOM   13  O O   . SER A 1 13  ? -3.031  3.622   -14.434 1.00 54.30  ? 12  SER A O   1 
ATOM   14  C CB  . SER A 1 13  ? -1.566  5.306   -15.954 1.00 71.04  ? 12  SER A CB  1 
ATOM   15  O OG  . SER A 1 13  ? -2.589  5.672   -16.867 1.00 82.00  ? 12  SER A OG  1 
ATOM   16  N N   . SER A 1 14  ? -2.484  1.745   -15.531 1.00 49.91  ? 13  SER A N   1 
ATOM   17  C CA  . SER A 1 14  ? -3.412  0.949   -14.733 1.00 52.34  ? 13  SER A CA  1 
ATOM   18  C C   . SER A 1 14  ? -2.830  0.646   -13.350 1.00 53.06  ? 13  SER A C   1 
ATOM   19  O O   . SER A 1 14  ? -1.620  0.774   -13.132 1.00 41.75  ? 13  SER A O   1 
ATOM   20  C CB  . SER A 1 14  ? -3.773  -0.347  -15.458 1.00 60.11  ? 13  SER A CB  1 
ATOM   21  O OG  . SER A 1 14  ? -2.646  -1.192  -15.576 1.00 67.23  ? 13  SER A OG  1 
ATOM   22  N N   . CYS A 1 15  ? -3.704  0.265   -12.421 1.00 38.20  ? 14  CYS A N   1 
ATOM   23  C CA  . CYS A 1 15  ? -3.316  -0.142  -11.071 1.00 35.05  ? 14  CYS A CA  1 
ATOM   24  C C   . CYS A 1 15  ? -2.145  -1.120  -11.053 1.00 45.97  ? 14  CYS A C   1 
ATOM   25  O O   . CYS A 1 15  ? -2.217  -2.204  -11.634 1.00 35.49  ? 14  CYS A O   1 
ATOM   26  C CB  . CYS A 1 15  ? -4.507  -0.801  -10.375 1.00 33.42  ? 14  CYS A CB  1 
ATOM   27  S SG  . CYS A 1 15  ? -4.151  -1.348  -8.707  1.00 34.66  ? 14  CYS A SG  1 
ATOM   28  N N   . LYS A 1 16  ? -1.065  -0.726  -10.385 1.00 33.76  ? 15  LYS A N   1 
ATOM   29  C CA  . LYS A 1 16  ? 0.086   -1.601  -10.218 1.00 33.61  ? 15  LYS A CA  1 
ATOM   30  C C   . LYS A 1 16  ? 0.989   -1.077  -9.113  1.00 40.38  ? 15  LYS A C   1 
ATOM   31  O O   . LYS A 1 16  ? 0.797   0.022   -8.589  1.00 33.91  ? 15  LYS A O   1 
ATOM   32  C CB  . LYS A 1 16  ? 0.877   -1.735  -11.524 1.00 36.74  ? 15  LYS A CB  1 
ATOM   33  C CG  . LYS A 1 16  ? 1.568   -0.462  -11.958 1.00 39.96  ? 15  LYS A CG  1 
ATOM   34  C CD  . LYS A 1 16  ? 2.326   -0.652  -13.271 1.00 48.11  ? 15  LYS A CD  1 
ATOM   35  C CE  . LYS A 1 16  ? 1.421   -1.222  -14.344 1.00 58.59  ? 15  LYS A CE  1 
ATOM   36  N NZ  . LYS A 1 16  ? 2.021   -1.146  -15.698 1.00 71.03  ? 15  LYS A NZ  1 
ATOM   37  N N   . ARG A 1 17  ? 1.987   -1.873  -8.768  1.00 34.83  ? 16  ARG A N   1 
ATOM   38  C CA  . ARG A 1 17  ? 2.925   -1.513  -7.720  1.00 33.17  ? 16  ARG A CA  1 
ATOM   39  C C   . ARG A 1 17  ? 4.025   -0.601  -8.269  1.00 35.91  ? 16  ARG A C   1 
ATOM   40  O O   . ARG A 1 17  ? 4.458   -0.764  -9.411  1.00 36.93  ? 16  ARG A O   1 
ATOM   41  C CB  . ARG A 1 17  ? 3.521   -2.804  -7.183  1.00 34.05  ? 16  ARG A CB  1 
ATOM   42  C CG  . ARG A 1 17  ? 4.361   -2.683  -5.962  1.00 33.28  ? 16  ARG A CG  1 
ATOM   43  C CD  . ARG A 1 17  ? 5.415   -3.755  -6.111  1.00 50.49  ? 16  ARG A CD  1 
ATOM   44  N NE  . ARG A 1 17  ? 5.903   -4.196  -4.829  1.00 55.20  ? 16  ARG A NE  1 
ATOM   45  C CZ  . ARG A 1 17  ? 6.915   -5.031  -4.668  1.00 35.01  ? 16  ARG A CZ  1 
ATOM   46  N NH1 . ARG A 1 17  ? 7.579   -5.513  -5.718  1.00 53.95  ? 16  ARG A NH1 1 
ATOM   47  N NH2 . ARG A 1 17  ? 7.281   -5.360  -3.441  1.00 40.39  ? 16  ARG A NH2 1 
ATOM   48  N N   . HIS A 1 18  ? 4.461   0.367   -7.462  1.00 33.67  ? 17  HIS A N   1 
ATOM   49  C CA  . HIS A 1 18  ? 5.542   1.280   -7.825  1.00 35.85  ? 17  HIS A CA  1 
ATOM   50  C C   . HIS A 1 18  ? 6.466   1.426   -6.619  1.00 34.70  ? 17  HIS A C   1 
ATOM   51  O O   . HIS A 1 18  ? 6.063   1.102   -5.501  1.00 36.68  ? 17  HIS A O   1 
ATOM   52  C CB  . HIS A 1 18  ? 4.978   2.654   -8.169  1.00 41.14  ? 17  HIS A CB  1 
ATOM   53  C CG  . HIS A 1 18  ? 4.106   2.663   -9.383  1.00 45.77  ? 17  HIS A CG  1 
ATOM   54  N ND1 . HIS A 1 18  ? 2.752   2.412   -9.323  1.00 45.94  ? 17  HIS A ND1 1 
ATOM   55  C CD2 . HIS A 1 18  ? 4.389   2.906   -10.684 1.00 50.35  ? 17  HIS A CD2 1 
ATOM   56  C CE1 . HIS A 1 18  ? 2.239   2.492   -10.539 1.00 46.15  ? 17  HIS A CE1 1 
ATOM   57  N NE2 . HIS A 1 18  ? 3.211   2.789   -11.383 1.00 56.19  ? 17  HIS A NE2 1 
ATOM   58  N N   . PRO A 1 19  ? 7.708   1.906   -6.835  1.00 40.15  ? 18  PRO A N   1 
ATOM   59  C CA  . PRO A 1 19  ? 8.575   2.151   -5.675  1.00 37.72  ? 18  PRO A CA  1 
ATOM   60  C C   . PRO A 1 19  ? 8.027   3.243   -4.743  1.00 40.77  ? 18  PRO A C   1 
ATOM   61  O O   . PRO A 1 19  ? 7.235   4.084   -5.173  1.00 41.46  ? 18  PRO A O   1 
ATOM   62  C CB  . PRO A 1 19  ? 9.889   2.618   -6.313  1.00 46.79  ? 18  PRO A CB  1 
ATOM   63  C CG  . PRO A 1 19  ? 9.868   2.045   -7.699  1.00 52.22  ? 18  PRO A CG  1 
ATOM   64  C CD  . PRO A 1 19  ? 8.422   2.118   -8.108  1.00 44.17  ? 18  PRO A CD  1 
ATOM   65  N N   . LEU A 1 20  ? 8.441   3.216   -3.478  1.00 31.73  ? 19  LEU A N   1 
ATOM   66  C CA  . LEU A 1 20  ? 8.187   4.321   -2.555  1.00 34.75  ? 19  LEU A CA  1 
ATOM   67  C C   . LEU A 1 20  ? 9.310   4.348   -1.538  1.00 31.15  ? 19  LEU A C   1 
ATOM   68  O O   . LEU A 1 20  ? 9.343   3.544   -0.611  1.00 31.91  ? 19  LEU A O   1 
ATOM   69  C CB  . LEU A 1 20  ? 6.842   4.174   -1.834  1.00 31.49  ? 19  LEU A CB  1 
ATOM   70  C CG  . LEU A 1 20  ? 6.548   5.281   -0.808  1.00 34.16  ? 19  LEU A CG  1 
ATOM   71  C CD1 . LEU A 1 20  ? 6.489   6.639   -1.459  1.00 43.81  ? 19  LEU A CD1 1 
ATOM   72  C CD2 . LEU A 1 20  ? 5.254   5.011   -0.048  1.00 44.21  ? 19  LEU A CD2 1 
ATOM   73  N N   . TYR A 1 21  ? 10.232  5.276   -1.727  1.00 33.13  ? 20  TYR A N   1 
ATOM   74  C CA  . TYR A 1 21  ? 11.397  5.369   -0.860  1.00 40.00  ? 20  TYR A CA  1 
ATOM   75  C C   . TYR A 1 21  ? 11.062  6.191   0.373   1.00 36.15  ? 20  TYR A C   1 
ATOM   76  O O   . TYR A 1 21  ? 10.774  7.382   0.283   1.00 38.48  ? 20  TYR A O   1 
ATOM   77  C CB  . TYR A 1 21  ? 12.579  5.941   -1.642  1.00 46.35  ? 20  TYR A CB  1 
ATOM   78  C CG  . TYR A 1 21  ? 13.003  5.017   -2.763  1.00 59.56  ? 20  TYR A CG  1 
ATOM   79  C CD1 . TYR A 1 21  ? 13.581  3.783   -2.486  1.00 70.61  ? 20  TYR A CD1 1 
ATOM   80  C CD2 . TYR A 1 21  ? 12.803  5.361   -4.099  1.00 68.11  ? 20  TYR A CD2 1 
ATOM   81  C CE1 . TYR A 1 21  ? 13.963  2.925   -3.503  1.00 77.38  ? 20  TYR A CE1 1 
ATOM   82  C CE2 . TYR A 1 21  ? 13.182  4.503   -5.126  1.00 69.66  ? 20  TYR A CE2 1 
ATOM   83  C CZ  . TYR A 1 21  ? 13.761  3.288   -4.818  1.00 74.47  ? 20  TYR A CZ  1 
ATOM   84  O OH  . TYR A 1 21  ? 14.141  2.430   -5.826  1.00 84.91  ? 20  TYR A OH  1 
ATOM   85  N N   . VAL A 1 22  ? 11.067  5.531   1.523   1.00 32.31  ? 21  VAL A N   1 
ATOM   86  C CA  . VAL A 1 22  ? 10.712  6.181   2.770   1.00 30.52  ? 21  VAL A CA  1 
ATOM   87  C C   . VAL A 1 22  ? 11.991  6.502   3.526   1.00 35.92  ? 21  VAL A C   1 
ATOM   88  O O   . VAL A 1 22  ? 12.818  5.613   3.750   1.00 31.67  ? 21  VAL A O   1 
ATOM   89  C CB  . VAL A 1 22  ? 9.825   5.266   3.613   1.00 37.66  ? 21  VAL A CB  1 
ATOM   90  C CG1 . VAL A 1 22  ? 9.614   5.848   5.003   1.00 41.28  ? 21  VAL A CG1 1 
ATOM   91  C CG2 . VAL A 1 22  ? 8.499   5.042   2.904   1.00 37.70  ? 21  VAL A CG2 1 
ATOM   92  N N   . ASP A 1 23  ? 12.169  7.774   3.868   1.00 33.92  ? 22  ASP A N   1 
ATOM   93  C CA  . ASP A 1 23  ? 13.313  8.212   4.670   1.00 35.09  ? 22  ASP A CA  1 
ATOM   94  C C   . ASP A 1 23  ? 12.762  8.641   6.023   1.00 32.85  ? 22  ASP A C   1 
ATOM   95  O O   . ASP A 1 23  ? 12.096  9.668   6.120   1.00 38.48  ? 22  ASP A O   1 
ATOM   96  C CB  . ASP A 1 23  ? 14.025  9.383   3.987   1.00 38.57  ? 22  ASP A CB  1 
ATOM   97  C CG  . ASP A 1 23  ? 15.317  9.788   4.693   1.00 43.49  ? 22  ASP A CG  1 
ATOM   98  O OD1 . ASP A 1 23  ? 15.491  9.453   5.886   1.00 39.98  ? 22  ASP A OD1 1 
ATOM   99  O OD2 . ASP A 1 23  ? 16.155  10.456  4.057   1.00 46.52  ? 22  ASP A OD2 1 
ATOM   100 N N   . PHE A 1 24  ? 13.030  7.854   7.064   1.00 32.05  ? 23  PHE A N   1 
ATOM   101 C CA  . PHE A 1 24  ? 12.488  8.149   8.392   1.00 34.66  ? 23  PHE A CA  1 
ATOM   102 C C   . PHE A 1 24  ? 12.981  9.477   8.971   1.00 37.31  ? 23  PHE A C   1 
ATOM   103 O O   . PHE A 1 24  ? 12.315  10.064  9.827   1.00 39.31  ? 23  PHE A O   1 
ATOM   104 C CB  . PHE A 1 24  ? 12.769  7.009   9.362   1.00 29.48  ? 23  PHE A CB  1 
ATOM   105 C CG  . PHE A 1 24  ? 11.935  5.790   9.113   1.00 32.62  ? 23  PHE A CG  1 
ATOM   106 C CD1 . PHE A 1 24  ? 10.546  5.872   9.121   1.00 39.19  ? 23  PHE A CD1 1 
ATOM   107 C CD2 . PHE A 1 24  ? 12.536  4.561   8.871   1.00 30.38  ? 23  PHE A CD2 1 
ATOM   108 C CE1 . PHE A 1 24  ? 9.767   4.745   8.891   1.00 39.49  ? 23  PHE A CE1 1 
ATOM   109 C CE2 . PHE A 1 24  ? 11.752  3.422   8.644   1.00 29.85  ? 23  PHE A CE2 1 
ATOM   110 C CZ  . PHE A 1 24  ? 10.379  3.519   8.653   1.00 34.58  ? 23  PHE A CZ  1 
ATOM   111 N N   . ASN A 1 25  ? 14.143  9.944   8.511   1.00 37.54  ? 24  ASN A N   1 
ATOM   112 C CA  . ASN A 1 25  ? 14.647  11.257  8.906   1.00 37.34  ? 24  ASN A CA  1 
ATOM   113 C C   . ASN A 1 25  ? 13.702  12.371  8.467   1.00 42.65  ? 24  ASN A C   1 
ATOM   114 O O   . ASN A 1 25  ? 13.539  13.379  9.159   1.00 43.85  ? 24  ASN A O   1 
ATOM   115 C CB  . ASN A 1 25  ? 16.048  11.520  8.311   1.00 40.92  ? 24  ASN A CB  1 
ATOM   116 C CG  . ASN A 1 25  ? 17.130  10.668  8.963   1.00 45.45  ? 24  ASN A CG  1 
ATOM   117 O OD1 . ASN A 1 25  ? 17.007  10.282  10.121  1.00 42.69  ? 24  ASN A OD1 1 
ATOM   118 N ND2 . ASN A 1 25  ? 18.196  10.373  8.216   1.00 43.88  ? 24  ASN A ND2 1 
ATOM   119 N N   . LEU A 1 26  ? 13.097  12.190  7.297   1.00 43.50  ? 25  LEU A N   1 
ATOM   120 C CA  . LEU A 1 26  ? 12.215  13.198  6.721   1.00 49.77  ? 25  LEU A CA  1 
ATOM   121 C C   . LEU A 1 26  ? 10.930  13.388  7.517   1.00 48.99  ? 25  LEU A C   1 
ATOM   122 O O   . LEU A 1 26  ? 10.387  14.491  7.574   1.00 55.84  ? 25  LEU A O   1 
ATOM   123 C CB  . LEU A 1 26  ? 11.854  12.832  5.281   1.00 58.85  ? 25  LEU A CB  1 
ATOM   124 C CG  . LEU A 1 26  ? 12.954  12.805  4.226   1.00 63.37  ? 25  LEU A CG  1 
ATOM   125 C CD1 . LEU A 1 26  ? 12.338  12.657  2.839   1.00 69.93  ? 25  LEU A CD1 1 
ATOM   126 C CD2 . LEU A 1 26  ? 13.815  14.056  4.308   1.00 70.39  ? 25  LEU A CD2 1 
ATOM   127 N N   . ILE A 1 27  ? 10.431  12.310  8.110   1.00 42.17  ? 26  ILE A N   1 
ATOM   128 C CA  . ILE A 1 27  ? 9.156   12.383  8.819   1.00 49.56  ? 26  ILE A CA  1 
ATOM   129 C C   . ILE A 1 27  ? 9.334   12.498  10.333  1.00 55.25  ? 26  ILE A C   1 
ATOM   130 O O   . ILE A 1 27  ? 8.403   12.259  11.104  1.00 56.73  ? 26  ILE A O   1 
ATOM   131 C CB  . ILE A 1 27  ? 8.225   11.215  8.440   1.00 50.10  ? 26  ILE A CB  1 
ATOM   132 C CG1 . ILE A 1 27  ? 8.813   9.871   8.875   1.00 46.68  ? 26  ILE A CG1 1 
ATOM   133 C CG2 . ILE A 1 27  ? 7.968   11.231  6.935   1.00 49.36  ? 26  ILE A CG2 1 
ATOM   134 C CD1 . ILE A 1 27  ? 7.922   8.687   8.564   1.00 47.13  ? 26  ILE A CD1 1 
ATOM   135 N N   . GLY A 1 28  ? 10.540  12.878  10.749  1.00 47.64  ? 27  GLY A N   1 
ATOM   136 C CA  . GLY A 1 28  ? 10.793  13.223  12.135  1.00 50.87  ? 27  GLY A CA  1 
ATOM   137 C C   . GLY A 1 28  ? 10.987  12.031  13.053  1.00 47.04  ? 27  GLY A C   1 
ATOM   138 O O   . GLY A 1 28  ? 10.883  12.169  14.274  1.00 53.81  ? 27  GLY A O   1 
ATOM   139 N N   . TRP A 1 29  ? 11.274  10.866  12.478  1.00 38.20  ? 28  TRP A N   1 
ATOM   140 C CA  . TRP A 1 29  ? 11.457  9.655   13.276  1.00 36.01  ? 28  TRP A CA  1 
ATOM   141 C C   . TRP A 1 29  ? 12.903  9.185   13.357  1.00 40.90  ? 28  TRP A C   1 
ATOM   142 O O   . TRP A 1 29  ? 13.173  8.088   13.857  1.00 38.87  ? 28  TRP A O   1 
ATOM   143 C CB  . TRP A 1 29  ? 10.626  8.514   12.705  1.00 35.92  ? 28  TRP A CB  1 
ATOM   144 C CG  . TRP A 1 29  ? 9.158   8.723   12.824  1.00 41.39  ? 28  TRP A CG  1 
ATOM   145 C CD1 . TRP A 1 29  ? 8.518   9.799   13.370  1.00 46.52  ? 28  TRP A CD1 1 
ATOM   146 C CD2 . TRP A 1 29  ? 8.139   7.824   12.389  1.00 44.38  ? 28  TRP A CD2 1 
ATOM   147 N NE1 . TRP A 1 29  ? 7.154   9.620   13.295  1.00 50.17  ? 28  TRP A NE1 1 
ATOM   148 C CE2 . TRP A 1 29  ? 6.899   8.412   12.694  1.00 45.01  ? 28  TRP A CE2 1 
ATOM   149 C CE3 . TRP A 1 29  ? 8.157   6.572   11.762  1.00 44.31  ? 28  TRP A CE3 1 
ATOM   150 C CZ2 . TRP A 1 29  ? 5.687   7.789   12.402  1.00 49.89  ? 28  TRP A CZ2 1 
ATOM   151 C CZ3 . TRP A 1 29  ? 6.952   5.961   11.469  1.00 41.93  ? 28  TRP A CZ3 1 
ATOM   152 C CH2 . TRP A 1 29  ? 5.738   6.567   11.793  1.00 38.88  ? 28  TRP A CH2 1 
ATOM   153 N N   . GLY A 1 30  ? 13.832  9.997   12.870  1.00 42.71  ? 29  GLY A N   1 
ATOM   154 C CA  . GLY A 1 30  ? 15.226  9.588   12.833  1.00 40.00  ? 29  GLY A CA  1 
ATOM   155 C C   . GLY A 1 30  ? 15.887  9.594   14.197  1.00 45.54  ? 29  GLY A C   1 
ATOM   156 O O   . GLY A 1 30  ? 16.959  9.017   14.378  1.00 44.38  ? 29  GLY A O   1 
ATOM   157 N N   . SER A 1 31  ? 15.251  10.253  15.159  1.00 39.50  ? 30  SER A N   1 
ATOM   158 C CA  . SER A 1 31  ? 15.793  10.317  16.510  1.00 44.83  ? 30  SER A CA  1 
ATOM   159 C C   . SER A 1 31  ? 15.566  9.012   17.276  1.00 46.94  ? 30  SER A C   1 
ATOM   160 O O   . SER A 1 31  ? 16.250  8.742   18.265  1.00 44.75  ? 30  SER A O   1 
ATOM   161 C CB  . SER A 1 31  ? 15.186  11.497  17.267  1.00 54.24  ? 30  SER A CB  1 
ATOM   162 O OG  . SER A 1 31  ? 13.789  11.563  17.053  1.00 62.35  ? 30  SER A OG  1 
ATOM   163 N N   . TRP A 1 32  ? 14.617  8.195   16.826  1.00 39.44  ? 31  TRP A N   1 
ATOM   164 C CA  . TRP A 1 32  ? 14.355  6.947   17.542  1.00 40.48  ? 31  TRP A CA  1 
ATOM   165 C C   . TRP A 1 32  ? 14.584  5.673   16.738  1.00 34.66  ? 31  TRP A C   1 
ATOM   166 O O   . TRP A 1 32  ? 14.934  4.647   17.315  1.00 36.14  ? 31  TRP A O   1 
ATOM   167 C CB  . TRP A 1 32  ? 12.976  6.957   18.211  1.00 46.10  ? 31  TRP A CB  1 
ATOM   168 C CG  . TRP A 1 32  ? 11.831  6.988   17.267  1.00 48.00  ? 31  TRP A CG  1 
ATOM   169 C CD1 . TRP A 1 32  ? 11.294  8.087   16.668  1.00 54.64  ? 31  TRP A CD1 1 
ATOM   170 C CD2 . TRP A 1 32  ? 11.049  5.869   16.833  1.00 43.21  ? 31  TRP A CD2 1 
ATOM   171 N NE1 . TRP A 1 32  ? 10.233  7.720   15.876  1.00 54.74  ? 31  TRP A NE1 1 
ATOM   172 C CE2 . TRP A 1 32  ? 10.062  6.364   15.963  1.00 48.92  ? 31  TRP A CE2 1 
ATOM   173 C CE3 . TRP A 1 32  ? 11.090  4.498   17.099  1.00 41.19  ? 31  TRP A CE3 1 
ATOM   174 C CZ2 . TRP A 1 32  ? 9.125   5.532   15.348  1.00 50.09  ? 31  TRP A CZ2 1 
ATOM   175 C CZ3 . TRP A 1 32  ? 10.159  3.673   16.488  1.00 47.27  ? 31  TRP A CZ3 1 
ATOM   176 C CH2 . TRP A 1 32  ? 9.191   4.193   15.623  1.00 49.95  ? 31  TRP A CH2 1 
ATOM   177 N N   . ILE A 1 33  ? 14.401  5.731   15.420  1.00 32.38  ? 32  ILE A N   1 
ATOM   178 C CA  . ILE A 1 33  ? 14.700  4.571   14.578  1.00 31.71  ? 32  ILE A CA  1 
ATOM   179 C C   . ILE A 1 33  ? 16.199  4.504   14.286  1.00 36.54  ? 32  ILE A C   1 
ATOM   180 O O   . ILE A 1 33  ? 16.785  5.453   13.753  1.00 35.54  ? 32  ILE A O   1 
ATOM   181 C CB  . ILE A 1 33  ? 13.904  4.598   13.261  1.00 33.99  ? 32  ILE A CB  1 
ATOM   182 C CG1 . ILE A 1 33  ? 12.398  4.515   13.554  1.00 36.39  ? 32  ILE A CG1 1 
ATOM   183 C CG2 . ILE A 1 33  ? 14.324  3.450   12.355  1.00 28.72  ? 32  ILE A CG2 1 
ATOM   184 C CD1 . ILE A 1 33  ? 11.534  4.675   12.327  1.00 39.64  ? 32  ILE A CD1 1 
ATOM   185 N N   . ILE A 1 34  ? 16.820  3.386   14.653  1.00 29.88  ? 33  ILE A N   1 
ATOM   186 C CA  . ILE A 1 34  ? 18.245  3.187   14.410  1.00 30.32  ? 33  ILE A CA  1 
ATOM   187 C C   . ILE A 1 34  ? 18.463  2.581   13.019  1.00 31.33  ? 33  ILE A C   1 
ATOM   188 O O   . ILE A 1 34  ? 19.333  3.025   12.267  1.00 35.02  ? 33  ILE A O   1 
ATOM   189 C CB  . ILE A 1 34  ? 18.878  2.289   15.502  1.00 33.44  ? 33  ILE A CB  1 
ATOM   190 C CG1 . ILE A 1 34  ? 18.831  3.000   16.861  1.00 36.12  ? 33  ILE A CG1 1 
ATOM   191 C CG2 . ILE A 1 34  ? 20.333  1.929   15.154  1.00 35.61  ? 33  ILE A CG2 1 
ATOM   192 C CD1 . ILE A 1 34  ? 18.972  2.072   18.052  1.00 37.08  ? 33  ILE A CD1 1 
ATOM   193 N N   . TYR A 1 35  ? 17.663  1.571   12.687  1.00 26.62  ? 34  TYR A N   1 
ATOM   194 C CA  . TYR A 1 35  ? 17.810  0.864   11.415  1.00 28.48  ? 34  TYR A CA  1 
ATOM   195 C C   . TYR A 1 35  ? 16.480  0.213   11.074  1.00 28.08  ? 34  TYR A C   1 
ATOM   196 O O   . TYR A 1 35  ? 15.839  -0.372  11.956  1.00 32.37  ? 34  TYR A O   1 
ATOM   197 C CB  . TYR A 1 35  ? 18.915  -0.204  11.538  1.00 33.58  ? 34  TYR A CB  1 
ATOM   198 C CG  . TYR A 1 35  ? 19.235  -0.909  10.234  1.00 34.47  ? 34  TYR A CG  1 
ATOM   199 C CD1 . TYR A 1 35  ? 18.409  -1.918  9.743   1.00 42.31  ? 34  TYR A CD1 1 
ATOM   200 C CD2 . TYR A 1 35  ? 20.354  -0.565  9.494   1.00 43.34  ? 34  TYR A CD2 1 
ATOM   201 C CE1 . TYR A 1 35  ? 18.687  -2.556  8.552   1.00 42.11  ? 34  TYR A CE1 1 
ATOM   202 C CE2 . TYR A 1 35  ? 20.642  -1.204  8.299   1.00 46.62  ? 34  TYR A CE2 1 
ATOM   203 C CZ  . TYR A 1 35  ? 19.802  -2.197  7.838   1.00 40.43  ? 34  TYR A CZ  1 
ATOM   204 O OH  . TYR A 1 35  ? 20.082  -2.840  6.653   1.00 52.53  ? 34  TYR A OH  1 
ATOM   205 N N   . PRO A 1 36  ? 16.040  0.317   9.802   1.00 29.01  ? 35  PRO A N   1 
ATOM   206 C CA  . PRO A 1 36  ? 16.697  1.036   8.704   1.00 32.75  ? 35  PRO A CA  1 
ATOM   207 C C   . PRO A 1 36  ? 16.269  2.496   8.687   1.00 32.74  ? 35  PRO A C   1 
ATOM   208 O O   . PRO A 1 36  ? 15.117  2.795   8.998   1.00 32.98  ? 35  PRO A O   1 
ATOM   209 C CB  . PRO A 1 36  ? 16.139  0.338   7.459   1.00 31.21  ? 35  PRO A CB  1 
ATOM   210 C CG  . PRO A 1 36  ? 14.723  -0.040  7.866   1.00 31.13  ? 35  PRO A CG  1 
ATOM   211 C CD  . PRO A 1 36  ? 14.821  -0.388  9.351   1.00 33.11  ? 35  PRO A CD  1 
ATOM   212 N N   . LYS A 1 37  ? 17.181  3.390   8.329   1.00 29.63  ? 36  LYS A N   1 
ATOM   213 C CA  . LYS A 1 37  ? 16.856  4.813   8.255   1.00 34.89  ? 36  LYS A CA  1 
ATOM   214 C C   . LYS A 1 37  ? 16.018  5.090   7.024   1.00 34.31  ? 36  LYS A C   1 
ATOM   215 O O   . LYS A 1 37  ? 15.177  5.991   7.026   1.00 35.78  ? 36  LYS A O   1 
ATOM   216 C CB  . LYS A 1 37  ? 18.122  5.658   8.186   1.00 36.26  ? 36  LYS A CB  1 
ATOM   217 C CG  . LYS A 1 37  ? 18.958  5.672   9.459   1.00 46.58  ? 36  LYS A CG  1 
ATOM   218 C CD  . LYS A 1 37  ? 18.261  6.406   10.587  1.00 44.04  ? 36  LYS A CD  1 
ATOM   219 C CE  . LYS A 1 37  ? 19.210  6.574   11.764  1.00 42.21  ? 36  LYS A CE  1 
ATOM   220 N NZ  . LYS A 1 37  ? 18.658  7.432   12.837  1.00 41.14  ? 36  LYS A NZ  1 
ATOM   221 N N   . GLN A 1 38  ? 16.279  4.338   5.960   1.00 31.07  ? 37  GLN A N   1 
ATOM   222 C CA  . GLN A 1 38  ? 15.503  4.453   4.726   1.00 30.42  ? 37  GLN A CA  1 
ATOM   223 C C   . GLN A 1 38  ? 15.171  3.058   4.231   1.00 30.37  ? 37  GLN A C   1 
ATOM   224 O O   . GLN A 1 38  ? 15.973  2.133   4.398   1.00 31.20  ? 37  GLN A O   1 
ATOM   225 C CB  . GLN A 1 38  ? 16.303  5.215   3.648   1.00 32.66  ? 37  GLN A CB  1 
ATOM   226 C CG  . GLN A 1 38  ? 16.677  6.657   4.015   1.00 36.23  ? 37  GLN A CG  1 
ATOM   227 C CD  . GLN A 1 38  ? 17.994  6.760   4.772   1.00 44.49  ? 37  GLN A CD  1 
ATOM   228 O OE1 . GLN A 1 38  ? 18.891  5.936   4.593   1.00 41.15  ? 37  GLN A OE1 1 
ATOM   229 N NE2 . GLN A 1 38  ? 18.117  7.784   5.617   1.00 37.33  ? 37  GLN A NE2 1 
ATOM   230 N N   . TYR A 1 39  ? 13.995  2.884   3.632   1.00 29.40  ? 38  TYR A N   1 
ATOM   231 C CA  . TYR A 1 39  ? 13.658  1.586   3.050   1.00 31.79  ? 38  TYR A CA  1 
ATOM   232 C C   . TYR A 1 39  ? 12.664  1.757   1.912   1.00 33.58  ? 38  TYR A C   1 
ATOM   233 O O   . TYR A 1 39  ? 12.032  2.810   1.796   1.00 33.14  ? 38  TYR A O   1 
ATOM   234 C CB  . TYR A 1 39  ? 13.145  0.606   4.126   1.00 29.03  ? 38  TYR A CB  1 
ATOM   235 C CG  . TYR A 1 39  ? 11.672  0.726   4.473   1.00 31.72  ? 38  TYR A CG  1 
ATOM   236 C CD1 . TYR A 1 39  ? 11.202  1.767   5.274   1.00 28.75  ? 38  TYR A CD1 1 
ATOM   237 C CD2 . TYR A 1 39  ? 10.757  -0.218  4.026   1.00 28.09  ? 38  TYR A CD2 1 
ATOM   238 C CE1 . TYR A 1 39  ? 9.861   1.871   5.601   1.00 29.17  ? 38  TYR A CE1 1 
ATOM   239 C CE2 . TYR A 1 39  ? 9.418   -0.130  4.362   1.00 29.26  ? 38  TYR A CE2 1 
ATOM   240 C CZ  . TYR A 1 39  ? 8.975   0.919   5.139   1.00 30.40  ? 38  TYR A CZ  1 
ATOM   241 O OH  . TYR A 1 39  ? 7.638   1.007   5.465   1.00 31.33  ? 38  TYR A OH  1 
ATOM   242 N N   . ASN A 1 40  ? 12.554  0.749   1.051   1.00 30.59  ? 39  ASN A N   1 
ATOM   243 C CA  . ASN A 1 40  ? 11.600  0.815   -0.051  1.00 32.69  ? 39  ASN A CA  1 
ATOM   244 C C   . ASN A 1 40  ? 10.308  0.163   0.420   1.00 32.66  ? 39  ASN A C   1 
ATOM   245 O O   . ASN A 1 40  ? 10.229  -1.057  0.596   1.00 28.92  ? 39  ASN A O   1 
ATOM   246 C CB  . ASN A 1 40  ? 12.141  0.125   -1.313  1.00 36.27  ? 39  ASN A CB  1 
ATOM   247 C CG  . ASN A 1 40  ? 11.312  0.429   -2.560  1.00 45.26  ? 39  ASN A CG  1 
ATOM   248 O OD1 . ASN A 1 40  ? 10.229  1.023   -2.485  1.00 35.88  ? 39  ASN A OD1 1 
ATOM   249 N ND2 . ASN A 1 40  ? 11.814  0.006   -3.715  1.00 43.28  ? 39  ASN A ND2 1 
ATOM   250 N N   . ALA A 1 41  ? 9.300   0.990   0.644   1.00 29.86  ? 40  ALA A N   1 
ATOM   251 C CA  . ALA A 1 41  ? 8.019   0.514   1.162   1.00 29.32  ? 40  ALA A CA  1 
ATOM   252 C C   . ALA A 1 41  ? 7.093   0.128   0.021   1.00 29.85  ? 40  ALA A C   1 
ATOM   253 O O   . ALA A 1 41  ? 6.094   -0.563  0.232   1.00 28.97  ? 40  ALA A O   1 
ATOM   254 C CB  . ALA A 1 41  ? 7.373   1.598   1.997   1.00 25.05  ? 40  ALA A CB  1 
ATOM   255 N N   . TYR A 1 42  ? 7.423   0.612   -1.177  1.00 28.20  ? 41  TYR A N   1 
ATOM   256 C CA  . TYR A 1 42  ? 6.554   0.512   -2.350  1.00 27.90  ? 41  TYR A CA  1 
ATOM   257 C C   . TYR A 1 42  ? 5.175   1.170   -2.133  1.00 29.69  ? 41  TYR A C   1 
ATOM   258 O O   . TYR A 1 42  ? 4.845   1.644   -1.039  1.00 29.52  ? 41  TYR A O   1 
ATOM   259 C CB  . TYR A 1 42  ? 6.399   -0.956  -2.803  1.00 27.93  ? 41  TYR A CB  1 
ATOM   260 C CG  . TYR A 1 42  ? 7.708   -1.634  -3.187  1.00 31.89  ? 41  TYR A CG  1 
ATOM   261 C CD1 . TYR A 1 42  ? 8.501   -2.252  -2.226  1.00 30.79  ? 41  TYR A CD1 1 
ATOM   262 C CD2 . TYR A 1 42  ? 8.135   -1.671  -4.514  1.00 31.56  ? 41  TYR A CD2 1 
ATOM   263 C CE1 . TYR A 1 42  ? 9.697   -2.881  -2.571  1.00 32.34  ? 41  TYR A CE1 1 
ATOM   264 C CE2 . TYR A 1 42  ? 9.333   -2.296  -4.868  1.00 37.29  ? 41  TYR A CE2 1 
ATOM   265 C CZ  . TYR A 1 42  ? 10.106  -2.896  -3.887  1.00 35.90  ? 41  TYR A CZ  1 
ATOM   266 O OH  . TYR A 1 42  ? 11.286  -3.525  -4.222  1.00 37.98  ? 41  TYR A OH  1 
ATOM   267 N N   . ARG A 1 43  ? 4.385   1.202   -3.194  1.00 26.77  ? 42  ARG A N   1 
ATOM   268 C CA  . ARG A 1 43  ? 3.054   1.791   -3.141  1.00 29.67  ? 42  ARG A CA  1 
ATOM   269 C C   . ARG A 1 43  ? 2.244   1.252   -4.302  1.00 34.98  ? 42  ARG A C   1 
ATOM   270 O O   . ARG A 1 43  ? 2.795   0.710   -5.264  1.00 34.47  ? 42  ARG A O   1 
ATOM   271 C CB  . ARG A 1 43  ? 3.140   3.318   -3.240  1.00 29.73  ? 42  ARG A CB  1 
ATOM   272 C CG  . ARG A 1 43  ? 3.452   3.825   -4.644  1.00 33.84  ? 42  ARG A CG  1 
ATOM   273 C CD  . ARG A 1 43  ? 3.617   5.339   -4.684  1.00 35.67  ? 42  ARG A CD  1 
ATOM   274 N NE  . ARG A 1 43  ? 3.521   5.847   -6.049  1.00 49.17  ? 42  ARG A NE  1 
ATOM   275 C CZ  . ARG A 1 43  ? 4.567   6.116   -6.824  1.00 57.85  ? 42  ARG A CZ  1 
ATOM   276 N NH1 . ARG A 1 43  ? 5.800   5.925   -6.372  1.00 60.00  ? 42  ARG A NH1 1 
ATOM   277 N NH2 . ARG A 1 43  ? 4.380   6.576   -8.054  1.00 55.51  ? 42  ARG A NH2 1 
ATOM   278 N N   . CYS A 1 44  ? 0.928   1.392   -4.205  1.00 32.03  ? 43  CYS A N   1 
ATOM   279 C CA  . CYS A 1 44  ? 0.043   1.051   -5.304  1.00 30.50  ? 43  CYS A CA  1 
ATOM   280 C C   . CYS A 1 44  ? -0.485  2.330   -5.919  1.00 36.72  ? 43  CYS A C   1 
ATOM   281 O O   . CYS A 1 44  ? -0.829  3.265   -5.196  1.00 36.57  ? 43  CYS A O   1 
ATOM   282 C CB  . CYS A 1 44  ? -1.128  0.217   -4.780  1.00 29.73  ? 43  CYS A CB  1 
ATOM   283 S SG  . CYS A 1 44  ? -0.587  -1.352  -4.066  1.00 32.19  ? 43  CYS A SG  1 
ATOM   284 N N   . GLU A 1 45  ? -0.553  2.375   -7.247  1.00 34.78  ? 44  GLU A N   1 
ATOM   285 C CA  . GLU A 1 45  ? -1.099  3.537   -7.934  1.00 37.88  ? 44  GLU A CA  1 
ATOM   286 C C   . GLU A 1 45  ? -1.509  3.163   -9.354  1.00 44.59  ? 44  GLU A C   1 
ATOM   287 O O   . GLU A 1 45  ? -0.900  2.288   -9.974  1.00 38.08  ? 44  GLU A O   1 
ATOM   288 C CB  . GLU A 1 45  ? -0.065  4.672   -7.954  1.00 41.04  ? 44  GLU A CB  1 
ATOM   289 C CG  . GLU A 1 45  ? -0.630  6.038   -8.327  1.00 43.74  ? 44  GLU A CG  1 
ATOM   290 C CD  . GLU A 1 45  ? 0.373   7.158   -8.078  1.00 49.71  ? 44  GLU A CD  1 
ATOM   291 O OE1 . GLU A 1 45  ? 1.527   6.849   -7.715  1.00 48.59  ? 44  GLU A OE1 1 
ATOM   292 O OE2 . GLU A 1 45  ? 0.007   8.341   -8.237  1.00 59.35  ? 44  GLU A OE2 1 
ATOM   293 N N   . GLY A 1 46  ? -2.556  3.810   -9.859  1.00 43.73  ? 45  GLY A N   1 
ATOM   294 C CA  . GLY A 1 46  ? -3.019  3.554   -11.207 1.00 44.39  ? 45  GLY A CA  1 
ATOM   295 C C   . GLY A 1 46  ? -4.513  3.356   -11.231 1.00 47.24  ? 45  GLY A C   1 
ATOM   296 O O   . GLY A 1 46  ? -5.126  3.036   -10.207 1.00 43.63  ? 45  GLY A O   1 
ATOM   297 N N   . GLU A 1 47  ? -5.110  3.534   -12.401 1.00 44.47  ? 46  GLU A N   1 
ATOM   298 C CA  . GLU A 1 47  ? -6.559  3.463   -12.496 1.00 43.45  ? 46  GLU A CA  1 
ATOM   299 C C   . GLU A 1 47  ? -7.084  2.033   -12.424 1.00 43.32  ? 46  GLU A C   1 
ATOM   300 O O   . GLU A 1 47  ? -6.401  1.080   -12.812 1.00 39.33  ? 46  GLU A O   1 
ATOM   301 C CB  . GLU A 1 47  ? -7.073  4.174   -13.754 1.00 65.28  ? 46  GLU A CB  1 
ATOM   302 C CG  . GLU A 1 47  ? -6.772  3.480   -15.072 1.00 77.56  ? 46  GLU A CG  1 
ATOM   303 C CD  . GLU A 1 47  ? -7.693  3.954   -16.189 1.00 89.88  ? 46  GLU A CD  1 
ATOM   304 O OE1 . GLU A 1 47  ? -8.601  4.761   -15.901 1.00 91.57  ? 46  GLU A OE1 1 
ATOM   305 O OE2 . GLU A 1 47  ? -7.515  3.519   -17.348 1.00 95.62  ? 46  GLU A OE2 1 
ATOM   306 N N   . CYS A 1 48  ? -8.290  1.897   -11.886 1.00 38.45  ? 47  CYS A N   1 
ATOM   307 C CA  . CYS A 1 48  ? -8.996  0.623   -11.863 1.00 39.94  ? 47  CYS A CA  1 
ATOM   308 C C   . CYS A 1 48  ? -10.133 0.721   -12.860 1.00 41.40  ? 47  CYS A C   1 
ATOM   309 O O   . CYS A 1 48  ? -11.105 1.452   -12.636 1.00 41.80  ? 47  CYS A O   1 
ATOM   310 C CB  . CYS A 1 48  ? -9.555  0.329   -10.467 1.00 37.86  ? 47  CYS A CB  1 
ATOM   311 S SG  . CYS A 1 48  ? -8.316  -0.066  -9.224  1.00 35.99  ? 47  CYS A SG  1 
ATOM   312 N N   . PRO A 1 49  ? -10.015 -0.005  -13.978 1.00 43.20  ? 48  PRO A N   1 
ATOM   313 C CA  . PRO A 1 49  ? -10.990 0.144   -15.064 1.00 45.05  ? 48  PRO A CA  1 
ATOM   314 C C   . PRO A 1 49  ? -12.346 -0.460  -14.729 1.00 39.05  ? 48  PRO A C   1 
ATOM   315 O O   . PRO A 1 49  ? -12.452 -1.290  -13.827 1.00 42.18  ? 48  PRO A O   1 
ATOM   316 C CB  . PRO A 1 49  ? -10.337 -0.613  -16.228 1.00 50.43  ? 48  PRO A CB  1 
ATOM   317 C CG  . PRO A 1 49  ? -9.446  -1.614  -15.584 1.00 53.98  ? 48  PRO A CG  1 
ATOM   318 C CD  . PRO A 1 49  ? -8.956  -0.978  -14.304 1.00 47.57  ? 48  PRO A CD  1 
ATOM   319 N N   . ASN A 1 50  ? -13.376 -0.022  -15.442 1.00 40.65  ? 49  ASN A N   1 
ATOM   320 C CA  . ASN A 1 50  ? -14.720 -0.539  -15.234 1.00 40.53  ? 49  ASN A CA  1 
ATOM   321 C C   . ASN A 1 50  ? -15.216 -1.273  -16.487 1.00 46.80  ? 49  ASN A C   1 
ATOM   322 O O   . ASN A 1 50  ? -15.259 -0.694  -17.569 1.00 55.41  ? 49  ASN A O   1 
ATOM   323 C CB  . ASN A 1 50  ? -15.670 0.601   -14.840 1.00 40.79  ? 49  ASN A CB  1 
ATOM   324 C CG  . ASN A 1 50  ? -15.156 1.401   -13.650 1.00 44.73  ? 49  ASN A CG  1 
ATOM   325 O OD1 . ASN A 1 50  ? -15.222 0.949   -12.502 1.00 38.22  ? 49  ASN A OD1 1 
ATOM   326 N ND2 . ASN A 1 50  ? -14.642 2.596   -13.918 1.00 44.69  ? 49  ASN A ND2 1 
ATOM   327 N N   . PRO A 1 51  ? -15.542 -2.572  -16.356 1.00 44.20  ? 50  PRO A N   1 
ATOM   328 C CA  . PRO A 1 51  ? -15.401 -3.373  -15.133 1.00 44.31  ? 50  PRO A CA  1 
ATOM   329 C C   . PRO A 1 51  ? -13.956 -3.792  -14.885 1.00 42.85  ? 50  PRO A C   1 
ATOM   330 O O   . PRO A 1 51  ? -13.136 -3.750  -15.813 1.00 45.31  ? 50  PRO A O   1 
ATOM   331 C CB  . PRO A 1 51  ? -16.260 -4.608  -15.426 1.00 49.68  ? 50  PRO A CB  1 
ATOM   332 C CG  . PRO A 1 51  ? -16.206 -4.753  -16.915 1.00 52.64  ? 50  PRO A CG  1 
ATOM   333 C CD  . PRO A 1 51  ? -16.145 -3.347  -17.459 1.00 51.95  ? 50  PRO A CD  1 
ATOM   334 N N   . VAL A 1 52  ? -13.661 -4.173  -13.644 1.00 37.29  ? 51  VAL A N   1 
ATOM   335 C CA  . VAL A 1 52  ? -12.318 -4.594  -13.238 1.00 41.96  ? 51  VAL A CA  1 
ATOM   336 C C   . VAL A 1 52  ? -12.015 -6.015  -13.706 1.00 50.94  ? 51  VAL A C   1 
ATOM   337 O O   . VAL A 1 52  ? -12.724 -6.956  -13.354 1.00 45.29  ? 51  VAL A O   1 
ATOM   338 C CB  . VAL A 1 52  ? -12.141 -4.552  -11.705 1.00 39.58  ? 51  VAL A CB  1 
ATOM   339 C CG1 . VAL A 1 52  ? -10.730 -4.978  -11.324 1.00 36.71  ? 51  VAL A CG1 1 
ATOM   340 C CG2 . VAL A 1 52  ? -12.412 -3.161  -11.167 1.00 48.27  ? 51  VAL A CG2 1 
ATOM   341 N N   . GLY A 1 53  ? -10.950 -6.171  -14.489 1.00 51.68  ? 52  GLY A N   1 
ATOM   342 C CA  . GLY A 1 53  ? -10.557 -7.486  -14.963 1.00 48.56  ? 52  GLY A CA  1 
ATOM   343 C C   . GLY A 1 53  ? -9.899  -8.316  -13.877 1.00 38.25  ? 52  GLY A C   1 
ATOM   344 O O   . GLY A 1 53  ? -9.444  -7.780  -12.862 1.00 38.44  ? 52  GLY A O   1 
ATOM   345 N N   . GLU A 1 54  ? -9.825  -9.624  -14.103 1.00 52.04  ? 53  GLU A N   1 
ATOM   346 C CA  . GLU A 1 54  ? -9.255  -10.556 -13.132 1.00 52.49  ? 53  GLU A CA  1 
ATOM   347 C C   . GLU A 1 54  ? -7.797  -10.222 -12.757 1.00 49.47  ? 53  GLU A C   1 
ATOM   348 O O   . GLU A 1 54  ? -7.347  -10.534 -11.651 1.00 47.41  ? 53  GLU A O   1 
ATOM   349 C CB  . GLU A 1 54  ? -9.353  -11.985 -13.671 1.00 59.94  ? 53  GLU A CB  1 
ATOM   350 C CG  . GLU A 1 54  ? -10.656 -12.284 -14.413 1.00 76.02  ? 53  GLU A CG  1 
ATOM   351 C CD  . GLU A 1 54  ? -10.617 -11.875 -15.882 1.00 86.35  ? 53  GLU A CD  1 
ATOM   352 O OE1 . GLU A 1 54  ? -11.214 -10.831 -16.233 1.00 77.06  ? 53  GLU A OE1 1 
ATOM   353 O OE2 . GLU A 1 54  ? -9.989  -12.599 -16.685 1.00 97.01  ? 53  GLU A OE2 1 
ATOM   354 N N   . GLU A 1 55  ? -7.075  -9.575  -13.669 1.00 52.02  ? 54  GLU A N   1 
ATOM   355 C CA  . GLU A 1 55  ? -5.670  -9.229  -13.441 1.00 54.88  ? 54  GLU A CA  1 
ATOM   356 C C   . GLU A 1 55  ? -5.475  -8.233  -12.296 1.00 48.92  ? 54  GLU A C   1 
ATOM   357 O O   . GLU A 1 55  ? -4.364  -8.061  -11.794 1.00 47.99  ? 54  GLU A O   1 
ATOM   358 C CB  . GLU A 1 55  ? -5.043  -8.673  -14.722 1.00 60.62  ? 54  GLU A CB  1 
ATOM   359 C CG  . GLU A 1 55  ? -5.734  -7.427  -15.281 1.00 67.81  ? 54  GLU A CG  1 
ATOM   360 C CD  . GLU A 1 55  ? -6.937  -7.748  -16.161 1.00 71.45  ? 54  GLU A CD  1 
ATOM   361 O OE1 . GLU A 1 55  ? -7.455  -8.884  -16.087 1.00 68.96  ? 54  GLU A OE1 1 
ATOM   362 O OE2 . GLU A 1 55  ? -7.364  -6.862  -16.932 1.00 71.06  ? 54  GLU A OE2 1 
ATOM   363 N N   . PHE A 1 56  ? -6.552  -7.570  -11.891 1.00 43.81  ? 55  PHE A N   1 
ATOM   364 C CA  . PHE A 1 56  ? -6.481  -6.624  -10.788 1.00 46.39  ? 55  PHE A CA  1 
ATOM   365 C C   . PHE A 1 56  ? -7.022  -7.237  -9.506  1.00 41.42  ? 55  PHE A C   1 
ATOM   366 O O   . PHE A 1 56  ? -7.216  -6.542  -8.504  1.00 37.68  ? 55  PHE A O   1 
ATOM   367 C CB  . PHE A 1 56  ? -7.234  -5.341  -11.135 1.00 39.59  ? 55  PHE A CB  1 
ATOM   368 C CG  . PHE A 1 56  ? -6.716  -4.655  -12.363 1.00 42.42  ? 55  PHE A CG  1 
ATOM   369 C CD1 . PHE A 1 56  ? -5.533  -3.936  -12.320 1.00 41.71  ? 55  PHE A CD1 1 
ATOM   370 C CD2 . PHE A 1 56  ? -7.410  -4.727  -13.562 1.00 43.26  ? 55  PHE A CD2 1 
ATOM   371 C CE1 . PHE A 1 56  ? -5.054  -3.298  -13.451 1.00 46.46  ? 55  PHE A CE1 1 
ATOM   372 C CE2 . PHE A 1 56  ? -6.940  -4.094  -14.696 1.00 46.90  ? 55  PHE A CE2 1 
ATOM   373 C CZ  . PHE A 1 56  ? -5.759  -3.379  -14.643 1.00 50.01  ? 55  PHE A CZ  1 
ATOM   374 N N   . HIS A 1 57  ? -7.258  -8.545  -9.555  1.00 40.37  ? 56  HIS A N   1 
ATOM   375 C CA  . HIS A 1 57  ? -7.695  -9.322  -8.396  1.00 38.24  ? 56  HIS A CA  1 
ATOM   376 C C   . HIS A 1 57  ? -8.815  -8.683  -7.573  1.00 40.39  ? 56  HIS A C   1 
ATOM   377 O O   . HIS A 1 57  ? -8.706  -8.576  -6.349  1.00 37.49  ? 56  HIS A O   1 
ATOM   378 C CB  . HIS A 1 57  ? -6.488  -9.627  -7.513  1.00 42.61  ? 56  HIS A CB  1 
ATOM   379 C CG  . HIS A 1 57  ? -5.335  -10.195 -8.275  1.00 56.82  ? 56  HIS A CG  1 
ATOM   380 N ND1 . HIS A 1 57  ? -4.225  -9.450  -8.613  1.00 64.96  ? 56  HIS A ND1 1 
ATOM   381 C CD2 . HIS A 1 57  ? -5.136  -11.425 -8.804  1.00 61.94  ? 56  HIS A CD2 1 
ATOM   382 C CE1 . HIS A 1 57  ? -3.384  -10.203 -9.296  1.00 65.48  ? 56  HIS A CE1 1 
ATOM   383 N NE2 . HIS A 1 57  ? -3.915  -11.406 -9.429  1.00 63.75  ? 56  HIS A NE2 1 
ATOM   384 N N   . PRO A 1 58  ? -9.902  -8.267  -8.235  1.00 34.18  ? 57  PRO A N   1 
ATOM   385 C CA  . PRO A 1 58  ? -10.929 -7.599  -7.429  1.00 32.08  ? 57  PRO A CA  1 
ATOM   386 C C   . PRO A 1 58  ? -11.672 -8.579  -6.521  1.00 34.34  ? 57  PRO A C   1 
ATOM   387 O O   . PRO A 1 58  ? -11.733 -9.779  -6.805  1.00 32.32  ? 57  PRO A O   1 
ATOM   388 C CB  . PRO A 1 58  ? -11.891 -7.052  -8.486  1.00 33.55  ? 57  PRO A CB  1 
ATOM   389 C CG  . PRO A 1 58  ? -11.767 -8.026  -9.643  1.00 34.57  ? 57  PRO A CG  1 
ATOM   390 C CD  . PRO A 1 58  ? -10.303 -8.413  -9.647  1.00 35.69  ? 57  PRO A CD  1 
ATOM   391 N N   . THR A 1 59  ? -12.231 -8.070  -5.428  1.00 33.05  ? 58  THR A N   1 
ATOM   392 C CA  . THR A 1 59  ? -13.209 -8.841  -4.668  1.00 32.58  ? 58  THR A CA  1 
ATOM   393 C C   . THR A 1 59  ? -14.480 -8.918  -5.491  1.00 34.76  ? 58  THR A C   1 
ATOM   394 O O   . THR A 1 59  ? -14.659 -8.134  -6.429  1.00 30.71  ? 58  THR A O   1 
ATOM   395 C CB  . THR A 1 59  ? -13.585 -8.137  -3.363  1.00 30.40  ? 58  THR A CB  1 
ATOM   396 O OG1 . THR A 1 59  ? -13.919 -6.767  -3.644  1.00 29.98  ? 58  THR A OG1 1 
ATOM   397 C CG2 . THR A 1 59  ? -12.413 -8.189  -2.365  1.00 32.39  ? 58  THR A CG2 1 
ATOM   398 N N   . ASN A 1 60  ? -15.386 -9.819  -5.121  1.00 31.41  ? 59  ASN A N   1 
ATOM   399 C CA  . ASN A 1 60  ? -16.719 -9.791  -5.715  1.00 30.96  ? 59  ASN A CA  1 
ATOM   400 C C   . ASN A 1 60  ? -17.340 -8.409  -5.617  1.00 30.57  ? 59  ASN A C   1 
ATOM   401 O O   . ASN A 1 60  ? -17.925 -7.920  -6.591  1.00 27.94  ? 59  ASN A O   1 
ATOM   402 C CB  . ASN A 1 60  ? -17.653 -10.822 -5.062  1.00 28.73  ? 59  ASN A CB  1 
ATOM   403 C CG  . ASN A 1 60  ? -17.377 -12.230 -5.532  1.00 32.65  ? 59  ASN A CG  1 
ATOM   404 O OD1 . ASN A 1 60  ? -16.924 -12.434 -6.654  1.00 38.24  ? 59  ASN A OD1 1 
ATOM   405 N ND2 . ASN A 1 60  ? -17.638 -13.212 -4.674  1.00 35.93  ? 59  ASN A ND2 1 
ATOM   406 N N   . HIS A 1 61  ? -17.212 -7.769  -4.452  1.00 28.22  ? 60  HIS A N   1 
ATOM   407 C CA  . HIS A 1 61  ? -17.824 -6.452  -4.282  1.00 30.57  ? 60  HIS A CA  1 
ATOM   408 C C   . HIS A 1 61  ? -17.218 -5.444  -5.254  1.00 30.69  ? 60  HIS A C   1 
ATOM   409 O O   . HIS A 1 61  ? -17.945 -4.651  -5.859  1.00 29.08  ? 60  HIS A O   1 
ATOM   410 C CB  . HIS A 1 61  ? -17.683 -5.919  -2.855  1.00 26.20  ? 60  HIS A CB  1 
ATOM   411 C CG  . HIS A 1 61  ? -18.400 -4.618  -2.635  1.00 29.32  ? 60  HIS A CG  1 
ATOM   412 N ND1 . HIS A 1 61  ? -17.828 -3.394  -2.920  1.00 28.42  ? 60  HIS A ND1 1 
ATOM   413 C CD2 . HIS A 1 61  ? -19.646 -4.351  -2.179  1.00 28.87  ? 60  HIS A CD2 1 
ATOM   414 C CE1 . HIS A 1 61  ? -18.688 -2.431  -2.643  1.00 28.29  ? 60  HIS A CE1 1 
ATOM   415 N NE2 . HIS A 1 61  ? -19.801 -2.985  -2.194  1.00 28.03  ? 60  HIS A NE2 1 
ATOM   416 N N   . ALA A 1 62  ? -15.891 -5.470  -5.394  1.00 26.17  ? 61  ALA A N   1 
ATOM   417 C CA  . ALA A 1 62  ? -15.219 -4.524  -6.277  1.00 29.22  ? 61  ALA A CA  1 
ATOM   418 C C   . ALA A 1 62  ? -15.653 -4.743  -7.717  1.00 31.80  ? 61  ALA A C   1 
ATOM   419 O O   . ALA A 1 62  ? -15.870 -3.781  -8.461  1.00 30.38  ? 61  ALA A O   1 
ATOM   420 C CB  . ALA A 1 62  ? -13.690 -4.618  -6.140  1.00 27.11  ? 61  ALA A CB  1 
ATOM   421 N N   . TYR A 1 63  ? -15.792 -6.002  -8.122  1.00 29.02  ? 62  TYR A N   1 
ATOM   422 C CA  . TYR A 1 63  ? -16.230 -6.266  -9.486  1.00 34.00  ? 62  TYR A CA  1 
ATOM   423 C C   . TYR A 1 63  ? -17.638 -5.734  -9.740  1.00 29.66  ? 62  TYR A C   1 
ATOM   424 O O   . TYR A 1 63  ? -17.909 -5.132  -10.784 1.00 31.84  ? 62  TYR A O   1 
ATOM   425 C CB  . TYR A 1 63  ? -16.161 -7.758  -9.824  1.00 32.31  ? 62  TYR A CB  1 
ATOM   426 C CG  . TYR A 1 63  ? -16.504 -8.011  -11.268 1.00 37.09  ? 62  TYR A CG  1 
ATOM   427 C CD1 . TYR A 1 63  ? -15.599 -7.695  -12.277 1.00 36.92  ? 62  TYR A CD1 1 
ATOM   428 C CD2 . TYR A 1 63  ? -17.737 -8.541  -11.627 1.00 40.47  ? 62  TYR A CD2 1 
ATOM   429 C CE1 . TYR A 1 63  ? -15.909 -7.907  -13.601 1.00 46.77  ? 62  TYR A CE1 1 
ATOM   430 C CE2 . TYR A 1 63  ? -18.055 -8.754  -12.954 1.00 42.08  ? 62  TYR A CE2 1 
ATOM   431 C CZ  . TYR A 1 63  ? -17.132 -8.433  -13.930 1.00 44.36  ? 62  TYR A CZ  1 
ATOM   432 O OH  . TYR A 1 63  ? -17.434 -8.643  -15.252 1.00 52.89  ? 62  TYR A OH  1 
ATOM   433 N N   . ILE A 1 64  ? -18.534 -5.956  -8.785  1.00 29.14  ? 63  ILE A N   1 
ATOM   434 C CA  . ILE A 1 64  ? -19.920 -5.542  -8.948  1.00 29.89  ? 63  ILE A CA  1 
ATOM   435 C C   . ILE A 1 64  ? -20.018 -4.021  -8.976  1.00 30.25  ? 63  ILE A C   1 
ATOM   436 O O   . ILE A 1 64  ? -20.749 -3.455  -9.791  1.00 31.77  ? 63  ILE A O   1 
ATOM   437 C CB  . ILE A 1 64  ? -20.805 -6.141  -7.833  1.00 30.21  ? 63  ILE A CB  1 
ATOM   438 C CG1 . ILE A 1 64  ? -21.027 -7.634  -8.102  1.00 33.65  ? 63  ILE A CG1 1 
ATOM   439 C CG2 . ILE A 1 64  ? -22.150 -5.443  -7.773  1.00 31.34  ? 63  ILE A CG2 1 
ATOM   440 C CD1 . ILE A 1 64  ? -21.625 -8.381  -6.926  1.00 31.26  ? 63  ILE A CD1 1 
ATOM   441 N N   . GLN A 1 65  ? -19.269 -3.362  -8.096  1.00 27.87  ? 64  GLN A N   1 
ATOM   442 C CA  . GLN A 1 65  ? -19.281 -1.910  -8.052  1.00 31.21  ? 64  GLN A CA  1 
ATOM   443 C C   . GLN A 1 65  ? -18.776 -1.350  -9.379  1.00 35.20  ? 64  GLN A C   1 
ATOM   444 O O   . GLN A 1 65  ? -19.328 -0.379  -9.901  1.00 31.30  ? 64  GLN A O   1 
ATOM   445 C CB  . GLN A 1 65  ? -18.422 -1.407  -6.882  1.00 30.64  ? 64  GLN A CB  1 
ATOM   446 C CG  . GLN A 1 65  ? -18.311 0.115   -6.802  1.00 31.69  ? 64  GLN A CG  1 
ATOM   447 C CD  . GLN A 1 65  ? -17.556 0.575   -5.570  1.00 32.48  ? 64  GLN A CD  1 
ATOM   448 O OE1 . GLN A 1 65  ? -17.712 0.005   -4.490  1.00 31.06  ? 64  GLN A OE1 1 
ATOM   449 N NE2 . GLN A 1 65  ? -16.744 1.611   -5.721  1.00 33.45  ? 64  GLN A NE2 1 
ATOM   450 N N   . SER A 1 66  ? -17.745 -1.974  -9.941  1.00 31.21  ? 65  SER A N   1 
ATOM   451 C CA  . SER A 1 66  ? -17.171 -1.475  -11.188 1.00 32.00  ? 65  SER A CA  1 
ATOM   452 C C   . SER A 1 66  ? -18.093 -1.717  -12.382 1.00 32.85  ? 65  SER A C   1 
ATOM   453 O O   . SER A 1 66  ? -18.096 -0.940  -13.348 1.00 38.92  ? 65  SER A O   1 
ATOM   454 C CB  . SER A 1 66  ? -15.788 -2.090  -11.432 1.00 34.13  ? 65  SER A CB  1 
ATOM   455 O OG  . SER A 1 66  ? -15.889 -3.421  -11.910 1.00 38.35  ? 65  SER A OG  1 
ATOM   456 N N   . LEU A 1 67  ? -18.868 -2.796  -12.332 1.00 36.31  ? 66  LEU A N   1 
ATOM   457 C CA  . LEU A 1 67  ? -19.808 -3.076  -13.413 1.00 42.78  ? 66  LEU A CA  1 
ATOM   458 C C   . LEU A 1 67  ? -20.964 -2.091  -13.336 1.00 42.35  ? 66  LEU A C   1 
ATOM   459 O O   . LEU A 1 67  ? -21.460 -1.609  -14.360 1.00 42.13  ? 66  LEU A O   1 
ATOM   460 C CB  . LEU A 1 67  ? -20.346 -4.503  -13.306 1.00 44.59  ? 66  LEU A CB  1 
ATOM   461 C CG  . LEU A 1 67  ? -20.184 -5.404  -14.529 1.00 56.80  ? 66  LEU A CG  1 
ATOM   462 C CD1 . LEU A 1 67  ? -21.208 -6.517  -14.505 1.00 54.23  ? 66  LEU A CD1 1 
ATOM   463 C CD2 . LEU A 1 67  ? -20.272 -4.616  -15.824 1.00 50.75  ? 66  LEU A CD2 1 
ATOM   464 N N   . LEU A 1 68  ? -21.391 -1.798  -12.110 1.00 38.59  ? 67  LEU A N   1 
ATOM   465 C CA  . LEU A 1 68  ? -22.483 -0.859  -11.879 1.00 41.16  ? 67  LEU A CA  1 
ATOM   466 C C   . LEU A 1 68  ? -22.083 0.541   -12.341 1.00 46.62  ? 67  LEU A C   1 
ATOM   467 O O   . LEU A 1 68  ? -22.908 1.291   -12.882 1.00 49.97  ? 67  LEU A O   1 
ATOM   468 C CB  . LEU A 1 68  ? -22.867 -0.864  -10.396 1.00 42.64  ? 67  LEU A CB  1 
ATOM   469 C CG  . LEU A 1 68  ? -24.147 -0.128  -10.014 1.00 54.72  ? 67  LEU A CG  1 
ATOM   470 C CD1 . LEU A 1 68  ? -25.324 -0.688  -10.799 1.00 61.30  ? 67  LEU A CD1 1 
ATOM   471 C CD2 . LEU A 1 68  ? -24.412 -0.215  -8.519  1.00 51.78  ? 67  LEU A CD2 1 
ATOM   472 N N   . LYS A 1 69  ? -20.809 0.882   -12.152 1.00 46.69  ? 68  LYS A N   1 
ATOM   473 C CA  . LYS A 1 69  ? -20.301 2.177   -12.586 1.00 40.65  ? 68  LYS A CA  1 
ATOM   474 C C   . LYS A 1 69  ? -20.332 2.319   -14.102 1.00 46.67  ? 68  LYS A C   1 
ATOM   475 O O   . LYS A 1 69  ? -20.589 3.405   -14.618 1.00 52.26  ? 68  LYS A O   1 
ATOM   476 C CB  . LYS A 1 69  ? -18.888 2.431   -12.053 1.00 39.06  ? 68  LYS A CB  1 
ATOM   477 C CG  . LYS A 1 69  ? -18.340 3.795   -12.470 1.00 43.67  ? 68  LYS A CG  1 
ATOM   478 C CD  . LYS A 1 69  ? -17.079 4.162   -11.723 1.00 43.63  ? 68  LYS A CD  1 
ATOM   479 C CE  . LYS A 1 69  ? -16.538 5.510   -12.215 1.00 52.58  ? 68  LYS A CE  1 
ATOM   480 N NZ  . LYS A 1 69  ? -17.388 6.654   -11.790 1.00 53.18  ? 68  LYS A NZ  1 
ATOM   481 N N   . ARG A 1 70  ? -20.060 1.233   -14.820 1.00 45.74  ? 69  ARG A N   1 
ATOM   482 C CA  . ARG A 1 70  ? -20.231 1.256   -16.275 1.00 54.16  ? 69  ARG A CA  1 
ATOM   483 C C   . ARG A 1 70  ? -21.634 1.718   -16.663 1.00 59.19  ? 69  ARG A C   1 
ATOM   484 O O   . ARG A 1 70  ? -21.797 2.620   -17.487 1.00 63.77  ? 69  ARG A O   1 
ATOM   485 C CB  . ARG A 1 70  ? -19.956 -0.123  -16.870 1.00 63.26  ? 69  ARG A CB  1 
ATOM   486 C CG  . ARG A 1 70  ? -18.494 -0.407  -17.041 1.00 67.36  ? 69  ARG A CG  1 
ATOM   487 C CD  . ARG A 1 70  ? -17.848 0.726   -17.827 1.00 77.20  ? 69  ARG A CD  1 
ATOM   488 N NE  . ARG A 1 70  ? -18.292 0.757   -19.217 1.00 81.59  ? 69  ARG A NE  1 
ATOM   489 C CZ  . ARG A 1 70  ? -17.635 0.187   -20.223 1.00 82.10  ? 69  ARG A CZ  1 
ATOM   490 N NH1 . ARG A 1 70  ? -16.497 -0.457  -20.002 1.00 80.26  ? 69  ARG A NH1 1 
ATOM   491 N NH2 . ARG A 1 70  ? -18.116 0.267   -21.455 1.00 81.62  ? 69  ARG A NH2 1 
ATOM   492 N N   . TYR A 1 71  ? -22.643 1.113   -16.048 1.00 55.83  ? 70  TYR A N   1 
ATOM   493 C CA  . TYR A 1 71  ? -24.035 1.420   -16.368 1.00 63.79  ? 70  TYR A CA  1 
ATOM   494 C C   . TYR A 1 71  ? -24.519 2.705   -15.684 1.00 69.47  ? 70  TYR A C   1 
ATOM   495 O O   . TYR A 1 71  ? -25.532 3.283   -16.083 1.00 78.83  ? 70  TYR A O   1 
ATOM   496 C CB  . TYR A 1 71  ? -24.937 0.228   -16.008 1.00 63.69  ? 70  TYR A CB  1 
ATOM   497 C CG  . TYR A 1 71  ? -24.720 -0.992  -16.886 1.00 62.84  ? 70  TYR A CG  1 
ATOM   498 C CD1 . TYR A 1 71  ? -23.649 -1.851  -16.667 1.00 64.32  ? 70  TYR A CD1 1 
ATOM   499 C CD2 . TYR A 1 71  ? -25.591 -1.285  -17.928 1.00 64.65  ? 70  TYR A CD2 1 
ATOM   500 C CE1 . TYR A 1 71  ? -23.447 -2.961  -17.465 1.00 67.89  ? 70  TYR A CE1 1 
ATOM   501 C CE2 . TYR A 1 71  ? -25.394 -2.393  -18.731 1.00 70.67  ? 70  TYR A CE2 1 
ATOM   502 C CZ  . TYR A 1 71  ? -24.321 -3.225  -18.495 1.00 73.10  ? 70  TYR A CZ  1 
ATOM   503 O OH  . TYR A 1 71  ? -24.120 -4.331  -19.291 1.00 78.44  ? 70  TYR A OH  1 
ATOM   504 N N   . GLN A 1 72  ? -23.785 3.148   -14.664 1.00 60.70  ? 71  GLN A N   1 
ATOM   505 C CA  . GLN A 1 72  ? -24.135 4.351   -13.901 1.00 65.19  ? 71  GLN A CA  1 
ATOM   506 C C   . GLN A 1 72  ? -22.893 5.163   -13.512 1.00 65.56  ? 71  GLN A C   1 
ATOM   507 O O   . GLN A 1 72  ? -22.547 5.243   -12.332 1.00 63.74  ? 71  GLN A O   1 
ATOM   508 C CB  . GLN A 1 72  ? -24.895 3.968   -12.623 1.00 69.53  ? 71  GLN A CB  1 
ATOM   509 C CG  . GLN A 1 72  ? -26.146 3.119   -12.842 1.00 74.05  ? 71  GLN A CG  1 
ATOM   510 C CD  . GLN A 1 72  ? -27.038 3.046   -11.614 1.00 74.07  ? 71  GLN A CD  1 
ATOM   511 O OE1 . GLN A 1 72  ? -26.579 2.743   -10.514 1.00 80.64  ? 71  GLN A OE1 1 
ATOM   512 N NE2 . GLN A 1 72  ? -28.323 3.324   -11.800 1.00 80.28  ? 71  GLN A NE2 1 
ATOM   513 N N   . PRO A 1 73  ? -22.228 5.786   -14.498 1.00 68.93  ? 72  PRO A N   1 
ATOM   514 C CA  . PRO A 1 73  ? -20.912 6.389   -14.229 1.00 67.61  ? 72  PRO A CA  1 
ATOM   515 C C   . PRO A 1 73  ? -20.903 7.550   -13.228 1.00 73.17  ? 72  PRO A C   1 
ATOM   516 O O   . PRO A 1 73  ? -19.869 7.790   -12.601 1.00 71.49  ? 72  PRO A O   1 
ATOM   517 C CB  . PRO A 1 73  ? -20.461 6.875   -15.614 1.00 73.74  ? 72  PRO A CB  1 
ATOM   518 C CG  . PRO A 1 73  ? -21.257 6.061   -16.591 1.00 77.08  ? 72  PRO A CG  1 
ATOM   519 C CD  . PRO A 1 73  ? -22.586 5.856   -15.927 1.00 71.48  ? 72  PRO A CD  1 
ATOM   520 N N   . HIS A 1 74  ? -22.026 8.242   -13.066 1.00 75.64  ? 73  HIS A N   1 
ATOM   521 C CA  . HIS A 1 74  ? -22.051 9.460   -12.260 1.00 76.87  ? 73  HIS A CA  1 
ATOM   522 C C   . HIS A 1 74  ? -22.445 9.274   -10.788 1.00 74.43  ? 73  HIS A C   1 
ATOM   523 O O   . HIS A 1 74  ? -22.243 10.179  -9.975  1.00 82.19  ? 73  HIS A O   1 
ATOM   524 C CB  . HIS A 1 74  ? -22.951 10.508  -12.918 1.00 78.21  ? 73  HIS A CB  1 
ATOM   525 C CG  . HIS A 1 74  ? -22.423 11.025  -14.219 1.00 88.48  ? 73  HIS A CG  1 
ATOM   526 N ND1 . HIS A 1 74  ? -21.364 11.906  -14.294 1.00 95.05  ? 73  HIS A ND1 1 
ATOM   527 C CD2 . HIS A 1 74  ? -22.806 10.789  -15.496 1.00 92.63  ? 73  HIS A CD2 1 
ATOM   528 C CE1 . HIS A 1 74  ? -21.117 12.187  -15.561 1.00 100.87 ? 73  HIS A CE1 1 
ATOM   529 N NE2 . HIS A 1 74  ? -21.977 11.522  -16.311 1.00 100.40 ? 73  HIS A NE2 1 
ATOM   530 N N   . ARG A 1 75  ? -23.006 8.120   -10.441 1.00 69.59  ? 74  ARG A N   1 
ATOM   531 C CA  . ARG A 1 75  ? -23.432 7.893   -9.060  1.00 76.74  ? 74  ARG A CA  1 
ATOM   532 C C   . ARG A 1 75  ? -22.580 6.860   -8.318  1.00 67.49  ? 74  ARG A C   1 
ATOM   533 O O   . ARG A 1 75  ? -22.665 6.730   -7.093  1.00 66.91  ? 74  ARG A O   1 
ATOM   534 C CB  . ARG A 1 75  ? -24.928 7.548   -8.994  1.00 88.31  ? 74  ARG A CB  1 
ATOM   535 C CG  . ARG A 1 75  ? -25.250 6.187   -8.409  1.00 87.76  ? 74  ARG A CG  1 
ATOM   536 C CD  . ARG A 1 75  ? -26.447 6.247   -7.471  1.00 93.10  ? 74  ARG A CD  1 
ATOM   537 N NE  . ARG A 1 75  ? -26.575 5.009   -6.710  1.00 91.36  ? 74  ARG A NE  1 
ATOM   538 C CZ  . ARG A 1 75  ? -26.991 3.856   -7.225  1.00 83.44  ? 74  ARG A CZ  1 
ATOM   539 N NH1 . ARG A 1 75  ? -27.321 3.776   -8.507  1.00 90.79  ? 74  ARG A NH1 1 
ATOM   540 N NH2 . ARG A 1 75  ? -27.075 2.780   -6.460  1.00 65.53  ? 74  ARG A NH2 1 
ATOM   541 N N   . VAL A 1 76  ? -21.731 6.152   -9.058  1.00 56.86  ? 75  VAL A N   1 
ATOM   542 C CA  . VAL A 1 76  ? -20.870 5.138   -8.463  1.00 43.64  ? 75  VAL A CA  1 
ATOM   543 C C   . VAL A 1 76  ? -19.394 5.527   -8.600  1.00 45.79  ? 75  VAL A C   1 
ATOM   544 O O   . VAL A 1 76  ? -18.938 5.856   -9.693  1.00 47.68  ? 75  VAL A O   1 
ATOM   545 C CB  . VAL A 1 76  ? -21.114 3.761   -9.115  1.00 49.35  ? 75  VAL A CB  1 
ATOM   546 C CG1 . VAL A 1 76  ? -20.380 2.681   -8.359  1.00 38.75  ? 75  VAL A CG1 1 
ATOM   547 C CG2 . VAL A 1 76  ? -22.609 3.447   -9.151  1.00 53.03  ? 75  VAL A CG2 1 
ATOM   548 N N   . PRO A 1 77  ? -18.642 5.504   -7.486  1.00 50.62  ? 76  PRO A N   1 
ATOM   549 C CA  . PRO A 1 77  ? -17.207 5.807   -7.564  1.00 51.40  ? 76  PRO A CA  1 
ATOM   550 C C   . PRO A 1 77  ? -16.421 4.616   -8.110  1.00 36.20  ? 76  PRO A C   1 
ATOM   551 O O   . PRO A 1 77  ? -16.883 3.486   -7.972  1.00 34.80  ? 76  PRO A O   1 
ATOM   552 C CB  . PRO A 1 77  ? -16.814 6.062   -6.099  1.00 57.81  ? 76  PRO A CB  1 
ATOM   553 C CG  . PRO A 1 77  ? -18.070 5.837   -5.266  1.00 56.77  ? 76  PRO A CG  1 
ATOM   554 C CD  . PRO A 1 77  ? -19.053 5.118   -6.126  1.00 53.31  ? 76  PRO A CD  1 
ATOM   555 N N   . SER A 1 78  ? -15.271 4.866   -8.730  1.00 42.12  ? 77  SER A N   1 
ATOM   556 C CA  . SER A 1 78  ? -14.408 3.778   -9.184  1.00 43.57  ? 77  SER A CA  1 
ATOM   557 C C   . SER A 1 78  ? -13.899 3.005   -7.976  1.00 39.27  ? 77  SER A C   1 
ATOM   558 O O   . SER A 1 78  ? -13.813 3.550   -6.878  1.00 39.47  ? 77  SER A O   1 
ATOM   559 C CB  . SER A 1 78  ? -13.212 4.317   -9.974  1.00 46.41  ? 77  SER A CB  1 
ATOM   560 O OG  . SER A 1 78  ? -13.601 4.832   -11.234 1.00 55.43  ? 77  SER A OG  1 
ATOM   561 N N   . THR A 1 79  ? -13.562 1.735   -8.178  1.00 35.46  ? 78  THR A N   1 
ATOM   562 C CA  . THR A 1 79  ? -12.880 0.969   -7.143  1.00 31.33  ? 78  THR A CA  1 
ATOM   563 C C   . THR A 1 79  ? -11.470 1.538   -7.065  1.00 34.26  ? 78  THR A C   1 
ATOM   564 O O   . THR A 1 79  ? -11.059 2.311   -7.939  1.00 34.74  ? 78  THR A O   1 
ATOM   565 C CB  . THR A 1 79  ? -12.847 -0.529  -7.477  1.00 33.15  ? 78  THR A CB  1 
ATOM   566 O OG1 . THR A 1 79  ? -12.136 -0.731  -8.710  1.00 33.90  ? 78  THR A OG1 1 
ATOM   567 C CG2 . THR A 1 79  ? -14.276 -1.069  -7.603  1.00 33.01  ? 78  THR A CG2 1 
ATOM   568 N N   . CYS A 1 80  ? -10.722 1.187   -6.026  1.00 27.97  ? 79  CYS A N   1 
ATOM   569 C CA  . CYS A 1 80  ? -9.465  1.888   -5.789  1.00 30.69  ? 79  CYS A CA  1 
ATOM   570 C C   . CYS A 1 80  ? -8.261  0.957   -5.724  1.00 36.02  ? 79  CYS A C   1 
ATOM   571 O O   . CYS A 1 80  ? -8.337  -0.157  -5.201  1.00 28.38  ? 79  CYS A O   1 
ATOM   572 C CB  . CYS A 1 80  ? -9.557  2.761   -4.531  1.00 32.23  ? 79  CYS A CB  1 
ATOM   573 S SG  . CYS A 1 80  ? -8.269  4.045   -4.447  1.00 37.25  ? 79  CYS A SG  1 
ATOM   574 N N   . CYS A 1 81  ? -7.149  1.437   -6.269  1.00 30.21  ? 80  CYS A N   1 
ATOM   575 C CA  . CYS A 1 81  ? -5.913  0.676   -6.323  1.00 30.20  ? 80  CYS A CA  1 
ATOM   576 C C   . CYS A 1 81  ? -5.205  0.742   -4.976  1.00 33.05  ? 80  CYS A C   1 
ATOM   577 O O   . CYS A 1 81  ? -4.692  1.793   -4.587  1.00 31.12  ? 80  CYS A O   1 
ATOM   578 C CB  . CYS A 1 81  ? -5.019  1.254   -7.422  1.00 31.97  ? 80  CYS A CB  1 
ATOM   579 S SG  . CYS A 1 81  ? -3.488  0.321   -7.720  1.00 33.45  ? 80  CYS A SG  1 
ATOM   580 N N   . VAL A 1 82  ? -5.171  -0.380  -4.264  1.00 27.60  ? 81  VAL A N   1 
ATOM   581 C CA  . VAL A 1 82  ? -4.615  -0.394  -2.910  1.00 26.09  ? 81  VAL A CA  1 
ATOM   582 C C   . VAL A 1 82  ? -3.742  -1.624  -2.696  1.00 24.52  ? 81  VAL A C   1 
ATOM   583 O O   . VAL A 1 82  ? -3.799  -2.583  -3.481  1.00 28.36  ? 81  VAL A O   1 
ATOM   584 C CB  . VAL A 1 82  ? -5.736  -0.364  -1.827  1.00 27.96  ? 81  VAL A CB  1 
ATOM   585 C CG1 . VAL A 1 82  ? -6.373  1.014   -1.744  1.00 30.23  ? 81  VAL A CG1 1 
ATOM   586 C CG2 . VAL A 1 82  ? -6.774  -1.454  -2.109  1.00 26.47  ? 81  VAL A CG2 1 
ATOM   587 N N   . PRO A 1 83  ? -2.899  -1.595  -1.648  1.00 27.54  ? 82  PRO A N   1 
ATOM   588 C CA  . PRO A 1 83  ? -2.141  -2.815  -1.335  1.00 29.20  ? 82  PRO A CA  1 
ATOM   589 C C   . PRO A 1 83  ? -3.068  -3.980  -0.964  1.00 26.82  ? 82  PRO A C   1 
ATOM   590 O O   . PRO A 1 83  ? -3.989  -3.805  -0.164  1.00 31.68  ? 82  PRO A O   1 
ATOM   591 C CB  . PRO A 1 83  ? -1.304  -2.398  -0.116  1.00 29.39  ? 82  PRO A CB  1 
ATOM   592 C CG  . PRO A 1 83  ? -1.154  -0.881  -0.254  1.00 27.65  ? 82  PRO A CG  1 
ATOM   593 C CD  . PRO A 1 83  ? -2.478  -0.438  -0.835  1.00 27.07  ? 82  PRO A CD  1 
ATOM   594 N N   . THR A 1 84  ? -2.826  -5.153  -1.538  1.00 28.37  ? 83  THR A N   1 
ATOM   595 C CA  . THR A 1 84  ? -3.624  -6.332  -1.229  1.00 26.62  ? 83  THR A CA  1 
ATOM   596 C C   . THR A 1 84  ? -2.779  -7.424  -0.570  1.00 34.28  ? 83  THR A C   1 
ATOM   597 O O   . THR A 1 84  ? -3.314  -8.402  -0.047  1.00 30.68  ? 83  THR A O   1 
ATOM   598 C CB  . THR A 1 84  ? -4.316  -6.881  -2.486  1.00 35.21  ? 83  THR A CB  1 
ATOM   599 O OG1 . THR A 1 84  ? -3.338  -7.095  -3.512  1.00 31.60  ? 83  THR A OG1 1 
ATOM   600 C CG2 . THR A 1 84  ? -5.350  -5.888  -2.987  1.00 34.39  ? 83  THR A CG2 1 
ATOM   601 N N   . GLU A 1 85  ? -1.459  -7.263  -0.625  1.00 29.23  ? 84  GLU A N   1 
ATOM   602 C CA  . GLU A 1 85  ? -0.526  -8.138  0.097   1.00 32.74  ? 84  GLU A CA  1 
ATOM   603 C C   . GLU A 1 85  ? 0.616   -7.295  0.624   1.00 31.58  ? 84  GLU A C   1 
ATOM   604 O O   . GLU A 1 85  ? 1.177   -6.480  -0.114  1.00 31.23  ? 84  GLU A O   1 
ATOM   605 C CB  . GLU A 1 85  ? 0.054   -9.234  -0.807  1.00 37.26  ? 84  GLU A CB  1 
ATOM   606 C CG  . GLU A 1 85  ? -0.868  -10.426 -1.059  1.00 54.61  ? 84  GLU A CG  1 
ATOM   607 C CD  . GLU A 1 85  ? -1.571  -10.351 -2.399  1.00 72.07  ? 84  GLU A CD  1 
ATOM   608 O OE1 . GLU A 1 85  ? -1.488  -9.292  -3.059  1.00 70.43  ? 84  GLU A OE1 1 
ATOM   609 O OE2 . GLU A 1 85  ? -2.209  -11.350 -2.793  1.00 84.27  ? 84  GLU A OE2 1 
ATOM   610 N N   . LEU A 1 86  ? 0.972   -7.478  1.895   1.00 28.45  ? 85  LEU A N   1 
ATOM   611 C CA  . LEU A 1 86  ? 2.063   -6.697  2.470   1.00 31.78  ? 85  LEU A CA  1 
ATOM   612 C C   . LEU A 1 86  ? 2.978   -7.603  3.270   1.00 34.82  ? 85  LEU A C   1 
ATOM   613 O O   . LEU A 1 86  ? 2.572   -8.677  3.704   1.00 32.00  ? 85  LEU A O   1 
ATOM   614 C CB  . LEU A 1 86  ? 1.536   -5.553  3.345   1.00 31.65  ? 85  LEU A CB  1 
ATOM   615 C CG  . LEU A 1 86  ? 0.682   -4.505  2.628   1.00 31.10  ? 85  LEU A CG  1 
ATOM   616 C CD1 . LEU A 1 86  ? -0.788  -4.722  2.929   1.00 36.34  ? 85  LEU A CD1 1 
ATOM   617 C CD2 . LEU A 1 86  ? 1.113   -3.091  2.978   1.00 29.72  ? 85  LEU A CD2 1 
ATOM   618 N N   . SER A 1 87  ? 4.223   -7.182  3.455   1.00 28.14  ? 86  SER A N   1 
ATOM   619 C CA  . SER A 1 87  ? 5.165   -7.999  4.202   1.00 26.69  ? 86  SER A CA  1 
ATOM   620 C C   . SER A 1 87  ? 5.818   -7.152  5.279   1.00 30.46  ? 86  SER A C   1 
ATOM   621 O O   . SER A 1 87  ? 5.698   -5.922  5.280   1.00 28.03  ? 86  SER A O   1 
ATOM   622 C CB  . SER A 1 87  ? 6.226   -8.583  3.266   1.00 32.82  ? 86  SER A CB  1 
ATOM   623 O OG  . SER A 1 87  ? 6.944   -7.531  2.642   1.00 33.56  ? 86  SER A OG  1 
ATOM   624 N N   . ALA A 1 88  ? 6.514   -7.820  6.192   1.00 28.64  ? 87  ALA A N   1 
ATOM   625 C CA  . ALA A 1 88  ? 7.093   -7.179  7.358   1.00 31.23  ? 87  ALA A CA  1 
ATOM   626 C C   . ALA A 1 88  ? 8.528   -6.737  7.107   1.00 32.30  ? 87  ALA A C   1 
ATOM   627 O O   . ALA A 1 88  ? 9.196   -7.236  6.192   1.00 30.37  ? 87  ALA A O   1 
ATOM   628 C CB  . ALA A 1 88  ? 7.041   -8.138  8.552   1.00 28.51  ? 87  ALA A CB  1 
ATOM   629 N N   . ILE A 1 89  ? 8.997   -5.787  7.909   1.00 26.56  ? 88  ILE A N   1 
ATOM   630 C CA  . ILE A 1 89  ? 10.439  -5.549  8.032   1.00 29.02  ? 88  ILE A CA  1 
ATOM   631 C C   . ILE A 1 89  ? 10.833  -5.509  9.504   1.00 33.48  ? 88  ILE A C   1 
ATOM   632 O O   . ILE A 1 89  ? 10.018  -5.169  10.371  1.00 31.84  ? 88  ILE A O   1 
ATOM   633 C CB  . ILE A 1 89  ? 10.909  -4.239  7.352   1.00 32.79  ? 88  ILE A CB  1 
ATOM   634 C CG1 . ILE A 1 89  ? 10.421  -2.993  8.105   1.00 31.73  ? 88  ILE A CG1 1 
ATOM   635 C CG2 . ILE A 1 89  ? 10.484  -4.199  5.890   1.00 29.02  ? 88  ILE A CG2 1 
ATOM   636 C CD1 . ILE A 1 89  ? 11.213  -1.716  7.736   1.00 32.89  ? 88  ILE A CD1 1 
ATOM   637 N N   . SER A 1 90  ? 12.088  -5.847  9.780   1.00 27.53  ? 89  SER A N   1 
ATOM   638 C CA  . SER A 1 90  ? 12.628  -5.737  11.124  1.00 30.55  ? 89  SER A CA  1 
ATOM   639 C C   . SER A 1 90  ? 13.131  -4.315  11.329  1.00 34.64  ? 89  SER A C   1 
ATOM   640 O O   . SER A 1 90  ? 13.811  -3.772  10.459  1.00 33.02  ? 89  SER A O   1 
ATOM   641 C CB  . SER A 1 90  ? 13.791  -6.707  11.307  1.00 35.18  ? 89  SER A CB  1 
ATOM   642 O OG  . SER A 1 90  ? 13.387  -8.044  11.088  1.00 45.12  ? 89  SER A OG  1 
ATOM   643 N N   . MET A 1 91  ? 12.790  -3.699  12.461  1.00 31.45  ? 90  MET A N   1 
ATOM   644 C CA  . MET A 1 91  ? 13.359  -2.387  12.774  1.00 32.74  ? 90  MET A CA  1 
ATOM   645 C C   . MET A 1 91  ? 14.071  -2.390  14.116  1.00 33.90  ? 90  MET A C   1 
ATOM   646 O O   . MET A 1 91  ? 13.601  -3.005  15.078  1.00 30.36  ? 90  MET A O   1 
ATOM   647 C CB  . MET A 1 91  ? 12.298  -1.284  12.727  1.00 28.48  ? 90  MET A CB  1 
ATOM   648 C CG  . MET A 1 91  ? 11.628  -1.140  11.358  1.00 34.15  ? 90  MET A CG  1 
ATOM   649 S SD  . MET A 1 91  ? 11.109  0.546   10.991  1.00 38.76  ? 90  MET A SD  1 
ATOM   650 C CE  . MET A 1 91  ? 9.834   0.748   12.239  1.00 36.99  ? 90  MET A CE  1 
ATOM   651 N N   . LEU A 1 92  ? 15.217  -1.719  14.174  1.00 28.28  ? 91  LEU A N   1 
ATOM   652 C CA  . LEU A 1 92  ? 15.943  -1.561  15.424  1.00 27.50  ? 91  LEU A CA  1 
ATOM   653 C C   . LEU A 1 92  ? 15.697  -0.124  15.866  1.00 30.31  ? 91  LEU A C   1 
ATOM   654 O O   . LEU A 1 92  ? 15.883  0.807   15.077  1.00 28.90  ? 91  LEU A O   1 
ATOM   655 C CB  . LEU A 1 92  ? 17.439  -1.805  15.211  1.00 30.74  ? 91  LEU A CB  1 
ATOM   656 C CG  . LEU A 1 92  ? 18.308  -1.847  16.470  1.00 31.89  ? 91  LEU A CG  1 
ATOM   657 C CD1 . LEU A 1 92  ? 17.997  -3.093  17.282  1.00 31.82  ? 91  LEU A CD1 1 
ATOM   658 C CD2 . LEU A 1 92  ? 19.800  -1.787  16.123  1.00 34.90  ? 91  LEU A CD2 1 
ATOM   659 N N   . TYR A 1 93  ? 15.242  0.065   17.101  1.00 26.77  ? 92  TYR A N   1 
ATOM   660 C CA  . TYR A 1 93  ? 14.874  1.407   17.548  1.00 27.76  ? 92  TYR A CA  1 
ATOM   661 C C   . TYR A 1 93  ? 15.044  1.602   19.046  1.00 31.13  ? 92  TYR A C   1 
ATOM   662 O O   . TYR A 1 93  ? 15.252  0.638   19.793  1.00 31.51  ? 92  TYR A O   1 
ATOM   663 C CB  . TYR A 1 93  ? 13.442  1.767   17.106  1.00 29.18  ? 92  TYR A CB  1 
ATOM   664 C CG  . TYR A 1 93  ? 12.337  1.013   17.827  1.00 33.56  ? 92  TYR A CG  1 
ATOM   665 C CD1 . TYR A 1 93  ? 11.904  -0.226  17.371  1.00 32.71  ? 92  TYR A CD1 1 
ATOM   666 C CD2 . TYR A 1 93  ? 11.730  1.546   18.958  1.00 34.28  ? 92  TYR A CD2 1 
ATOM   667 C CE1 . TYR A 1 93  ? 10.893  -0.912  18.026  1.00 33.50  ? 92  TYR A CE1 1 
ATOM   668 C CE2 . TYR A 1 93  ? 10.723  0.868   19.617  1.00 39.39  ? 92  TYR A CE2 1 
ATOM   669 C CZ  . TYR A 1 93  ? 10.305  -0.358  19.141  1.00 36.11  ? 92  TYR A CZ  1 
ATOM   670 O OH  . TYR A 1 93  ? 9.299   -1.039  19.793  1.00 43.44  ? 92  TYR A OH  1 
ATOM   671 N N   . LEU A 1 94  ? 14.966  2.867   19.465  1.00 32.42  ? 93  LEU A N   1 
ATOM   672 C CA  . LEU A 1 94  ? 15.051  3.250   20.871  1.00 29.35  ? 93  LEU A CA  1 
ATOM   673 C C   . LEU A 1 94  ? 13.641  3.573   21.360  1.00 33.00  ? 93  LEU A C   1 
ATOM   674 O O   . LEU A 1 94  ? 12.934  4.354   20.721  1.00 35.88  ? 93  LEU A O   1 
ATOM   675 C CB  . LEU A 1 94  ? 15.940  4.492   21.016  1.00 31.77  ? 93  LEU A CB  1 
ATOM   676 C CG  . LEU A 1 94  ? 17.432  4.265   20.786  1.00 37.49  ? 93  LEU A CG  1 
ATOM   677 C CD1 . LEU A 1 94  ? 18.158  5.564   20.467  1.00 43.47  ? 93  LEU A CD1 1 
ATOM   678 C CD2 . LEU A 1 94  ? 18.039  3.620   22.006  1.00 36.84  ? 93  LEU A CD2 1 
ATOM   679 N N   . ASP A 1 95  ? 13.214  2.963   22.466  1.00 34.80  ? 94  ASP A N   1 
ATOM   680 C CA  . ASP A 1 95  ? 11.875  3.250   22.971  1.00 41.51  ? 94  ASP A CA  1 
ATOM   681 C C   . ASP A 1 95  ? 11.888  4.502   23.833  1.00 40.64  ? 94  ASP A C   1 
ATOM   682 O O   . ASP A 1 95  ? 12.918  5.168   23.938  1.00 40.51  ? 94  ASP A O   1 
ATOM   683 C CB  . ASP A 1 95  ? 11.229  2.034   23.669  1.00 42.89  ? 94  ASP A CB  1 
ATOM   684 C CG  . ASP A 1 95  ? 11.867  1.687   25.017  1.00 42.74  ? 94  ASP A CG  1 
ATOM   685 O OD1 . ASP A 1 95  ? 12.681  2.467   25.566  1.00 38.51  ? 94  ASP A OD1 1 
ATOM   686 O OD2 . ASP A 1 95  ? 11.519  0.610   25.548  1.00 40.94  ? 94  ASP A OD2 1 
ATOM   687 N N   . GLU A 1 96  ? 10.758  4.820   24.456  1.00 37.59  ? 95  GLU A N   1 
ATOM   688 C CA  . GLU A 1 96  ? 10.645  6.033   25.260  1.00 43.60  ? 95  GLU A CA  1 
ATOM   689 C C   . GLU A 1 96  ? 11.597  6.077   26.465  1.00 40.70  ? 95  GLU A C   1 
ATOM   690 O O   . GLU A 1 96  ? 11.799  7.133   27.058  1.00 41.97  ? 95  GLU A O   1 
ATOM   691 C CB  . GLU A 1 96  ? 9.194   6.241   25.722  1.00 56.24  ? 95  GLU A CB  1 
ATOM   692 C CG  . GLU A 1 96  ? 8.623   5.101   26.552  1.00 66.58  ? 95  GLU A CG  1 
ATOM   693 C CD  . GLU A 1 96  ? 8.239   3.877   25.723  1.00 74.44  ? 95  GLU A CD  1 
ATOM   694 O OE1 . GLU A 1 96  ? 8.408   3.895   24.479  1.00 64.19  ? 95  GLU A OE1 1 
ATOM   695 O OE2 . GLU A 1 96  ? 7.764   2.890   26.325  1.00 81.95  ? 95  GLU A OE2 1 
ATOM   696 N N   . ASN A 1 97  ? 12.170  4.934   26.824  1.00 43.06  ? 96  ASN A N   1 
ATOM   697 C CA  . ASN A 1 97  ? 13.138  4.881   27.916  1.00 44.11  ? 96  ASN A CA  1 
ATOM   698 C C   . ASN A 1 97  ? 14.567  4.695   27.405  1.00 44.73  ? 96  ASN A C   1 
ATOM   699 O O   . ASN A 1 97  ? 15.482  4.431   28.185  1.00 40.86  ? 96  ASN A O   1 
ATOM   700 C CB  . ASN A 1 97  ? 12.758  3.761   28.893  1.00 45.38  ? 96  ASN A CB  1 
ATOM   701 C CG  . ASN A 1 97  ? 11.433  4.033   29.600  1.00 55.43  ? 96  ASN A CG  1 
ATOM   702 O OD1 . ASN A 1 97  ? 11.216  5.121   30.129  1.00 58.99  ? 96  ASN A OD1 1 
ATOM   703 N ND2 . ASN A 1 97  ? 10.538  3.050   29.597  1.00 53.61  ? 96  ASN A ND2 1 
ATOM   704 N N   . GLU A 1 98  ? 14.746  4.841   26.093  1.00 38.85  ? 97  GLU A N   1 
ATOM   705 C CA  . GLU A 1 98  ? 16.045  4.644   25.446  1.00 40.38  ? 97  GLU A CA  1 
ATOM   706 C C   . GLU A 1 98  ? 16.524  3.202   25.589  1.00 38.60  ? 97  GLU A C   1 
ATOM   707 O O   . GLU A 1 98  ? 17.735  2.933   25.608  1.00 34.85  ? 97  GLU A O   1 
ATOM   708 C CB  . GLU A 1 98  ? 17.105  5.616   25.992  1.00 47.72  ? 97  GLU A CB  1 
ATOM   709 C CG  . GLU A 1 98  ? 16.684  7.084   26.003  1.00 63.09  ? 97  GLU A CG  1 
ATOM   710 C CD  . GLU A 1 98  ? 16.707  7.719   24.624  1.00 79.78  ? 97  GLU A CD  1 
ATOM   711 O OE1 . GLU A 1 98  ? 17.643  8.497   24.347  1.00 87.49  ? 97  GLU A OE1 1 
ATOM   712 O OE2 . GLU A 1 98  ? 15.788  7.453   23.821  1.00 85.83  ? 97  GLU A OE2 1 
ATOM   713 N N   . LYS A 1 99  ? 15.581  2.270   25.696  1.00 36.93  ? 98  LYS A N   1 
ATOM   714 C CA  . LYS A 1 99  ? 15.934  0.860   25.591  1.00 38.53  ? 98  LYS A CA  1 
ATOM   715 C C   . LYS A 1 99  ? 15.976  0.470   24.123  1.00 32.51  ? 98  LYS A C   1 
ATOM   716 O O   . LYS A 1 99  ? 15.123  0.886   23.330  1.00 34.22  ? 98  LYS A O   1 
ATOM   717 C CB  . LYS A 1 99  ? 14.929  -0.025  26.327  1.00 37.87  ? 98  LYS A CB  1 
ATOM   718 C CG  . LYS A 1 99  ? 14.927  0.162   27.830  1.00 46.08  ? 98  LYS A CG  1 
ATOM   719 C CD  . LYS A 1 99  ? 13.900  -0.756  28.479  1.00 52.16  ? 98  LYS A CD  1 
ATOM   720 C CE  . LYS A 1 99  ? 13.739  -0.454  29.959  1.00 53.58  ? 98  LYS A CE  1 
ATOM   721 N NZ  . LYS A 1 99  ? 12.651  -1.280  30.544  1.00 64.92  ? 98  LYS A NZ  1 
ATOM   722 N N   . VAL A 1 100 ? 16.968  -0.328  23.755  1.00 33.09  ? 99  VAL A N   1 
ATOM   723 C CA  . VAL A 1 100 ? 17.079  -0.767  22.374  1.00 31.41  ? 99  VAL A CA  1 
ATOM   724 C C   . VAL A 1 100 ? 16.105  -1.918  22.117  1.00 35.45  ? 99  VAL A C   1 
ATOM   725 O O   . VAL A 1 100 ? 16.126  -2.931  22.822  1.00 38.74  ? 99  VAL A O   1 
ATOM   726 C CB  . VAL A 1 100 ? 18.512  -1.189  22.035  1.00 33.55  ? 99  VAL A CB  1 
ATOM   727 C CG1 . VAL A 1 100 ? 18.607  -1.636  20.588  1.00 37.64  ? 99  VAL A CG1 1 
ATOM   728 C CG2 . VAL A 1 100 ? 19.462  -0.039  22.286  1.00 36.09  ? 99  VAL A CG2 1 
ATOM   729 N N   . VAL A 1 101 ? 15.243  -1.744  21.120  1.00 29.35  ? 100 VAL A N   1 
ATOM   730 C CA  . VAL A 1 101 ? 14.245  -2.750  20.774  1.00 33.43  ? 100 VAL A CA  1 
ATOM   731 C C   . VAL A 1 101 ? 14.450  -3.236  19.338  1.00 28.93  ? 100 VAL A C   1 
ATOM   732 O O   . VAL A 1 101 ? 14.729  -2.436  18.445  1.00 30.82  ? 100 VAL A O   1 
ATOM   733 C CB  . VAL A 1 101 ? 12.814  -2.188  20.921  1.00 35.22  ? 100 VAL A CB  1 
ATOM   734 C CG1 . VAL A 1 101 ? 11.781  -3.269  20.640  1.00 32.64  ? 100 VAL A CG1 1 
ATOM   735 C CG2 . VAL A 1 101 ? 12.609  -1.607  22.328  1.00 37.91  ? 100 VAL A CG2 1 
ATOM   736 N N   . LEU A 1 102 ? 14.333  -4.547  19.132  1.00 29.92  ? 101 LEU A N   1 
ATOM   737 C CA  . LEU A 1 102 ? 14.341  -5.119  17.786  1.00 29.57  ? 101 LEU A CA  1 
ATOM   738 C C   . LEU A 1 102 ? 12.980  -5.751  17.559  1.00 29.31  ? 101 LEU A C   1 
ATOM   739 O O   . LEU A 1 102 ? 12.569  -6.623  18.318  1.00 31.63  ? 101 LEU A O   1 
ATOM   740 C CB  . LEU A 1 102 ? 15.432  -6.186  17.653  1.00 30.91  ? 101 LEU A CB  1 
ATOM   741 C CG  . LEU A 1 102 ? 15.542  -6.887  16.289  1.00 37.16  ? 101 LEU A CG  1 
ATOM   742 C CD1 . LEU A 1 102 ? 15.689  -5.882  15.157  1.00 31.79  ? 101 LEU A CD1 1 
ATOM   743 C CD2 . LEU A 1 102 ? 16.716  -7.847  16.273  1.00 39.38  ? 101 LEU A CD2 1 
ATOM   744 N N   . LYS A 1 103 ? 12.274  -5.316  16.526  1.00 27.13  ? 102 LYS A N   1 
ATOM   745 C CA  . LYS A 1 103 ? 10.909  -5.782  16.338  1.00 29.91  ? 102 LYS A CA  1 
ATOM   746 C C   . LYS A 1 103 ? 10.571  -5.962  14.866  1.00 29.91  ? 102 LYS A C   1 
ATOM   747 O O   . LYS A 1 103 ? 10.982  -5.155  14.027  1.00 32.00  ? 102 LYS A O   1 
ATOM   748 C CB  . LYS A 1 103 ? 9.948   -4.767  16.976  1.00 31.16  ? 102 LYS A CB  1 
ATOM   749 C CG  . LYS A 1 103 ? 8.480   -4.972  16.641  1.00 34.70  ? 102 LYS A CG  1 
ATOM   750 C CD  . LYS A 1 103 ? 7.594   -4.096  17.527  1.00 39.07  ? 102 LYS A CD  1 
ATOM   751 C CE  . LYS A 1 103 ? 6.277   -3.776  16.833  1.00 51.18  ? 102 LYS A CE  1 
ATOM   752 N NZ  . LYS A 1 103 ? 5.635   -4.988  16.253  1.00 56.61  ? 102 LYS A NZ  1 
ATOM   753 N N   . ASN A 1 104 ? 9.829   -7.024  14.560  1.00 31.50  ? 103 ASN A N   1 
ATOM   754 C CA  . ASN A 1 104 ? 9.260   -7.192  13.232  1.00 28.64  ? 103 ASN A CA  1 
ATOM   755 C C   . ASN A 1 104 ? 7.954   -6.417  13.129  1.00 33.45  ? 103 ASN A C   1 
ATOM   756 O O   . ASN A 1 104 ? 6.975   -6.746  13.801  1.00 37.81  ? 103 ASN A O   1 
ATOM   757 C CB  . ASN A 1 104 ? 9.017   -8.673  12.929  1.00 31.14  ? 103 ASN A CB  1 
ATOM   758 C CG  . ASN A 1 104 ? 10.305  -9.450  12.765  1.00 41.91  ? 103 ASN A CG  1 
ATOM   759 O OD1 . ASN A 1 104 ? 11.372  -8.873  12.564  1.00 41.12  ? 103 ASN A OD1 1 
ATOM   760 N ND2 . ASN A 1 104 ? 10.208  -10.769 12.842  1.00 41.86  ? 103 ASN A ND2 1 
ATOM   761 N N   . TYR A 1 105 ? 7.942   -5.388  12.290  1.00 35.64  ? 104 TYR A N   1 
ATOM   762 C CA  . TYR A 1 105 ? 6.726   -4.625  12.028  1.00 35.29  ? 104 TYR A CA  1 
ATOM   763 C C   . TYR A 1 105 ? 5.978   -5.186  10.829  1.00 43.94  ? 104 TYR A C   1 
ATOM   764 O O   . TYR A 1 105 ? 6.553   -5.308  9.753   1.00 32.85  ? 104 TYR A O   1 
ATOM   765 C CB  . TYR A 1 105 ? 7.082   -3.163  11.746  1.00 34.96  ? 104 TYR A CB  1 
ATOM   766 C CG  . TYR A 1 105 ? 7.412   -2.355  12.973  1.00 38.25  ? 104 TYR A CG  1 
ATOM   767 C CD1 . TYR A 1 105 ? 8.658   -2.449  13.571  1.00 35.89  ? 104 TYR A CD1 1 
ATOM   768 C CD2 . TYR A 1 105 ? 6.479   -1.485  13.526  1.00 39.85  ? 104 TYR A CD2 1 
ATOM   769 C CE1 . TYR A 1 105 ? 8.968   -1.709  14.686  1.00 39.84  ? 104 TYR A CE1 1 
ATOM   770 C CE2 . TYR A 1 105 ? 6.781   -0.739  14.643  1.00 39.69  ? 104 TYR A CE2 1 
ATOM   771 C CZ  . TYR A 1 105 ? 8.027   -0.858  15.219  1.00 41.84  ? 104 TYR A CZ  1 
ATOM   772 O OH  . TYR A 1 105 ? 8.337   -0.114  16.336  1.00 49.64  ? 104 TYR A OH  1 
ATOM   773 N N   . GLN A 1 106 ? 4.700   -5.505  11.013  1.00 33.60  ? 105 GLN A N   1 
ATOM   774 C CA  . GLN A 1 106 ? 3.870   -6.051  9.938   1.00 32.69  ? 105 GLN A CA  1 
ATOM   775 C C   . GLN A 1 106 ? 3.436   -4.957  8.979   1.00 27.31  ? 105 GLN A C   1 
ATOM   776 O O   . GLN A 1 106 ? 3.457   -3.767  9.327   1.00 27.69  ? 105 GLN A O   1 
ATOM   777 C CB  . GLN A 1 106 ? 2.615   -6.739  10.504  1.00 37.68  ? 105 GLN A CB  1 
ATOM   778 C CG  . GLN A 1 106 ? 2.889   -7.900  11.477  1.00 45.47  ? 105 GLN A CG  1 
ATOM   779 C CD  . GLN A 1 106 ? 3.927   -8.875  10.947  1.00 42.95  ? 105 GLN A CD  1 
ATOM   780 O OE1 . GLN A 1 106 ? 3.735   -9.496  9.903   1.00 48.69  ? 105 GLN A OE1 1 
ATOM   781 N NE2 . GLN A 1 106 ? 5.043   -8.994  11.656  1.00 42.84  ? 105 GLN A NE2 1 
ATOM   782 N N   . ASP A 1 107 ? 3.039   -5.360  7.773   1.00 27.58  ? 106 ASP A N   1 
ATOM   783 C CA  . ASP A 1 107 ? 2.394   -4.451  6.820   1.00 29.35  ? 106 ASP A CA  1 
ATOM   784 C C   . ASP A 1 107 ? 3.224   -3.217  6.485   1.00 28.53  ? 106 ASP A C   1 
ATOM   785 O O   . ASP A 1 107 ? 2.686   -2.110  6.391   1.00 26.55  ? 106 ASP A O   1 
ATOM   786 C CB  . ASP A 1 107 ? 1.020   -4.026  7.341   1.00 30.12  ? 106 ASP A CB  1 
ATOM   787 C CG  . ASP A 1 107 ? 0.078   -5.198  7.521   1.00 36.58  ? 106 ASP A CG  1 
ATOM   788 O OD1 . ASP A 1 107 ? 0.195   -6.172  6.757   1.00 36.63  ? 106 ASP A OD1 1 
ATOM   789 O OD2 . ASP A 1 107 ? -0.772  -5.140  8.425   1.00 33.74  ? 106 ASP A OD2 1 
ATOM   790 N N   . MET A 1 108 ? 4.524   -3.417  6.288   1.00 27.02  ? 107 MET A N   1 
ATOM   791 C CA  . MET A 1 108 ? 5.447   -2.312  6.046   1.00 27.75  ? 107 MET A CA  1 
ATOM   792 C C   . MET A 1 108 ? 5.815   -2.157  4.575   1.00 26.92  ? 107 MET A C   1 
ATOM   793 O O   . MET A 1 108 ? 6.169   -1.058  4.135   1.00 27.86  ? 107 MET A O   1 
ATOM   794 C CB  . MET A 1 108 ? 6.723   -2.498  6.870   1.00 28.29  ? 107 MET A CB  1 
ATOM   795 C CG  . MET A 1 108 ? 6.480   -2.417  8.359   1.00 25.81  ? 107 MET A CG  1 
ATOM   796 S SD  . MET A 1 108 ? 6.153   -0.710  8.884   1.00 30.37  ? 107 MET A SD  1 
ATOM   797 C CE  . MET A 1 108 ? 7.808   -0.030  8.791   1.00 32.46  ? 107 MET A CE  1 
ATOM   798 N N   . VAL A 1 109 ? 5.735   -3.253  3.823   1.00 26.61  ? 108 VAL A N   1 
ATOM   799 C CA  . VAL A 1 109 ? 6.163   -3.269  2.423   1.00 26.57  ? 108 VAL A CA  1 
ATOM   800 C C   . VAL A 1 109 ? 5.040   -3.793  1.547   1.00 28.33  ? 108 VAL A C   1 
ATOM   801 O O   . VAL A 1 109 ? 4.533   -4.895  1.776   1.00 26.76  ? 108 VAL A O   1 
ATOM   802 C CB  . VAL A 1 109 ? 7.405   -4.162  2.232   1.00 26.88  ? 108 VAL A CB  1 
ATOM   803 C CG1 . VAL A 1 109 ? 7.795   -4.281  0.744   1.00 26.53  ? 108 VAL A CG1 1 
ATOM   804 C CG2 . VAL A 1 109 ? 8.569   -3.612  3.039   1.00 30.89  ? 108 VAL A CG2 1 
ATOM   805 N N   . VAL A 1 110 ? 4.643   -3.015  0.546   1.00 25.07  ? 109 VAL A N   1 
ATOM   806 C CA  . VAL A 1 110 ? 3.628   -3.497  -0.384  1.00 25.37  ? 109 VAL A CA  1 
ATOM   807 C C   . VAL A 1 110 ? 4.226   -4.587  -1.278  1.00 29.20  ? 109 VAL A C   1 
ATOM   808 O O   . VAL A 1 110 ? 5.297   -4.393  -1.870  1.00 29.49  ? 109 VAL A O   1 
ATOM   809 C CB  . VAL A 1 110 ? 3.087   -2.365  -1.272  1.00 26.81  ? 109 VAL A CB  1 
ATOM   810 C CG1 . VAL A 1 110 ? 2.129   -2.933  -2.328  1.00 29.84  ? 109 VAL A CG1 1 
ATOM   811 C CG2 . VAL A 1 110 ? 2.376   -1.326  -0.429  1.00 30.63  ? 109 VAL A CG2 1 
ATOM   812 N N   . GLU A 1 111 ? 3.549   -5.734  -1.366  1.00 25.77  ? 110 GLU A N   1 
ATOM   813 C CA  . GLU A 1 111 ? 4.001   -6.817  -2.250  1.00 27.65  ? 110 GLU A CA  1 
ATOM   814 C C   . GLU A 1 111 ? 3.028   -7.058  -3.380  1.00 34.45  ? 110 GLU A C   1 
ATOM   815 O O   . GLU A 1 111 ? 3.382   -7.631  -4.402  1.00 34.88  ? 110 GLU A O   1 
ATOM   816 C CB  . GLU A 1 111 ? 4.199   -8.124  -1.477  1.00 30.59  ? 110 GLU A CB  1 
ATOM   817 C CG  . GLU A 1 111 ? 5.266   -8.057  -0.391  1.00 27.40  ? 110 GLU A CG  1 
ATOM   818 C CD  . GLU A 1 111 ? 6.681   -8.017  -0.942  1.00 36.47  ? 110 GLU A CD  1 
ATOM   819 O OE1 . GLU A 1 111 ? 6.867   -8.020  -2.184  1.00 34.30  ? 110 GLU A OE1 1 
ATOM   820 O OE2 . GLU A 1 111 ? 7.613   -8.003  -0.117  1.00 37.07  ? 110 GLU A OE2 1 
ATOM   821 N N   . GLY A 1 112 ? 1.785   -6.636  -3.203  1.00 28.62  ? 111 GLY A N   1 
ATOM   822 C CA  . GLY A 1 112 ? 0.815   -6.828  -4.274  1.00 31.64  ? 111 GLY A CA  1 
ATOM   823 C C   . GLY A 1 112 ? -0.218  -5.727  -4.235  1.00 31.51  ? 111 GLY A C   1 
ATOM   824 O O   . GLY A 1 112 ? -0.514  -5.203  -3.154  1.00 28.94  ? 111 GLY A O   1 
ATOM   825 N N   . CYS A 1 113 ? -0.746  -5.369  -5.405  1.00 28.90  ? 112 CYS A N   1 
ATOM   826 C CA  . CYS A 1 113 ? -1.768  -4.326  -5.517  1.00 27.77  ? 112 CYS A CA  1 
ATOM   827 C C   . CYS A 1 113 ? -3.002  -4.904  -6.191  1.00 30.14  ? 112 CYS A C   1 
ATOM   828 O O   . CYS A 1 113 ? -2.904  -5.865  -6.962  1.00 34.82  ? 112 CYS A O   1 
ATOM   829 C CB  . CYS A 1 113 ? -1.237  -3.164  -6.367  1.00 31.98  ? 112 CYS A CB  1 
ATOM   830 S SG  . CYS A 1 113 ? 0.204   -2.320  -5.676  1.00 32.69  ? 112 CYS A SG  1 
ATOM   831 N N   . GLY A 1 114 ? -4.160  -4.312  -5.916  1.00 30.63  ? 113 GLY A N   1 
ATOM   832 C CA  . GLY A 1 114 ? -5.383  -4.722  -6.576  1.00 29.60  ? 113 GLY A CA  1 
ATOM   833 C C   . GLY A 1 114 ? -6.440  -3.648  -6.466  1.00 30.00  ? 113 GLY A C   1 
ATOM   834 O O   . GLY A 1 114 ? -6.249  -2.644  -5.774  1.00 30.79  ? 113 GLY A O   1 
ATOM   835 N N   . CYS A 1 115 ? -7.555  -3.857  -7.154  1.00 27.27  ? 114 CYS A N   1 
ATOM   836 C CA  . CYS A 1 115 ? -8.664  -2.913  -7.100  1.00 30.10  ? 114 CYS A CA  1 
ATOM   837 C C   . CYS A 1 115 ? -9.695  -3.392  -6.087  1.00 32.12  ? 114 CYS A C   1 
ATOM   838 O O   . CYS A 1 115 ? -10.124 -4.553  -6.120  1.00 30.00  ? 114 CYS A O   1 
ATOM   839 C CB  . CYS A 1 115 ? -9.281  -2.745  -8.489  1.00 34.11  ? 114 CYS A CB  1 
ATOM   840 S SG  . CYS A 1 115 ? -8.082  -2.045  -9.657  1.00 36.50  ? 114 CYS A SG  1 
ATOM   841 N N   . ARG A 1 116 ? -10.082 -2.500  -5.174  1.00 31.58  ? 115 ARG A N   1 
ATOM   842 C CA  . ARG A 1 116 ? -10.958 -2.871  -4.065  1.00 29.21  ? 115 ARG A CA  1 
ATOM   843 C C   . ARG A 1 116 ? -12.078 -1.865  -3.842  1.00 34.37  ? 115 ARG A C   1 
ATOM   844 O O   . ARG A 1 116 ? -11.997 -0.686  -4.223  1.00 31.15  ? 115 ARG A O   1 
ATOM   845 C CB  . ARG A 1 116 ? -10.140 -3.015  -2.774  1.00 28.60  ? 115 ARG A CB  1 
ATOM   846 C CG  . ARG A 1 116 ? -9.144  -4.171  -2.787  1.00 30.46  ? 115 ARG A CG  1 
ATOM   847 C CD  . ARG A 1 116 ? -9.876  -5.497  -2.775  1.00 32.31  ? 115 ARG A CD  1 
ATOM   848 N NE  . ARG A 1 116 ? -8.998  -6.652  -2.594  1.00 40.58  ? 115 ARG A NE  1 
ATOM   849 C CZ  . ARG A 1 116 ? -8.403  -7.282  -3.596  1.00 43.37  ? 115 ARG A CZ  1 
ATOM   850 N NH1 . ARG A 1 116 ? -8.561  -6.833  -4.836  1.00 45.03  ? 115 ARG A NH1 1 
ATOM   851 N NH2 . ARG A 1 116 ? -7.638  -8.345  -3.367  1.00 36.14  ? 115 ARG A NH2 1 
ATOM   852 O OXT . ARG A 1 116 ? -13.094 -2.226  -3.258  1.00 28.36  ? 115 ARG A OXT 1 
HETATM 853 O O   . HOH B 2 .   ? -13.140 0.747   -10.916 1.00 36.43  ? 201 HOH A O   1 
HETATM 854 O O   . HOH B 2 .   ? -13.891 0.901   -3.089  1.00 31.86  ? 202 HOH A O   1 
HETATM 855 O O   . HOH B 2 .   ? 20.752  8.703   8.489   0.70 28.94  ? 203 HOH A O   1 
HETATM 856 O O   . HOH B 2 .   ? -16.578 0.500   -2.127  1.00 28.95  ? 204 HOH A O   1 
HETATM 857 O O   . HOH B 2 .   ? -3.770  -2.803  2.570   1.00 29.46  ? 205 HOH A O   1 
HETATM 858 O O   . HOH B 2 .   ? -13.469 -4.759  -2.029  1.00 26.69  ? 206 HOH A O   1 
HETATM 859 O O   . HOH B 2 .   ? -15.640 -2.199  -4.048  1.00 27.84  ? 207 HOH A O   1 
HETATM 860 O O   . HOH B 2 .   ? -7.114  3.739   -8.247  1.00 33.13  ? 208 HOH A O   1 
HETATM 861 O O   . HOH B 2 .   ? -0.675  -2.720  9.880   1.00 34.47  ? 209 HOH A O   1 
HETATM 862 O O   . HOH B 2 .   ? 9.617   -7.187  3.520   1.00 39.02  ? 210 HOH A O   1 
HETATM 863 O O   . HOH B 2 .   ? 14.032  12.790  12.085  1.00 46.07  ? 211 HOH A O   1 
HETATM 864 O O   . HOH B 2 .   ? 12.909  -3.967  -2.024  1.00 39.55  ? 212 HOH A O   1 
HETATM 865 O O   . HOH B 2 .   ? -4.385  4.663   -4.341  1.00 44.10  ? 213 HOH A O   1 
HETATM 866 O O   . HOH B 2 .   ? 18.432  11.424  5.404   1.00 40.55  ? 214 HOH A O   1 
HETATM 867 O O   . HOH B 2 .   ? 3.282   -8.023  7.055   1.00 34.62  ? 215 HOH A O   1 
HETATM 868 O O   . HOH B 2 .   ? -0.843  -8.989  3.431   1.00 36.38  ? 216 HOH A O   1 
HETATM 869 O O   . HOH B 2 .   ? -19.374 -13.228 -8.750  1.00 43.30  ? 217 HOH A O   1 
HETATM 870 O O   . HOH B 2 .   ? 11.767  -3.235  0.583   1.00 36.99  ? 218 HOH A O   1 
HETATM 871 O O   . HOH B 2 .   ? 13.541  -6.673  7.445   1.00 44.21  ? 219 HOH A O   1 
HETATM 872 O O   . HOH B 2 .   ? 6.955   -11.089 10.768  1.00 45.95  ? 220 HOH A O   1 
HETATM 873 O O   . HOH B 2 .   ? -4.360  -5.136  4.089   1.00 47.29  ? 221 HOH A O   1 
HETATM 874 O O   . HOH B 2 .   ? 7.767   -12.102 12.924  1.00 43.52  ? 222 HOH A O   1 
HETATM 875 O O   . HOH B 2 .   ? -10.507 -11.580 -8.431  1.00 50.11  ? 223 HOH A O   1 
HETATM 876 O O   . HOH B 2 .   ? 6.376   -10.817 6.014   1.00 42.38  ? 224 HOH A O   1 
HETATM 877 O O   . HOH B 2 .   ? 12.523  -3.093  -6.518  1.00 45.92  ? 225 HOH A O   1 
HETATM 878 O O   . HOH B 2 .   ? 2.195   -4.644  -9.593  1.00 50.44  ? 226 HOH A O   1 
HETATM 879 O O   . HOH B 2 .   ? 17.019  -4.215  25.037  1.00 36.35  ? 227 HOH A O   1 
HETATM 880 O O   . HOH B 2 .   ? -9.535  4.188   -9.225  1.00 51.03  ? 228 HOH A O   1 
HETATM 881 O O   . HOH B 2 .   ? -14.560 7.803   -9.311  1.00 49.93  ? 229 HOH A O   1 
HETATM 882 O O   . HOH B 2 .   ? 11.376  9.649   1.738   1.00 43.65  ? 230 HOH A O   1 
HETATM 883 O O   . HOH B 2 .   ? 18.870  9.881   12.065  1.00 48.26  ? 231 HOH A O   1 
HETATM 884 O O   . HOH B 2 .   ? 15.290  -4.171  8.144   1.00 46.51  ? 232 HOH A O   1 
HETATM 885 O O   . HOH B 2 .   ? 9.438   -0.859  24.536  1.00 48.99  ? 233 HOH A O   1 
HETATM 886 O O   . HOH B 2 .   ? 16.755  -0.530  3.606   1.00 51.70  ? 234 HOH A O   1 
HETATM 887 O O   . HOH B 2 .   ? -9.714  -4.817  -16.578 1.00 53.21  ? 235 HOH A O   1 
HETATM 888 O O   . HOH B 2 .   ? -6.147  -9.351  -0.117  1.00 56.26  ? 236 HOH A O   1 
HETATM 889 O O   . HOH B 2 .   ? 19.776  2.520   9.575   1.00 48.77  ? 237 HOH A O   1 
HETATM 890 O O   . HOH B 2 .   ? 10.841  0.680   28.308  1.00 52.99  ? 238 HOH A O   1 
HETATM 891 O O   . HOH B 2 .   ? 8.197   -0.019  22.106  1.00 49.83  ? 239 HOH A O   1 
HETATM 892 O O   . HOH B 2 .   ? 5.151   11.447  14.502  1.00 60.13  ? 240 HOH A O   1 
HETATM 893 O O   . HOH B 2 .   ? 11.403  -6.136  1.768   1.00 51.48  ? 241 HOH A O   1 
HETATM 894 O O   . HOH B 2 .   ? 6.304   13.590  12.262  1.00 57.03  ? 242 HOH A O   1 
HETATM 895 O O   . HOH B 2 .   ? 4.335   -10.736 7.585   1.00 56.99  ? 243 HOH A O   1 
HETATM 896 O O   . HOH B 2 .   ? -19.411 -14.072 -10.439 1.00 68.27  ? 244 HOH A O   1 
HETATM 897 O O   . HOH B 2 .   ? 14.658  -5.764  25.724  1.00 58.68  ? 245 HOH A O   1 
HETATM 898 O O   . HOH B 2 .   ? -0.468  -3.627  12.286  1.00 69.83  ? 246 HOH A O   1 
HETATM 899 O O   . HOH B 2 .   ? 9.092   -14.367 11.999  1.00 58.05  ? 247 HOH A O   1 
HETATM 900 O O   . HOH B 2 .   ? 0.599   -9.788  9.425   1.00 62.93  ? 248 HOH A O   1 
HETATM 901 O O   . HOH B 2 .   ? -11.566 4.280   -13.228 1.00 56.90  ? 249 HOH A O   1 
HETATM 902 O O   . HOH B 2 .   ? -12.694 -2.932  -18.392 1.00 56.40  ? 250 HOH A O   1 
HETATM 903 O O   . HOH B 2 .   ? -3.583  -6.456  -9.555  1.00 54.55  ? 251 HOH A O   1 
HETATM 904 O O   . HOH B 2 .   ? 9.964   -7.491  -0.524  0.50 40.79  ? 252 HOH A O   1 
HETATM 905 O O   . HOH B 2 .   ? 16.124  11.114  1.362   1.00 56.12  ? 253 HOH A O   1 
HETATM 906 O O   . HOH B 2 .   ? -27.045 3.634   -4.273  1.00 48.30  ? 254 HOH A O   1 
HETATM 907 O O   . HOH B 2 .   ? -15.269 4.360   -16.254 1.00 68.51  ? 255 HOH A O   1 
HETATM 908 O O   . HOH B 2 .   ? -12.905 2.087   -17.614 1.00 60.13  ? 256 HOH A O   1 
HETATM 909 O O   . HOH B 2 .   ? 21.905  3.391   8.019   1.00 45.38  ? 257 HOH A O   1 
HETATM 910 O O   . HOH B 2 .   ? 0.530   -5.995  -8.012  1.00 43.89  ? 258 HOH A O   1 
HETATM 911 O O   . HOH B 2 .   ? 19.713  2.947   6.482   1.00 53.86  ? 259 HOH A O   1 
HETATM 912 O O   . HOH B 2 .   ? -5.829  5.863   -6.668  1.00 57.53  ? 260 HOH A O   1 
HETATM 913 O O   . HOH B 2 .   ? -3.962  5.762   -8.138  1.00 54.52  ? 261 HOH A O   1 
HETATM 914 O O   . HOH B 2 .   ? -6.718  -4.109  0.799   1.00 57.86  ? 262 HOH A O   1 
HETATM 915 O O   . HOH B 2 .   ? 20.325  10.910  4.729   1.00 77.55  ? 263 HOH A O   1 
HETATM 916 O O   . HOH B 2 .   ? -14.049 3.062   -3.350  1.00 60.01  ? 264 HOH A O   1 
HETATM 917 O O   . HOH B 2 .   ? -1.342  -7.369  9.996   1.00 62.19  ? 265 HOH A O   1 
HETATM 918 O O   . HOH B 2 .   ? 19.890  11.356  14.093  1.00 69.82  ? 266 HOH A O   1 
HETATM 919 O O   . HOH B 2 .   ? 13.696  -7.763  5.400   0.50 60.70  ? 267 HOH A O   1 
HETATM 920 O O   . HOH B 2 .   ? 3.407   -4.319  13.713  1.00 28.03  ? 268 HOH A O   1 
HETATM 921 O O   . HOH B 2 .   ? 1.319   11.150  -7.466  1.00 76.77  ? 269 HOH A O   1 
HETATM 922 O O   . HOH B 2 .   ? 4.067   -6.434  15.413  1.00 68.26  ? 270 HOH A O   1 
HETATM 923 O O   . HOH B 2 .   ? 6.339   -0.353  18.999  1.00 60.28  ? 271 HOH A O   1 
HETATM 924 O O   . HOH B 2 .   ? 10.435  14.736  15.324  1.00 74.90  ? 272 HOH A O   1 
# 
loop_
_atom_site_anisotrop.id 
_atom_site_anisotrop.type_symbol 
_atom_site_anisotrop.pdbx_label_atom_id 
_atom_site_anisotrop.pdbx_label_alt_id 
_atom_site_anisotrop.pdbx_label_comp_id 
_atom_site_anisotrop.pdbx_label_asym_id 
_atom_site_anisotrop.pdbx_label_seq_id 
_atom_site_anisotrop.pdbx_PDB_ins_code 
_atom_site_anisotrop.U[1][1] 
_atom_site_anisotrop.U[2][2] 
_atom_site_anisotrop.U[3][3] 
_atom_site_anisotrop.U[1][2] 
_atom_site_anisotrop.U[1][3] 
_atom_site_anisotrop.U[2][3] 
_atom_site_anisotrop.pdbx_auth_seq_id 
_atom_site_anisotrop.pdbx_auth_comp_id 
_atom_site_anisotrop.pdbx_auth_asym_id 
_atom_site_anisotrop.pdbx_auth_atom_id 
1   N N   . LYS A 12  ? 1.0387 1.4463 0.7796 -0.1707 0.0050  0.1122  11  LYS A N   
2   C CA  . LYS A 12  ? 0.9866 1.4597 0.6847 -0.1894 0.0042  0.1067  11  LYS A CA  
3   C C   . LYS A 12  ? 1.0749 1.4928 0.7035 -0.2014 -0.0245 0.1489  11  LYS A C   
4   O O   . LYS A 12  ? 1.0995 1.5550 0.7022 -0.2285 -0.0189 0.1504  11  LYS A O   
5   C CB  . LYS A 12  ? 0.8725 1.3955 0.6189 -0.1585 0.0083  0.0580  11  LYS A CB  
6   C CG  . LYS A 12  ? 0.9460 1.5574 0.6592 -0.1765 0.0120  0.0410  11  LYS A CG  
7   C CD  . LYS A 12  ? 0.9679 1.6115 0.7168 -0.1447 0.0063  0.0004  11  LYS A CD  
8   C CE  . LYS A 12  ? 1.0079 1.5950 0.7157 -0.1251 -0.0277 0.0274  11  LYS A CE  
9   N NZ  . LYS A 12  ? 1.1086 1.6777 0.7366 -0.1469 -0.0466 0.0694  11  LYS A NZ  
10  N N   . SER A 13  ? 0.9960 1.3223 0.5981 -0.1798 -0.0557 0.1795  12  SER A N   
11  C CA  . SER A 13  ? 0.8704 1.1281 0.4950 -0.1591 -0.0666 0.1928  12  SER A CA  
12  C C   . SER A 13  ? 0.7660 1.0212 0.4537 -0.1137 -0.0701 0.1600  12  SER A C   
13  O O   . SER A 13  ? 0.7271 0.9152 0.4209 -0.0884 -0.0927 0.1723  12  SER A O   
14  C CB  . SER A 13  ? 0.9889 1.1400 0.5702 -0.1537 -0.0983 0.2302  12  SER A CB  
15  O OG  . SER A 13  ? 1.1474 1.2815 0.6867 -0.1355 -0.1254 0.2352  12  SER A OG  
16  N N   . SER A 14  ? 0.6104 0.9354 0.3507 -0.1036 -0.0473 0.1138  13  SER A N   
17  C CA  . SER A 14  ? 0.6218 0.9398 0.4271 -0.0685 -0.0447 0.0804  13  SER A CA  
18  C C   . SER A 14  ? 0.6253 0.9109 0.4798 -0.0627 -0.0275 0.0767  13  SER A C   
19  O O   . SER A 14  ? 0.4821 0.7710 0.3331 -0.0833 -0.0128 0.0875  13  SER A O   
20  C CB  . SER A 14  ? 0.6827 1.0761 0.5253 -0.0626 -0.0280 0.0321  13  SER A CB  
21  O OG  . SER A 14  ? 0.7469 1.1894 0.6181 -0.0788 0.0009  0.0092  13  SER A OG  
22  N N   . CYS A 15  ? 0.4316 0.6903 0.3295 -0.0360 -0.0298 0.0604  14  CYS A N   
23  C CA  . CYS A 15  ? 0.3869 0.6153 0.3297 -0.0276 -0.0146 0.0551  14  CYS A CA  
24  C C   . CYS A 15  ? 0.5040 0.7672 0.4756 -0.0388 0.0133  0.0343  14  CYS A C   
25  O O   . CYS A 15  ? 0.3475 0.6569 0.3442 -0.0379 0.0266  -0.0004 14  CYS A O   
26  C CB  . CYS A 15  ? 0.3548 0.5745 0.3405 -0.0051 -0.0140 0.0296  14  CYS A CB  
27  S SG  . CYS A 15  ? 0.3690 0.5485 0.3995 0.0037  0.0033  0.0264  14  CYS A SG  
28  N N   . LYS A 16  ? 0.3568 0.5996 0.3264 -0.0472 0.0195  0.0517  15  LYS A N   
29  C CA  . LYS A 16  ? 0.3340 0.6092 0.3339 -0.0508 0.0414  0.0281  15  LYS A CA  
30  C C   . LYS A 16  ? 0.4299 0.6703 0.4339 -0.0510 0.0435  0.0468  15  LYS A C   
31  O O   . LYS A 16  ? 0.3711 0.5651 0.3521 -0.0529 0.0288  0.0791  15  LYS A O   
32  C CB  . LYS A 16  ? 0.3556 0.7046 0.3359 -0.0746 0.0507  0.0149  15  LYS A CB  
33  C CG  . LYS A 16  ? 0.4133 0.7653 0.3396 -0.1061 0.0446  0.0508  15  LYS A CG  
34  C CD  . LYS A 16  ? 0.4952 0.9333 0.3996 -0.1353 0.0571  0.0352  15  LYS A CD  
35  C CE  . LYS A 16  ? 0.6163 1.0940 0.5158 -0.1290 0.0533  0.0145  15  LYS A CE  
36  N NZ  . LYS A 16  ? 0.7582 1.3194 0.6214 -0.1612 0.0615  0.0074  15  LYS A NZ  
37  N N   . ARG A 17  ? 0.3413 0.6059 0.3762 -0.0461 0.0591  0.0226  16  ARG A N   
38  C CA  . ARG A 17  ? 0.3247 0.5671 0.3686 -0.0431 0.0616  0.0328  16  ARG A CA  
39  C C   . ARG A 17  ? 0.3566 0.6370 0.3709 -0.0751 0.0647  0.0461  16  ARG A C   
40  O O   . ARG A 17  ? 0.3526 0.6974 0.3533 -0.0966 0.0730  0.0318  16  ARG A O   
41  C CB  . ARG A 17  ? 0.3181 0.5712 0.4046 -0.0203 0.0728  -0.0026 16  ARG A CB  
42  C CG  . ARG A 17  ? 0.3118 0.5398 0.4130 -0.0070 0.0734  0.0015  16  ARG A CG  
43  C CD  . ARG A 17  ? 0.5047 0.7787 0.6351 0.0062  0.0818  -0.0402 16  ARG A CD  
44  N NE  . ARG A 17  ? 0.5703 0.8056 0.7214 0.0344  0.0788  -0.0456 16  ARG A NE  
45  C CZ  . ARG A 17  ? 0.2972 0.5600 0.4729 0.0550  0.0795  -0.0812 16  ARG A CZ  
46  N NH1 . ARG A 17  ? 0.5078 0.8461 0.6960 0.0497  0.0848  -0.1190 16  ARG A NH1 
47  N NH2 . ARG A 17  ? 0.3764 0.5949 0.5634 0.0831  0.0728  -0.0810 16  ARG A NH2 
48  N N   . HIS A 18  ? 0.3440 0.5881 0.3474 -0.0817 0.0587  0.0720  17  HIS A N   
49  C CA  . HIS A 18  ? 0.3710 0.6443 0.3467 -0.1183 0.0628  0.0857  17  HIS A CA  
50  C C   . HIS A 18  ? 0.3506 0.6142 0.3536 -0.1089 0.0669  0.0805  17  HIS A C   
51  O O   . HIS A 18  ? 0.3821 0.5997 0.4119 -0.0754 0.0613  0.0791  17  HIS A O   
52  C CB  . HIS A 18  ? 0.4732 0.6957 0.3943 -0.1424 0.0438  0.1305  17  HIS A CB  
53  C CG  . HIS A 18  ? 0.5408 0.7722 0.4261 -0.1514 0.0355  0.1386  17  HIS A CG  
54  N ND1 . HIS A 18  ? 0.5532 0.7486 0.4440 -0.1221 0.0209  0.1389  17  HIS A ND1 
55  C CD2 . HIS A 18  ? 0.5981 0.8754 0.4396 -0.1870 0.0394  0.1450  17  HIS A CD2 
56  C CE1 . HIS A 18  ? 0.5604 0.7784 0.4147 -0.1354 0.0143  0.1439  17  HIS A CE1 
57  N NE2 . HIS A 18  ? 0.6828 0.9482 0.5041 -0.1747 0.0251  0.1497  17  HIS A NE2 
58  N N   . PRO A 19  ? 0.4059 0.7183 0.4013 -0.1402 0.0772  0.0759  18  PRO A N   
59  C CA  . PRO A 19  ? 0.3685 0.6748 0.3898 -0.1310 0.0791  0.0696  18  PRO A CA  
60  C C   . PRO A 19  ? 0.4403 0.6622 0.4466 -0.1273 0.0609  0.1070  18  PRO A C   
61  O O   . PRO A 19  ? 0.4780 0.6522 0.4449 -0.1433 0.0461  0.1403  18  PRO A O   
62  C CB  . PRO A 19  ? 0.4618 0.8451 0.4709 -0.1765 0.0940  0.0581  18  PRO A CB  
63  C CG  . PRO A 19  ? 0.5149 0.9597 0.5096 -0.1923 0.1026  0.0395  18  PRO A CG  
64  C CD  . PRO A 19  ? 0.4412 0.8291 0.4083 -0.1851 0.0901  0.0695  18  PRO A CD  
65  N N   . LEU A 20  ? 0.3210 0.5262 0.3584 -0.1029 0.0593  0.0987  19  LEU A N   
66  C CA  . LEU A 20  ? 0.3836 0.5248 0.4121 -0.1019 0.0431  0.1262  19  LEU A CA  
67  C C   . LEU A 20  ? 0.3189 0.4856 0.3791 -0.0931 0.0494  0.1065  19  LEU A C   
68  O O   . LEU A 20  ? 0.3180 0.4836 0.4109 -0.0530 0.0503  0.0875  19  LEU A O   
69  C CB  . LEU A 20  ? 0.3615 0.4385 0.3965 -0.0648 0.0277  0.1386  19  LEU A CB  
70  C CG  . LEU A 20  ? 0.4157 0.4346 0.4478 -0.0576 0.0086  0.1594  19  LEU A CG  
71  C CD1 . LEU A 20  ? 0.5640 0.5477 0.5529 -0.0940 -0.0075 0.1890  19  LEU A CD1 
72  C CD2 . LEU A 20  ? 0.5530 0.5293 0.5974 -0.0204 -0.0034 0.1624  19  LEU A CD2 
73  N N   . TYR A 21  ? 0.3409 0.5300 0.3879 -0.1329 0.0529  0.1111  20  TYR A N   
74  C CA  . TYR A 21  ? 0.4046 0.6321 0.4832 -0.1291 0.0594  0.0869  20  TYR A CA  
75  C C   . TYR A 21  ? 0.3757 0.5377 0.4603 -0.1118 0.0418  0.1049  20  TYR A C   
76  O O   . TYR A 21  ? 0.4315 0.5430 0.4877 -0.1394 0.0283  0.1340  20  TYR A O   
77  C CB  . TYR A 21  ? 0.4671 0.7616 0.5323 -0.1853 0.0745  0.0774  20  TYR A CB  
78  C CG  . TYR A 21  ? 0.6055 0.9845 0.6731 -0.1969 0.0930  0.0489  20  TYR A CG  
79  C CD1 . TYR A 21  ? 0.7094 1.1519 0.8216 -0.1576 0.1012  0.0016  20  TYR A CD1 
80  C CD2 . TYR A 21  ? 0.7290 1.1092 0.7497 -0.2354 0.0945  0.0649  20  TYR A CD2 
81  C CE1 . TYR A 21  ? 0.7709 1.2830 0.8863 -0.1604 0.1118  -0.0310 20  TYR A CE1 
82  C CE2 . TYR A 21  ? 0.7254 1.1742 0.7470 -0.2364 0.1050  0.0329  20  TYR A CE2 
83  C CZ  . TYR A 21  ? 0.7486 1.2624 0.8185 -0.1995 0.1133  -0.0156 20  TYR A CZ  
84  O OH  . TYR A 21  ? 0.8598 1.4357 0.9308 -0.1975 0.1181  -0.0507 20  TYR A OH  
85  N N   . VAL A 22  ? 0.3164 0.4762 0.4351 -0.0645 0.0394  0.0870  21  VAL A N   
86  C CA  . VAL A 22  ? 0.3073 0.4167 0.4355 -0.0427 0.0234  0.0985  21  VAL A CA  
87  C C   . VAL A 22  ? 0.3522 0.5058 0.5068 -0.0449 0.0276  0.0743  21  VAL A C   
88  O O   . VAL A 22  ? 0.2704 0.4823 0.4509 -0.0245 0.0382  0.0414  21  VAL A O   
89  C CB  . VAL A 22  ? 0.4031 0.4825 0.5453 0.0078  0.0182  0.0968  21  VAL A CB  
90  C CG1 . VAL A 22  ? 0.4552 0.5023 0.6107 0.0321  0.0042  0.1012  21  VAL A CG1 
91  C CG2 . VAL A 22  ? 0.4239 0.4648 0.5436 0.0074  0.0136  0.1169  21  VAL A CG2 
92  N N   . ASP A 23  ? 0.3383 0.4645 0.4863 -0.0694 0.0171  0.0874  22  ASP A N   
93  C CA  . ASP A 23  ? 0.3302 0.4970 0.5060 -0.0732 0.0194  0.0629  22  ASP A CA  
94  C C   . ASP A 23  ? 0.3133 0.4314 0.5035 -0.0363 0.0005  0.0689  22  ASP A C   
95  O O   . ASP A 23  ? 0.4106 0.4670 0.5843 -0.0489 -0.0171 0.0928  22  ASP A O   
96  C CB  . ASP A 23  ? 0.3777 0.5534 0.5344 -0.1381 0.0232  0.0705  22  ASP A CB  
97  C CG  . ASP A 23  ? 0.4096 0.6437 0.5990 -0.1493 0.0294  0.0377  22  ASP A CG  
98  O OD1 . ASP A 23  ? 0.3493 0.5969 0.5729 -0.1021 0.0233  0.0162  22  ASP A OD1 
99  O OD2 . ASP A 23  ? 0.4401 0.7088 0.6188 -0.2079 0.0406  0.0332  22  ASP A OD2 
100 N N   . PHE A 24  ? 0.3505 0.3282 0.5391 -0.0597 -0.0719 0.1228  23  PHE A N   
101 C CA  . PHE A 24  ? 0.3871 0.3471 0.5828 -0.0336 -0.0713 0.0933  23  PHE A CA  
102 C C   . PHE A 24  ? 0.4334 0.3457 0.6383 -0.0382 -0.0887 0.0811  23  PHE A C   
103 O O   . PHE A 24  ? 0.4651 0.3499 0.6788 -0.0160 -0.0920 0.0578  23  PHE A O   
104 C CB  . PHE A 24  ? 0.3169 0.3102 0.4931 -0.0245 -0.0540 0.0723  23  PHE A CB  
105 C CG  . PHE A 24  ? 0.3465 0.3752 0.5176 -0.0129 -0.0377 0.0775  23  PHE A CG  
106 C CD1 . PHE A 24  ? 0.4250 0.4506 0.6134 0.0068  -0.0331 0.0751  23  PHE A CD1 
107 C CD2 . PHE A 24  ? 0.3109 0.3764 0.4671 -0.0216 -0.0288 0.0824  23  PHE A CD2 
108 C CE1 . PHE A 24  ? 0.4175 0.4763 0.6065 0.0144  -0.0189 0.0796  23  PHE A CE1 
109 C CE2 . PHE A 24  ? 0.2964 0.3893 0.4486 -0.0125 -0.0162 0.0868  23  PHE A CE2 
110 C CZ  . PHE A 24  ? 0.3522 0.4418 0.5200 0.0037  -0.0111 0.0865  23  PHE A CZ  
111 N N   . ASN A 25  ? 0.4392 0.3431 0.6442 -0.0681 -0.0980 0.0940  24  ASN A N   
112 C CA  . ASN A 25  ? 0.4491 0.3032 0.6663 -0.0779 -0.1183 0.0862  24  ASN A CA  
113 C C   . ASN A 25  ? 0.5292 0.3288 0.7625 -0.0687 -0.1384 0.0979  24  ASN A C   
114 O O   . ASN A 25  ? 0.5554 0.3079 0.8029 -0.0575 -0.1546 0.0783  24  ASN A O   
115 C CB  . ASN A 25  ? 0.4909 0.3514 0.7124 -0.1181 -0.1220 0.1024  24  ASN A CB  
116 C CG  . ASN A 25  ? 0.5331 0.4397 0.7542 -0.1240 -0.1117 0.0823  24  ASN A CG  
117 O OD1 . ASN A 25  ? 0.5004 0.4105 0.7112 -0.1012 -0.1116 0.0541  24  ASN A OD1 
118 N ND2 . ASN A 25  ? 0.4980 0.4394 0.7298 -0.1552 -0.1036 0.0960  24  ASN A ND2 
119 N N   . LEU A 26  ? 0.5395 0.3426 0.7707 -0.0730 -0.1408 0.1287  25  LEU A N   
120 C CA  . LEU A 26  ? 0.6317 0.3803 0.8791 -0.0651 -0.1676 0.1452  25  LEU A CA  
121 C C   . LEU A 26  ? 0.6151 0.3536 0.8927 -0.0217 -0.1705 0.1154  25  LEU A C   
122 O O   . LEU A 26  ? 0.7112 0.3951 1.0155 -0.0081 -0.1962 0.1110  25  LEU A O   
123 C CB  . LEU A 26  ? 0.7501 0.5061 0.9799 -0.0797 -0.1726 0.1851  25  LEU A CB  
124 C CG  . LEU A 26  ? 0.8150 0.5859 1.0070 -0.1217 -0.1646 0.2110  25  LEU A CG  
125 C CD1 . LEU A 26  ? 0.9060 0.6831 1.0680 -0.1259 -0.1705 0.2354  25  LEU A CD1 
126 C CD2 . LEU A 26  ? 0.9178 0.6484 1.1084 -0.1433 -0.1770 0.2115  25  LEU A CD2 
127 N N   . ILE A 27  ? 0.5120 0.3025 0.7880 -0.0009 -0.1437 0.0943  26  ILE A N   
128 C CA  . ILE A 27  ? 0.5941 0.3868 0.9022 0.0369  -0.1380 0.0648  26  ILE A CA  
129 C C   . ILE A 27  ? 0.6689 0.4603 0.9700 0.0520  -0.1212 0.0205  26  ILE A C   
130 O O   . ILE A 27  ? 0.6767 0.4858 0.9929 0.0793  -0.1024 -0.0095 26  ILE A O   
131 C CB  . ILE A 27  ? 0.5809 0.4265 0.8961 0.0494  -0.1201 0.0710  26  ILE A CB  
132 C CG1 . ILE A 27  ? 0.5325 0.4302 0.8110 0.0391  -0.0895 0.0659  26  ILE A CG1 
133 C CG2 . ILE A 27  ? 0.5735 0.4110 0.8909 0.0361  -0.1432 0.1122  26  ILE A CG2 
134 C CD1 . ILE A 27  ? 0.5198 0.4657 0.8054 0.0490  -0.0721 0.0708  26  ILE A CD1 
135 N N   . GLY A 28  ? 0.5875 0.3579 0.8645 0.0318  -0.1280 0.0158  27  GLY A N   
136 C CA  . GLY A 28  ? 0.6384 0.3919 0.9025 0.0436  -0.1220 -0.0257 27  GLY A CA  
137 C C   . GLY A 28  ? 0.5884 0.3863 0.8126 0.0471  -0.0932 -0.0441 27  GLY A C   
138 O O   . GLY A 28  ? 0.6849 0.4711 0.8884 0.0612  -0.0833 -0.0810 27  GLY A O   
139 N N   . TRP A 29  ? 0.4664 0.3099 0.6749 0.0334  -0.0811 -0.0190 28  TRP A N   
140 C CA  . TRP A 29  ? 0.4398 0.3190 0.6092 0.0356  -0.0587 -0.0314 28  TRP A CA  
141 C C   . TRP A 29  ? 0.5064 0.3968 0.6507 0.0123  -0.0680 -0.0240 28  TRP A C   
142 O O   . TRP A 29  ? 0.4822 0.3996 0.5951 0.0124  -0.0566 -0.0280 28  TRP A O   
143 C CB  . TRP A 29  ? 0.4221 0.3462 0.5966 0.0413  -0.0388 -0.0142 28  TRP A CB  
144 C CG  . TRP A 29  ? 0.4803 0.4071 0.6850 0.0657  -0.0253 -0.0276 28  TRP A CG  
145 C CD1 . TRP A 29  ? 0.5474 0.4431 0.7771 0.0854  -0.0279 -0.0552 28  TRP A CD1 
146 C CD2 . TRP A 29  ? 0.4991 0.4656 0.7214 0.0738  -0.0076 -0.0176 28  TRP A CD2 
147 N NE1 . TRP A 29  ? 0.5731 0.4922 0.8410 0.1062  -0.0113 -0.0643 28  TRP A NE1 
148 C CE2 . TRP A 29  ? 0.4944 0.4572 0.7585 0.0980  0.0008  -0.0402 28  TRP A CE2 
149 C CE3 . TRP A 29  ? 0.4889 0.4941 0.7005 0.0630  0.0009  0.0058  28  TRP A CE3 
150 C CZ2 . TRP A 29  ? 0.5318 0.5325 0.8314 0.1098  0.0175  -0.0391 28  TRP A CZ2 
151 C CZ3 . TRP A 29  ? 0.4390 0.4752 0.6789 0.0740  0.0156  0.0082  28  TRP A CZ3 
152 C CH2 . TRP A 29  ? 0.3852 0.4213 0.6706 0.0962  0.0239  -0.0134 28  TRP A CH2 
153 N N   . GLY A 30  ? 0.5304 0.3999 0.6924 -0.0081 -0.0898 -0.0136 29  GLY A N   
154 C CA  . GLY A 30  ? 0.4919 0.3807 0.6472 -0.0312 -0.0983 -0.0085 29  GLY A CA  
155 C C   . GLY A 30  ? 0.5767 0.4502 0.7035 -0.0271 -0.1083 -0.0398 29  GLY A C   
156 O O   . GLY A 30  ? 0.5565 0.4518 0.6782 -0.0400 -0.1170 -0.0409 29  GLY A O   
157 N N   . SER A 31  ? 0.5189 0.3543 0.6276 -0.0086 -0.1089 -0.0679 30  SER A N   
158 C CA  . SER A 31  ? 0.6075 0.4202 0.6758 -0.0046 -0.1202 -0.1001 30  SER A CA  
159 C C   . SER A 31  ? 0.6440 0.4797 0.6596 0.0059  -0.1041 -0.1066 30  SER A C   
160 O O   . SER A 31  ? 0.6349 0.4574 0.6082 0.0042  -0.1188 -0.1246 30  SER A O   
161 C CB  . SER A 31  ? 0.7460 0.5072 0.8079 0.0111  -0.1243 -0.1319 30  SER A CB  
162 O OG  . SER A 31  ? 0.8433 0.6079 0.9178 0.0325  -0.1002 -0.1335 30  SER A OG  
163 N N   . TRP A 32  ? 0.5388 0.4048 0.5549 0.0153  -0.0775 -0.0908 31  TRP A N   
164 C CA  . TRP A 32  ? 0.5643 0.4458 0.5281 0.0218  -0.0619 -0.0937 31  TRP A CA  
165 C C   . TRP A 32  ? 0.4722 0.3972 0.4475 0.0141  -0.0574 -0.0648 31  TRP A C   
166 O O   . TRP A 32  ? 0.5027 0.4331 0.4373 0.0134  -0.0604 -0.0647 31  TRP A O   
167 C CB  . TRP A 32  ? 0.6468 0.5203 0.5846 0.0397  -0.0308 -0.1118 31  TRP A CB  
168 C CG  . TRP A 32  ? 0.6455 0.5443 0.6339 0.0485  -0.0097 -0.0974 31  TRP A CG  
169 C CD1 . TRP A 32  ? 0.7161 0.6028 0.7571 0.0566  -0.0136 -0.0998 31  TRP A CD1 
170 C CD2 . TRP A 32  ? 0.5708 0.5076 0.5634 0.0504  0.0137  -0.0789 31  TRP A CD2 
171 N NE1 . TRP A 32  ? 0.6947 0.6115 0.7735 0.0645  0.0037  -0.0840 31  TRP A NE1 
172 C CE2 . TRP A 32  ? 0.6193 0.5691 0.6704 0.0600  0.0219  -0.0719 31  TRP A CE2 
173 C CE3 . TRP A 32  ? 0.5515 0.5084 0.5052 0.0444  0.0245  -0.0674 31  TRP A CE3 
174 C CZ2 . TRP A 32  ? 0.6142 0.6008 0.6883 0.0633  0.0409  -0.0555 31  TRP A CZ2 
175 C CZ3 . TRP A 32  ? 0.6099 0.6008 0.5856 0.0464  0.0458  -0.0505 31  TRP A CZ3 
176 C CH2 . TRP A 32  ? 0.6179 0.6256 0.6544 0.0555  0.0540  -0.0457 31  TRP A CH2 
177 N N   . ILE A 33  ? 0.4179 0.3688 0.4436 0.0083  -0.0528 -0.0410 32  ILE A N   
178 C CA  . ILE A 33  ? 0.3918 0.3832 0.4296 0.0006  -0.0494 -0.0179 32  ILE A CA  
179 C C   . ILE A 33  ? 0.4421 0.4468 0.4992 -0.0161 -0.0720 -0.0153 32  ILE A C   
180 O O   . ILE A 33  ? 0.4198 0.4196 0.5112 -0.0299 -0.0829 -0.0123 32  ILE A O   
181 C CB  . ILE A 33  ? 0.4009 0.4142 0.4765 -0.0003 -0.0361 0.0048  32  ILE A CB  
182 C CG1 . ILE A 33  ? 0.4340 0.4445 0.5042 0.0173  -0.0142 -0.0004 32  ILE A CG1 
183 C CG2 . ILE A 33  ? 0.3174 0.3704 0.4031 -0.0095 -0.0336 0.0242  32  ILE A CG2 
184 C CD1 . ILE A 33  ? 0.4564 0.4826 0.5671 0.0190  -0.0091 0.0194  32  ILE A CD1 
185 N N   . ILE A 34  ? 0.3585 0.3794 0.3974 -0.0155 -0.0800 -0.0168 33  ILE A N   
186 C CA  . ILE A 34  ? 0.3467 0.3893 0.4161 -0.0282 -0.1016 -0.0191 33  ILE A CA  
187 C C   . ILE A 34  ? 0.3300 0.4194 0.4411 -0.0377 -0.0892 -0.0005 33  ILE A C   
188 O O   . ILE A 34  ? 0.3546 0.4665 0.5094 -0.0555 -0.0928 0.0022  33  ILE A O   
189 C CB  . ILE A 34  ? 0.4010 0.4344 0.4351 -0.0203 -0.1240 -0.0325 33  ILE A CB  
190 C CG1 . ILE A 34  ? 0.4680 0.4517 0.4527 -0.0150 -0.1392 -0.0537 33  ILE A CG1 
191 C CG2 . ILE A 34  ? 0.4010 0.4677 0.4842 -0.0299 -0.1475 -0.0375 33  ILE A CG2 
192 C CD1 . ILE A 34  ? 0.5101 0.4687 0.4300 -0.0057 -0.1568 -0.0617 33  ILE A CD1 
193 N N   . TYR A 35  ? 0.2708 0.3743 0.3665 -0.0282 -0.0730 0.0110  34  TYR A N   
194 C CA  . TYR A 35  ? 0.2705 0.4155 0.3962 -0.0353 -0.0616 0.0247  34  TYR A CA  
195 C C   . TYR A 35  ? 0.2719 0.4176 0.3775 -0.0250 -0.0427 0.0381  34  TYR A C   
196 O O   . TYR A 35  ? 0.3440 0.4716 0.4144 -0.0124 -0.0407 0.0344  34  TYR A O   
197 C CB  . TYR A 35  ? 0.3207 0.4925 0.4626 -0.0338 -0.0765 0.0141  34  TYR A CB  
198 C CG  . TYR A 35  ? 0.3050 0.5229 0.4818 -0.0412 -0.0636 0.0205  34  TYR A CG  
199 C CD1 . TYR A 35  ? 0.4067 0.6329 0.5680 -0.0324 -0.0508 0.0304  34  TYR A CD1 
200 C CD2 . TYR A 35  ? 0.3894 0.6432 0.6143 -0.0586 -0.0622 0.0142  34  TYR A CD2 
201 C CE1 . TYR A 35  ? 0.3910 0.6402 0.5688 -0.0362 -0.0371 0.0293  34  TYR A CE1 
202 C CE2 . TYR A 35  ? 0.4221 0.6922 0.6570 -0.0599 -0.0417 0.0110  34  TYR A CE2 
203 C CZ  . TYR A 35  ? 0.3550 0.6185 0.5627 -0.0480 -0.0313 0.0181  34  TYR A CZ  
204 O OH  . TYR A 35  ? 0.5039 0.7757 0.7163 -0.0495 -0.0155 0.0139  34  TYR A OH  
205 N N   . PRO A 36  ? 0.2707 0.4357 0.3958 -0.0328 -0.0296 0.0542  35  PRO A N   
206 C CA  . PRO A 36  ? 0.3030 0.4841 0.4570 -0.0529 -0.0281 0.0627  35  PRO A CA  
207 C C   . PRO A 36  ? 0.3136 0.4611 0.4693 -0.0587 -0.0311 0.0697  35  PRO A C   
208 O O   . PRO A 36  ? 0.3288 0.4523 0.4719 -0.0448 -0.0282 0.0721  35  PRO A O   
209 C CB  . PRO A 36  ? 0.2752 0.4809 0.4298 -0.0560 -0.0146 0.0779  35  PRO A CB  
210 C CG  . PRO A 36  ? 0.2865 0.4752 0.4209 -0.0379 -0.0100 0.0823  35  PRO A CG  
211 C CD  . PRO A 36  ? 0.3240 0.4951 0.4389 -0.0244 -0.0159 0.0659  35  PRO A CD  
212 N N   . LYS A 37  ? 0.2680 0.4136 0.4441 -0.0793 -0.0370 0.0715  36  LYS A N   
213 C CA  . LYS A 37  ? 0.3469 0.4525 0.5262 -0.0868 -0.0446 0.0796  36  LYS A CA  
214 C C   . LYS A 37  ? 0.3433 0.4423 0.5181 -0.0934 -0.0389 0.1057  36  LYS A C   
215 O O   . LYS A 37  ? 0.3749 0.4358 0.5488 -0.0867 -0.0476 0.1132  36  LYS A O   
216 C CB  . LYS A 37  ? 0.3570 0.4603 0.5605 -0.1124 -0.0536 0.0765  36  LYS A CB  
217 C CG  . LYS A 37  ? 0.4864 0.5861 0.6974 -0.1067 -0.0690 0.0497  36  LYS A CG  
218 C CD  . LYS A 37  ? 0.4782 0.5277 0.6672 -0.0882 -0.0812 0.0359  36  LYS A CD  
219 C CE  . LYS A 37  ? 0.4582 0.4975 0.6482 -0.0879 -0.1016 0.0099  36  LYS A CE  
220 N NZ  . LYS A 37  ? 0.4702 0.4576 0.6353 -0.0736 -0.1131 -0.0080 36  LYS A NZ  
221 N N   . GLN A 38  ? 0.3029 0.4193 0.4582 -0.0282 0.0113  0.0043  37  GLN A N   
222 C CA  . GLN A 38  ? 0.3048 0.3974 0.4535 -0.0344 0.0031  0.0254  37  GLN A CA  
223 C C   . GLN A 38  ? 0.3127 0.4211 0.4200 -0.0336 0.0276  0.0326  37  GLN A C   
224 O O   . GLN A 38  ? 0.3231 0.4480 0.4143 -0.0344 0.0436  0.0338  37  GLN A O   
225 C CB  . GLN A 38  ? 0.3339 0.4128 0.4942 -0.0590 -0.0131 0.0662  37  GLN A CB  
226 C CG  . GLN A 38  ? 0.3691 0.4164 0.5909 -0.0662 -0.0538 0.0690  37  GLN A CG  
227 C CD  . GLN A 38  ? 0.4669 0.5275 0.6960 -0.0711 -0.0479 0.0630  37  GLN A CD  
228 O OE1 . GLN A 38  ? 0.4266 0.5219 0.6149 -0.0794 -0.0173 0.0765  37  GLN A OE1 
229 N NE2 . GLN A 38  ? 0.3637 0.4012 0.6533 -0.0626 -0.0820 0.0352  37  GLN A NE2 
230 N N   . TYR A 39  ? 0.3051 0.4066 0.4050 -0.0301 0.0242  0.0336  38  TYR A N   
231 C CA  . TYR A 39  ? 0.3408 0.4524 0.4146 -0.0291 0.0382  0.0364  38  TYR A CA  
232 C C   . TYR A 39  ? 0.3679 0.4738 0.4343 -0.0313 0.0315  0.0451  38  TYR A C   
233 O O   . TYR A 39  ? 0.3616 0.4516 0.4460 -0.0317 0.0142  0.0498  38  TYR A O   
234 C CB  . TYR A 39  ? 0.3007 0.4271 0.3753 -0.0237 0.0425  0.0265  38  TYR A CB  
235 C CG  . TYR A 39  ? 0.3284 0.4702 0.4067 -0.0197 0.0359  0.0189  38  TYR A CG  
236 C CD1 . TYR A 39  ? 0.2757 0.4430 0.3738 -0.0104 0.0267  -0.0036 38  TYR A CD1 
237 C CD2 . TYR A 39  ? 0.2851 0.4271 0.3550 -0.0230 0.0346  0.0268  38  TYR A CD2 
238 C CE1 . TYR A 39  ? 0.2659 0.4719 0.3704 -0.0033 0.0200  -0.0199 38  TYR A CE1 
239 C CE2 . TYR A 39  ? 0.2894 0.4606 0.3616 -0.0221 0.0293  0.0220  38  TYR A CE2 
240 C CZ  . TYR A 39  ? 0.2861 0.4959 0.3729 -0.0116 0.0240  -0.0023 38  TYR A CZ  
241 O OH  . TYR A 39  ? 0.2790 0.5409 0.3707 -0.0072 0.0180  -0.0163 38  TYR A OH  
242 N N   . ASN A 40  ? 0.3304 0.4522 0.3797 -0.0304 0.0393  0.0427  39  ASN A N   
243 C CA  . ASN A 40  ? 0.3574 0.4870 0.3977 -0.0325 0.0346  0.0486  39  ASN A CA  
244 C C   . ASN A 40  ? 0.3620 0.4755 0.4033 -0.0237 0.0326  0.0358  39  ASN A C   
245 O O   . ASN A 40  ? 0.3134 0.4277 0.3578 -0.0201 0.0332  0.0250  39  ASN A O   
246 C CB  . ASN A 40  ? 0.3899 0.5712 0.4170 -0.0341 0.0408  0.0418  39  ASN A CB  
247 C CG  . ASN A 40  ? 0.4966 0.7101 0.5129 -0.0416 0.0357  0.0545  39  ASN A CG  
248 O OD1 . ASN A 40  ? 0.3876 0.5681 0.4078 -0.0433 0.0260  0.0684  39  ASN A OD1 
249 N ND2 . ASN A 40  ? 0.4480 0.7424 0.4539 -0.0443 0.0404  0.0447  39  ASN A ND2 
250 N N   . ALA A 41  ? 0.3274 0.4308 0.3763 -0.0213 0.0232  0.0378  40  ALA A N   
251 C CA  . ALA A 41  ? 0.3175 0.4291 0.3673 -0.0161 0.0212  0.0274  40  ALA A CA  
252 C C   . ALA A 41  ? 0.3281 0.4401 0.3661 -0.0170 0.0191  0.0303  40  ALA A C   
253 O O   . ALA A 41  ? 0.3138 0.4355 0.3514 -0.0173 0.0172  0.0263  40  ALA A O   
254 C CB  . ALA A 41  ? 0.2524 0.3757 0.3237 -0.0060 0.0094  0.0116  40  ALA A CB  
255 N N   . TYR A 42  ? 0.3085 0.4239 0.3392 -0.0217 0.0173  0.0423  41  TYR A N   
256 C CA  . TYR A 42  ? 0.3029 0.4343 0.3228 -0.0235 0.0138  0.0469  41  TYR A CA  
257 C C   . TYR A 42  ? 0.3265 0.4446 0.3568 -0.0173 0.0011  0.0470  41  TYR A C   
258 O O   . TYR A 42  ? 0.3212 0.4309 0.3695 -0.0083 -0.0055 0.0338  41  TYR A O   
259 C CB  . TYR A 42  ? 0.2999 0.4479 0.3132 -0.0193 0.0194  0.0249  41  TYR A CB  
260 C CG  . TYR A 42  ? 0.3400 0.5156 0.3559 -0.0165 0.0242  0.0079  41  TYR A CG  
261 C CD1 . TYR A 42  ? 0.3282 0.4813 0.3602 -0.0125 0.0234  -0.0017 41  TYR A CD1 
262 C CD2 . TYR A 42  ? 0.3164 0.5601 0.3227 -0.0176 0.0268  -0.0013 41  TYR A CD2 
263 C CE1 . TYR A 42  ? 0.3345 0.5166 0.3777 -0.0042 0.0229  -0.0264 41  TYR A CE1 
264 C CE2 . TYR A 42  ? 0.3690 0.6645 0.3833 -0.0094 0.0291  -0.0312 41  TYR A CE2 
265 C CZ  . TYR A 42  ? 0.3576 0.6139 0.3927 -0.0002 0.0261  -0.0466 41  TYR A CZ  
266 O OH  . TYR A 42  ? 0.3606 0.6702 0.4121 0.0132  0.0236  -0.0844 41  TYR A OH  
267 N N   . ARG A 43  ? 0.2876 0.4201 0.3095 -0.0200 -0.0038 0.0554  42  ARG A N   
268 C CA  . ARG A 43  ? 0.3226 0.4477 0.3571 -0.0118 -0.0185 0.0526  42  ARG A CA  
269 C C   . ARG A 43  ? 0.3877 0.5380 0.4033 -0.0160 -0.0156 0.0569  42  ARG A C   
270 O O   . ARG A 43  ? 0.3760 0.5591 0.3745 -0.0248 -0.0070 0.0616  42  ARG A O   
271 C CB  . ARG A 43  ? 0.3189 0.4211 0.3895 -0.0116 -0.0483 0.0717  42  ARG A CB  
272 C CG  . ARG A 43  ? 0.3652 0.4855 0.4351 -0.0337 -0.0621 0.1190  42  ARG A CG  
273 C CD  . ARG A 43  ? 0.3810 0.4672 0.5070 -0.0414 -0.1076 0.1526  42  ARG A CD  
274 N NE  . ARG A 43  ? 0.5388 0.6578 0.6714 -0.0694 -0.1303 0.2128  42  ARG A NE  
275 C CZ  . ARG A 43  ? 0.6340 0.8012 0.7631 -0.1044 -0.1363 0.2683  42  ARG A CZ  
276 N NH1 . ARG A 43  ? 0.6616 0.8373 0.7807 -0.1110 -0.1199 0.2643  42  ARG A NH1 
277 N NH2 . ARG A 43  ? 0.5829 0.8068 0.7195 -0.1360 -0.1599 0.3317  42  ARG A NH2 
278 N N   . CYS A 44  ? 0.3483 0.4989 0.3698 -0.0076 -0.0240 0.0479  43  CYS A N   
279 C CA  . CYS A 44  ? 0.3255 0.5006 0.3327 -0.0109 -0.0245 0.0525  43  CYS A CA  
280 C C   . CYS A 44  ? 0.3986 0.5702 0.4263 -0.0110 -0.0501 0.0779  43  CYS A C   
281 O O   . CYS A 44  ? 0.3942 0.5381 0.4572 0.0023  -0.0722 0.0704  43  CYS A O   
282 C CB  . CYS A 44  ? 0.3142 0.4979 0.3175 -0.0053 -0.0198 0.0298  43  CYS A CB  
283 S SG  . CYS A 44  ? 0.3469 0.5276 0.3484 -0.0137 -0.0087 0.0169  43  CYS A SG  
284 N N   . GLU A 45  ? 0.3658 0.5752 0.3806 -0.0255 -0.0536 0.1055  44  GLU A N   
285 C CA  . GLU A 45  ? 0.3956 0.6058 0.4380 -0.0326 -0.0868 0.1444  44  GLU A CA  
286 C C   . GLU A 45  ? 0.4656 0.7466 0.4819 -0.0484 -0.0818 0.1660  44  GLU A C   
287 O O   . GLU A 45  ? 0.3729 0.7166 0.3574 -0.0572 -0.0580 0.1555  44  GLU A O   
288 C CB  . GLU A 45  ? 0.4296 0.6216 0.5080 -0.0499 -0.1156 0.1902  44  GLU A CB  
289 C CG  . GLU A 45  ? 0.4534 0.6172 0.5915 -0.0562 -0.1711 0.2339  44  GLU A CG  
290 C CD  . GLU A 45  ? 0.5228 0.6487 0.7173 -0.0734 -0.2123 0.2762  44  GLU A CD  
291 O OE1 . GLU A 45  ? 0.5124 0.6473 0.6865 -0.0824 -0.1894 0.2738  44  GLU A OE1 
292 O OE2 . GLU A 45  ? 0.6342 0.7185 0.9023 -0.0778 -0.2738 0.3116  44  GLU A OE2 
293 N N   . GLY A 46  ? 0.3629 0.5240 0.7748 -0.0643 -0.1026 0.0658  45  GLY A N   
294 C CA  . GLY A 46  ? 0.3651 0.5826 0.7391 -0.0832 -0.0815 0.1217  45  GLY A CA  
295 C C   . GLY A 46  ? 0.4209 0.6310 0.7430 -0.0761 -0.0824 0.1205  45  GLY A C   
296 O O   . GLY A 46  ? 0.3989 0.5711 0.6879 -0.0579 -0.0905 0.0733  45  GLY A O   
297 N N   . GLU A 47  ? 0.3726 0.6298 0.6874 -0.0894 -0.0737 0.1751  46  GLU A N   
298 C CA  . GLU A 47  ? 0.3726 0.6251 0.6531 -0.0832 -0.0777 0.1768  46  GLU A CA  
299 C C   . GLU A 47  ? 0.4032 0.6616 0.5811 -0.0768 -0.0656 0.1376  46  GLU A C   
300 O O   . GLU A 47  ? 0.3594 0.6454 0.4897 -0.0795 -0.0544 0.1228  46  GLU A O   
301 C CB  . GLU A 47  ? 0.6222 0.9241 0.9342 -0.0973 -0.0783 0.2498  46  GLU A CB  
302 C CG  . GLU A 47  ? 0.7698 1.1580 1.0190 -0.1074 -0.0565 0.2822  46  GLU A CG  
303 C CD  . GLU A 47  ? 0.9074 1.3497 1.1579 -0.1133 -0.0596 0.3444  46  GLU A CD  
304 O OE1 . GLU A 47  ? 0.9256 1.3262 1.2275 -0.1109 -0.0797 0.3597  46  GLU A OE1 
305 O OE2 . GLU A 47  ? 0.9660 1.4998 1.1672 -0.1166 -0.0446 0.3735  46  GLU A OE2 
306 N N   . CYS A 48  ? 0.3557 0.5913 0.5140 -0.0673 -0.0719 0.1187  47  CYS A N   
307 C CA  . CYS A 48  ? 0.3968 0.6384 0.4825 -0.0654 -0.0659 0.0943  47  CYS A CA  
308 C C   . CYS A 48  ? 0.4064 0.6835 0.4832 -0.0700 -0.0670 0.1245  47  CYS A C   
309 O O   . CYS A 48  ? 0.4041 0.6708 0.5132 -0.0653 -0.0752 0.1353  47  CYS A O   
310 C CB  . CYS A 48  ? 0.3864 0.5921 0.4600 -0.0529 -0.0699 0.0579  47  CYS A CB  
311 S SG  . CYS A 48  ? 0.3766 0.5498 0.4413 -0.0427 -0.0721 0.0181  47  CYS A SG  
312 N N   . PRO A 49  ? 0.4260 0.7527 0.4627 -0.0748 -0.0622 0.1318  48  PRO A N   
313 C CA  . PRO A 49  ? 0.4368 0.8110 0.4641 -0.0757 -0.0664 0.1611  48  PRO A CA  
314 C C   . PRO A 49  ? 0.3722 0.7282 0.3831 -0.0717 -0.0746 0.1378  48  PRO A C   
315 O O   . PRO A 49  ? 0.4282 0.7492 0.4253 -0.0708 -0.0749 0.1030  48  PRO A O   
316 C CB  . PRO A 49  ? 0.4945 0.9419 0.4798 -0.0742 -0.0615 0.1570  48  PRO A CB  
317 C CG  . PRO A 49  ? 0.5550 0.9747 0.5212 -0.0713 -0.0600 0.1069  48  PRO A CG  
318 C CD  . PRO A 49  ? 0.4846 0.8356 0.4871 -0.0746 -0.0568 0.1061  48  PRO A CD  
319 N N   . ASN A 50  ? 0.3802 0.7647 0.3997 -0.0705 -0.0823 0.1639  49  ASN A N   
320 C CA  . ASN A 50  ? 0.3824 0.7597 0.3978 -0.0679 -0.0906 0.1456  49  ASN A CA  
321 C C   . ASN A 50  ? 0.4528 0.8875 0.4379 -0.0643 -0.1019 0.1406  49  ASN A C   
322 O O   . ASN A 50  ? 0.5456 1.0344 0.5255 -0.0605 -0.1058 0.1742  49  ASN A O   
323 C CB  . ASN A 50  ? 0.3753 0.7357 0.4388 -0.0641 -0.0965 0.1662  49  ASN A CB  
324 C CG  . ASN A 50  ? 0.4264 0.7432 0.5299 -0.0594 -0.0932 0.1577  49  ASN A CG  
325 O OD1 . ASN A 50  ? 0.3544 0.6482 0.4497 -0.0551 -0.0867 0.1243  49  ASN A OD1 
326 N ND2 . ASN A 50  ? 0.4105 0.7228 0.5647 -0.0592 -0.1014 0.1896  49  ASN A ND2 
327 N N   . PRO A 51  ? 0.4261 0.8556 0.3979 -0.0640 -0.1111 0.0993  50  PRO A N   
328 C CA  . PRO A 51  ? 0.4424 0.8185 0.4225 -0.0711 -0.1084 0.0730  50  PRO A CA  
329 C C   . PRO A 51  ? 0.4345 0.7970 0.3968 -0.0709 -0.1030 0.0548  50  PRO A C   
330 O O   . PRO A 51  ? 0.4574 0.8639 0.4001 -0.0644 -0.1027 0.0521  50  PRO A O   
331 C CB  . PRO A 51  ? 0.5028 0.8891 0.4955 -0.0727 -0.1298 0.0455  50  PRO A CB  
332 C CG  . PRO A 51  ? 0.5252 0.9765 0.4981 -0.0592 -0.1454 0.0322  50  PRO A CG  
333 C CD  . PRO A 51  ? 0.5108 0.9937 0.4695 -0.0553 -0.1315 0.0779  50  PRO A CD  
334 N N   . VAL A 52  ? 0.3782 0.6915 0.3474 -0.0761 -0.0985 0.0448  51  VAL A N   
335 C CA  . VAL A 52  ? 0.4483 0.7405 0.4057 -0.0750 -0.0967 0.0257  51  VAL A CA  
336 C C   . VAL A 52  ? 0.5592 0.8591 0.5170 -0.0732 -0.1191 -0.0116 51  VAL A C   
337 O O   . VAL A 52  ? 0.4864 0.7661 0.4683 -0.0797 -0.1365 -0.0200 51  VAL A O   
338 C CB  . VAL A 52  ? 0.4319 0.6772 0.3946 -0.0775 -0.0890 0.0280  51  VAL A CB  
339 C CG1 . VAL A 52  ? 0.4064 0.6296 0.3589 -0.0746 -0.0911 0.0073  51  VAL A CG1 
340 C CG2 . VAL A 52  ? 0.5385 0.7808 0.5145 -0.0717 -0.0752 0.0469  51  VAL A CG2 
341 N N   . GLY A 53  ? 0.5618 0.8969 0.5049 -0.0636 -0.1215 -0.0344 52  GLY A N   
342 C CA  . GLY A 53  ? 0.5136 0.8635 0.4681 -0.0546 -0.1494 -0.0847 52  GLY A CA  
343 C C   . GLY A 53  ? 0.3970 0.6844 0.3718 -0.0598 -0.1617 -0.1008 52  GLY A C   
344 O O   . GLY A 53  ? 0.4160 0.6640 0.3806 -0.0662 -0.1435 -0.0772 52  GLY A O   
345 N N   . GLU A 54  ? 0.7079 0.8069 0.4623 -0.0275 0.0704  -0.1614 53  GLU A N   
346 C CA  . GLU A 54  ? 0.6921 0.7819 0.5203 0.0154  0.1075  -0.1735 53  GLU A CA  
347 C C   . GLU A 54  ? 0.6161 0.7537 0.5099 0.0488  0.1480  -0.1509 53  GLU A C   
348 O O   . GLU A 54  ? 0.5507 0.7141 0.5363 0.0775  0.1545  -0.1312 53  GLU A O   
349 C CB  . GLU A 54  ? 0.8315 0.8443 0.6017 0.0098  0.1505  -0.2215 53  GLU A CB  
350 C CG  . GLU A 54  ? 1.0856 1.0475 0.7554 -0.0430 0.1111  -0.2419 53  GLU A CG  
351 C CD  . GLU A 54  ? 1.2681 1.2053 0.8074 -0.0991 0.1139  -0.2517 53  GLU A CD  
352 O OE1 . GLU A 54  ? 1.1409 1.1215 0.6653 -0.1315 0.0538  -0.2149 53  GLU A OE1 
353 O OE2 . GLU A 54  ? 1.4546 1.3239 0.9076 -0.1146 0.1814  -0.2935 53  GLU A OE2 
354 N N   . GLU A 55  ? 0.6583 0.8115 0.5067 0.0388  0.1704  -0.1470 54  GLU A N   
355 C CA  . GLU A 55  ? 0.6565 0.8592 0.5693 0.0667  0.2085  -0.1189 54  GLU A CA  
356 C C   . GLU A 55  ? 0.5330 0.8045 0.5213 0.0717  0.1670  -0.0706 54  GLU A C   
357 O O   . GLU A 55  ? 0.4818 0.8019 0.5397 0.0891  0.1861  -0.0359 54  GLU A O   
358 C CB  . GLU A 55  ? 0.7554 0.9547 0.5930 0.0500  0.2400  -0.1270 54  GLU A CB  
359 C CG  . GLU A 55  ? 0.8621 1.0828 0.6316 0.0117  0.1845  -0.1151 54  GLU A CG  
360 C CD  . GLU A 55  ? 0.9620 1.1264 0.6261 -0.0345 0.1564  -0.1434 54  GLU A CD  
361 O OE1 . GLU A 55  ? 0.9563 1.0639 0.6002 -0.0377 0.1677  -0.1747 54  GLU A OE1 
362 O OE2 . GLU A 55  ? 0.9723 1.1520 0.5754 -0.0730 0.1203  -0.1282 54  GLU A OE2 
363 N N   . PHE A 56  ? 0.4734 0.7439 0.4476 0.0505  0.1148  -0.0644 55  PHE A N   
364 C CA  . PHE A 56  ? 0.4768 0.7855 0.5002 0.0437  0.0880  -0.0270 55  PHE A CA  
365 C C   . PHE A 56  ? 0.4037 0.6928 0.4774 0.0465  0.0717  -0.0253 55  PHE A C   
366 O O   . PHE A 56  ? 0.3474 0.6424 0.4418 0.0282  0.0529  -0.0023 55  PHE A O   
367 C CB  . PHE A 56  ? 0.4011 0.7137 0.3892 0.0177  0.0587  -0.0149 55  PHE A CB  
368 C CG  . PHE A 56  ? 0.4463 0.7825 0.3830 0.0092  0.0687  -0.0117 55  PHE A CG  
369 C CD1 . PHE A 56  ? 0.4174 0.7994 0.3679 0.0134  0.0870  0.0124  55  PHE A CD1 
370 C CD2 . PHE A 56  ? 0.4872 0.7999 0.3564 -0.0108 0.0563  -0.0286 55  PHE A CD2 
371 C CE1 . PHE A 56  ? 0.4874 0.8889 0.3890 0.0054  0.0979  0.0142  55  PHE A CE1 
372 C CE2 . PHE A 56  ? 0.5467 0.8773 0.3581 -0.0268 0.0639  -0.0247 55  PHE A CE2 
373 C CZ  . PHE A 56  ? 0.5657 0.9394 0.3950 -0.0148 0.0875  -0.0060 55  PHE A CZ  
374 N N   . HIS A 57  ? 0.3980 0.6539 0.4818 0.0645  0.0853  -0.0522 56  HIS A N   
375 C CA  . HIS A 57  ? 0.3609 0.5979 0.4943 0.0701  0.0730  -0.0522 56  HIS A CA  
376 C C   . HIS A 57  ? 0.3967 0.6107 0.5271 0.0465  0.0376  -0.0471 56  HIS A C   
377 O O   . HIS A 57  ? 0.3480 0.5642 0.5122 0.0335  0.0291  -0.0268 56  HIS A O   
378 C CB  . HIS A 57  ? 0.3754 0.6583 0.5851 0.0797  0.0868  -0.0136 56  HIS A CB  
379 C CG  . HIS A 57  ? 0.5368 0.8433 0.7787 0.1076  0.1348  -0.0069 56  HIS A CG  
380 N ND1 . HIS A 57  ? 0.6175 0.9765 0.8743 0.1067  0.1502  0.0266  56  HIS A ND1 
381 C CD2 . HIS A 57  ? 0.6050 0.8802 0.8683 0.1365  0.1813  -0.0304 56  HIS A CD2 
382 C CE1 . HIS A 57  ? 0.6104 0.9713 0.9064 0.1367  0.2061  0.0267  56  HIS A CE1 
383 N NE2 . HIS A 57  ? 0.6062 0.9113 0.9046 0.1545  0.2307  -0.0095 56  HIS A NE2 
384 N N   . PRO A 58  ? 0.3393 0.5273 0.4322 0.0351  0.0200  -0.0601 57  PRO A N   
385 C CA  . PRO A 58  ? 0.3144 0.4766 0.4281 0.0167  0.0017  -0.0471 57  PRO A CA  
386 C C   . PRO A 58  ? 0.3467 0.4676 0.4906 0.0222  -0.0060 -0.0630 57  PRO A C   
387 O O   . PRO A 58  ? 0.3261 0.4347 0.4674 0.0400  -0.0053 -0.0880 57  PRO A O   
388 C CB  . PRO A 58  ? 0.3419 0.4990 0.4338 0.0055  -0.0167 -0.0427 57  PRO A CB  
389 C CG  . PRO A 58  ? 0.3731 0.5268 0.4133 0.0111  -0.0181 -0.0708 57  PRO A CG  
390 C CD  . PRO A 58  ? 0.3813 0.5581 0.4167 0.0303  0.0167  -0.0796 57  PRO A CD  
391 N N   . THR A 59  ? 0.3328 0.4232 0.4999 0.0037  -0.0060 -0.0507 58  THR A N   
392 C CA  . THR A 59  ? 0.3338 0.3766 0.5274 0.0055  -0.0135 -0.0654 58  THR A CA  
393 C C   . THR A 59  ? 0.3645 0.3897 0.5666 0.0106  -0.0315 -0.0696 58  THR A C   
394 O O   . THR A 59  ? 0.3091 0.3564 0.5015 0.0036  -0.0384 -0.0517 58  THR A O   
395 C CB  . THR A 59  ? 0.3175 0.3145 0.5229 -0.0246 0.0026  -0.0522 58  THR A CB  
396 O OG1 . THR A 59  ? 0.3152 0.3028 0.5211 -0.0408 0.0199  -0.0309 58  THR A OG1 
397 C CG2 . THR A 59  ? 0.3442 0.3548 0.5316 -0.0486 0.0087  -0.0402 58  THR A CG2 
398 N N   . ASN A 60  ? 0.3034 0.4406 0.4496 0.0601  0.0559  -0.0961 59  ASN A N   
399 C CA  . ASN A 60  ? 0.3144 0.4282 0.4340 0.0402  0.0458  -0.0992 59  ASN A CA  
400 C C   . ASN A 60  ? 0.3018 0.4339 0.4257 0.0271  0.0295  -0.0843 59  ASN A C   
401 O O   . ASN A 60  ? 0.2741 0.4086 0.3787 0.0108  0.0229  -0.0804 59  ASN A O   
402 C CB  . ASN A 60  ? 0.2973 0.3779 0.4162 0.0416  0.0411  -0.1001 59  ASN A CB  
403 C CG  . ASN A 60  ? 0.3630 0.4054 0.4720 0.0482  0.0593  -0.1182 59  ASN A CG  
404 O OD1 . ASN A 60  ? 0.4404 0.4806 0.5318 0.0432  0.0745  -0.1381 59  ASN A OD1 
405 N ND2 . ASN A 60  ? 0.4112 0.4216 0.5323 0.0578  0.0601  -0.1121 59  ASN A ND2 
406 N N   . HIS A 61  ? 0.2580 0.4051 0.4092 0.0331  0.0241  -0.0757 60  HIS A N   
407 C CA  . HIS A 61  ? 0.2809 0.4354 0.4451 0.0235  0.0138  -0.0666 60  HIS A CA  
408 C C   . HIS A 61  ? 0.2820 0.4445 0.4397 0.0138  0.0169  -0.0590 60  HIS A C   
409 O O   . HIS A 61  ? 0.2640 0.4203 0.4207 0.0047  0.0074  -0.0453 60  HIS A O   
410 C CB  . HIS A 61  ? 0.2104 0.3819 0.4032 0.0261  0.0134  -0.0680 60  HIS A CB  
411 C CG  . HIS A 61  ? 0.2438 0.4132 0.4571 0.0185  0.0084  -0.0658 60  HIS A CG  
412 N ND1 . HIS A 61  ? 0.2289 0.3977 0.4531 0.0110  0.0135  -0.0625 60  HIS A ND1 
413 C CD2 . HIS A 61  ? 0.2377 0.3984 0.4611 0.0179  0.0012  -0.0653 60  HIS A CD2 
414 C CE1 . HIS A 61  ? 0.2230 0.3793 0.4727 0.0095  0.0106  -0.0616 60  HIS A CE1 
415 N NE2 . HIS A 61  ? 0.2200 0.3750 0.4700 0.0152  0.0033  -0.0640 60  HIS A NE2 
416 N N   . ALA A 62  ? 0.2189 0.4000 0.3754 0.0153  0.0296  -0.0640 61  ALA A N   
417 C CA  . ALA A 62  ? 0.2563 0.4494 0.4046 0.0008  0.0342  -0.0557 61  ALA A CA  
418 C C   . ALA A 62  ? 0.3015 0.4907 0.4162 -0.0115 0.0315  -0.0499 61  ALA A C   
419 O O   . ALA A 62  ? 0.2856 0.4761 0.3927 -0.0275 0.0244  -0.0296 61  ALA A O   
420 C CB  . ALA A 62  ? 0.2161 0.4430 0.3711 0.0030  0.0497  -0.0644 61  ALA A CB  
421 N N   . TYR A 63  ? 0.2744 0.4594 0.3688 -0.0072 0.0374  -0.0666 62  TYR A N   
422 C CA  . TYR A 63  ? 0.3480 0.5388 0.4050 -0.0265 0.0364  -0.0674 62  TYR A CA  
423 C C   . TYR A 63  ? 0.2960 0.4817 0.3492 -0.0374 0.0140  -0.0448 62  TYR A C   
424 O O   . TYR A 63  ? 0.3240 0.5291 0.3569 -0.0573 0.0052  -0.0245 62  TYR A O   
425 C CB  . TYR A 63  ? 0.3367 0.5168 0.3741 -0.0231 0.0517  -0.0979 62  TYR A CB  
426 C CG  . TYR A 63  ? 0.4064 0.6032 0.3996 -0.0515 0.0544  -0.1065 62  TYR A CG  
427 C CD1 . TYR A 63  ? 0.3999 0.6316 0.3712 -0.0681 0.0678  -0.1110 62  TYR A CD1 
428 C CD2 . TYR A 63  ? 0.4595 0.6479 0.4302 -0.0674 0.0437  -0.1103 62  TYR A CD2 
429 C CE1 . TYR A 63  ? 0.5310 0.7897 0.4564 -0.1007 0.0706  -0.1195 62  TYR A CE1 
430 C CE2 . TYR A 63  ? 0.4854 0.7021 0.4113 -0.1005 0.0454  -0.1191 62  TYR A CE2 
431 C CZ  . TYR A 63  ? 0.5103 0.7628 0.4124 -0.1174 0.0589  -0.1237 62  TYR A CZ  
432 O OH  . TYR A 63  ? 0.6219 0.9134 0.4742 -0.1563 0.0613  -0.1334 62  TYR A OH  
433 N N   . ILE A 64  ? 0.2881 0.4558 0.3632 -0.0249 0.0044  -0.0453 63  ILE A N   
434 C CA  . ILE A 64  ? 0.2941 0.4664 0.3750 -0.0310 -0.0158 -0.0257 63  ILE A CA  
435 C C   . ILE A 64  ? 0.2886 0.4637 0.3969 -0.0291 -0.0258 0.0053  63  ILE A C   
436 O O   . ILE A 64  ? 0.3035 0.4946 0.4090 -0.0386 -0.0415 0.0338  63  ILE A O   
437 C CB  . ILE A 64  ? 0.2962 0.4546 0.3972 -0.0195 -0.0204 -0.0365 63  ILE A CB  
438 C CG1 . ILE A 64  ? 0.3535 0.5016 0.4236 -0.0287 -0.0133 -0.0602 63  ILE A CG1 
439 C CG2 . ILE A 64  ? 0.2980 0.4705 0.4223 -0.0195 -0.0395 -0.0154 63  ILE A CG2 
440 C CD1 . ILE A 64  ? 0.3240 0.4541 0.4097 -0.0204 -0.0140 -0.0700 63  ILE A CD1 
441 N N   . GLN A 65  ? 0.2540 0.4147 0.3902 -0.0184 -0.0164 0.0013  64  GLN A N   
442 C CA  . GLN A 65  ? 0.2902 0.4395 0.4561 -0.0182 -0.0203 0.0254  64  GLN A CA  
443 C C   . GLN A 65  ? 0.3454 0.5064 0.4858 -0.0375 -0.0228 0.0522  64  GLN A C   
444 O O   . GLN A 65  ? 0.2926 0.4486 0.4481 -0.0406 -0.0355 0.0883  64  GLN A O   
445 C CB  . GLN A 65  ? 0.2784 0.4148 0.4710 -0.0127 -0.0055 0.0073  64  GLN A CB  
446 C CG  . GLN A 65  ? 0.2892 0.4018 0.5132 -0.0171 -0.0032 0.0248  64  GLN A CG  
447 C CD  . GLN A 65  ? 0.2935 0.3994 0.5411 -0.0192 0.0130  -0.0012 64  GLN A CD  
448 O OE1 . GLN A 65  ? 0.2684 0.3862 0.5254 -0.0111 0.0165  -0.0260 64  GLN A OE1 
449 N NE2 . GLN A 65  ? 0.3082 0.3995 0.5632 -0.0352 0.0229  0.0054  64  GLN A NE2 
450 N N   . SER A 66  ? 0.3003 0.4806 0.4048 -0.0503 -0.0101 0.0369  65  SER A N   
451 C CA  . SER A 66  ? 0.3131 0.5145 0.3882 -0.0745 -0.0096 0.0594  65  SER A CA  
452 C C   . SER A 66  ? 0.3251 0.5541 0.3689 -0.0909 -0.0266 0.0823  65  SER A C   
453 O O   . SER A 66  ? 0.4006 0.6477 0.4304 -0.1110 -0.0365 0.1207  65  SER A O   
454 C CB  . SER A 66  ? 0.3406 0.5654 0.3908 -0.0832 0.0126  0.0311  65  SER A CB  
455 O OG  . SER A 66  ? 0.3985 0.6408 0.4179 -0.0845 0.0195  0.0035  65  SER A OG  
456 N N   . LEU A 67  ? 0.3704 0.6075 0.4016 -0.0870 -0.0306 0.0612  66  LEU A N   
457 C CA  . LEU A 67  ? 0.4502 0.7248 0.4504 -0.1083 -0.0476 0.0793  66  LEU A CA  
458 C C   . LEU A 67  ? 0.4317 0.7079 0.4696 -0.0981 -0.0735 0.1263  66  LEU A C   
459 O O   . LEU A 67  ? 0.4210 0.7349 0.4449 -0.1162 -0.0923 0.1683  66  LEU A O   
460 C CB  . LEU A 67  ? 0.4792 0.7573 0.4576 -0.1111 -0.0425 0.0399  66  LEU A CB  
461 C CG  . LEU A 67  ? 0.6412 0.9565 0.5607 -0.1453 -0.0334 0.0176  66  LEU A CG  
462 C CD1 . LEU A 67  ? 0.6128 0.9312 0.5166 -0.1549 -0.0368 -0.0078 66  LEU A CD1 
463 C CD2 . LEU A 67  ? 0.5564 0.9255 0.4462 -0.1767 -0.0484 0.0583  66  LEU A CD2 
464 N N   . LEU A 68  ? 0.3790 0.6198 0.4676 -0.0688 -0.0736 0.1199  67  LEU A N   
465 C CA  . LEU A 68  ? 0.3955 0.6338 0.5346 -0.0511 -0.0927 0.1576  67  LEU A CA  
466 C C   . LEU A 68  ? 0.4631 0.6852 0.6231 -0.0521 -0.0972 0.2040  67  LEU A C   
467 O O   . LEU A 68  ? 0.4916 0.7295 0.6776 -0.0474 -0.1180 0.2546  67  LEU A O   
468 C CB  . LEU A 68  ? 0.4091 0.6147 0.5961 -0.0230 -0.0844 0.1300  67  LEU A CB  
469 C CG  . LEU A 68  ? 0.5411 0.7502 0.7879 -0.0003 -0.0990 0.1554  67  LEU A CG  
470 C CD1 . LEU A 68  ? 0.6098 0.8763 0.8431 -0.0097 -0.1221 0.1760  67  LEU A CD1 
471 C CD2 . LEU A 68  ? 0.4987 0.6836 0.7851 0.0206  -0.0853 0.1184  67  LEU A CD2 
472 N N   . LYS A 69  ? 0.4766 0.6703 0.6273 -0.0594 -0.0778 0.1902  68  LYS A N   
473 C CA  . LYS A 69  ? 0.4025 0.5738 0.5681 -0.0676 -0.0785 0.2319  68  LYS A CA  
474 C C   . LYS A 69  ? 0.4773 0.6950 0.6008 -0.0968 -0.0952 0.2795  68  LYS A C   
475 O O   . LYS A 69  ? 0.5436 0.7522 0.6898 -0.0985 -0.1092 0.3374  68  LYS A O   
476 C CB  . LYS A 69  ? 0.3939 0.5361 0.5541 -0.0765 -0.0531 0.2027  68  LYS A CB  
477 C CG  . LYS A 69  ? 0.4576 0.5696 0.6320 -0.0912 -0.0513 0.2443  68  LYS A CG  
478 C CD  . LYS A 69  ? 0.4647 0.5485 0.6446 -0.1008 -0.0259 0.2118  68  LYS A CD  
479 C CE  . LYS A 69  ? 0.5863 0.6356 0.7761 -0.1231 -0.0228 0.2543  68  LYS A CE  
480 N NZ  . LYS A 69  ? 0.5940 0.5792 0.8476 -0.1022 -0.0278 0.2840  68  LYS A NZ  
481 N N   . ARG A 70  ? 0.4689 0.7370 0.5320 -0.1215 -0.0925 0.2559  69  ARG A N   
482 C CA  . ARG A 70  ? 0.5707 0.9001 0.5872 -0.1558 -0.1091 0.2965  69  ARG A CA  
483 C C   . ARG A 70  ? 0.6157 0.9727 0.6607 -0.1469 -0.1418 0.3532  69  ARG A C   
484 O O   . ARG A 70  ? 0.6659 1.0432 0.7139 -0.1595 -0.1607 0.4195  69  ARG A O   
485 C CB  . ARG A 70  ? 0.6908 1.0700 0.6430 -0.1826 -0.0977 0.2489  69  ARG A CB  
486 C CG  . ARG A 70  ? 0.7537 1.1332 0.6724 -0.2000 -0.0689 0.2128  69  ARG A CG  
487 C CD  . ARG A 70  ? 0.8778 1.2714 0.7842 -0.2261 -0.0728 0.2637  69  ARG A CD  
488 N NE  . ARG A 70  ? 0.9255 1.3908 0.7836 -0.2651 -0.0917 0.3044  69  ARG A NE  
489 C CZ  . ARG A 70  ? 0.9308 1.4505 0.7379 -0.3012 -0.0780 0.2749  69  ARG A CZ  
490 N NH1 . ARG A 70  ? 0.9156 1.4334 0.7004 -0.3056 -0.0450 0.2190  69  ARG A NH1 
491 N NH2 . ARG A 70  ? 0.9104 1.4881 0.7026 -0.3300 -0.0954 0.2961  69  ARG A NH2 
492 N N   . TYR A 71  ? 0.5633 0.9251 0.6329 -0.1249 -0.1489 0.3312  70  TYR A N   
493 C CA  . TYR A 71  ? 0.6392 1.0429 0.7415 -0.1144 -0.1797 0.3804  70  TYR A CA  
494 C C   . TYR A 71  ? 0.7009 1.0494 0.8891 -0.0733 -0.1824 0.4147  70  TYR A C   
495 O O   . TYR A 71  ? 0.8010 1.1683 1.0258 -0.0626 -0.1940 0.4484  70  TYR A O   
496 C CB  . TYR A 71  ? 0.6305 1.0651 0.7244 -0.1128 -0.1815 0.3365  70  TYR A CB  
497 C CG  . TYR A 71  ? 0.6294 1.1145 0.6439 -0.1569 -0.1742 0.3001  70  TYR A CG  
498 C CD1 . TYR A 71  ? 0.6708 1.1305 0.6425 -0.1693 -0.1475 0.2416  70  TYR A CD1 
499 C CD2 . TYR A 71  ? 0.6394 1.1841 0.6327 -0.1834 -0.1815 0.3126  70  TYR A CD2 
500 C CE1 . TYR A 71  ? 0.7245 1.2262 0.6287 -0.2085 -0.1375 0.2040  70  TYR A CE1 
501 C CE2 . TYR A 71  ? 0.7242 1.3083 0.6526 -0.2255 -0.1684 0.2726  70  TYR A CE2 
502 C CZ  . TYR A 71  ? 0.7780 1.3366 0.6629 -0.2368 -0.1455 0.2170  70  TYR A CZ  
503 O OH  . TYR A 71  ? 0.8542 1.4411 0.6849 -0.2753 -0.1254 0.1703  70  TYR A OH  
504 N N   . GLN A 72  ? 0.6040 0.8792 0.8231 -0.0534 -0.1614 0.3899  71  GLN A N   
505 C CA  . GLN A 72  ? 0.6536 0.8678 0.9554 -0.0164 -0.1584 0.4127  71  GLN A CA  
506 C C   . GLN A 72  ? 0.6806 0.8224 0.9880 -0.0224 -0.1338 0.4025  71  GLN A C   
507 O O   . GLN A 72  ? 0.6650 0.7568 0.9998 -0.0073 -0.1102 0.3531  71  GLN A O   
508 C CB  . GLN A 72  ? 0.6977 0.8971 1.0469 0.0162  -0.1493 0.3656  71  GLN A CB  
509 C CG  . GLN A 72  ? 0.7365 1.0012 1.0759 0.0168  -0.1645 0.3581  71  GLN A CG  
510 C CD  . GLN A 72  ? 0.7256 0.9730 1.1160 0.0476  -0.1531 0.3197  71  GLN A CD  
511 O OE1 . GLN A 72  ? 0.8148 1.0310 1.2183 0.0567  -0.1360 0.2747  71  GLN A OE1 
512 N NE2 . GLN A 72  ? 0.7859 1.0609 1.2035 0.0614  -0.1616 0.3367  71  GLN A NE2 
513 N N   . PRO A 73  ? 0.7322 0.8746 1.0120 -0.0492 -0.1391 0.4501  72  PRO A N   
514 C CA  . PRO A 73  ? 0.7371 0.8241 1.0078 -0.0668 -0.1142 0.4346  72  PRO A CA  
515 C C   . PRO A 73  ? 0.8125 0.8104 1.1574 -0.0417 -0.0969 0.4313  72  PRO A C   
516 O O   . PRO A 73  ? 0.8069 0.7637 1.1458 -0.0556 -0.0710 0.3920  72  PRO A O   
517 C CB  . PRO A 73  ? 0.8185 0.9355 1.0478 -0.1021 -0.1269 0.4924  72  PRO A CB  
518 C CG  . PRO A 73  ? 0.8435 1.0502 1.0348 -0.1129 -0.1511 0.5060  72  PRO A CG  
519 C CD  . PRO A 73  ? 0.7539 0.9620 1.0000 -0.0732 -0.1614 0.4975  72  PRO A CD  
520 N N   . HIS A 74  ? 0.8284 0.8095 1.2362 -0.0078 -0.1049 0.4504  73  HIS A N   
521 C CA  . HIS A 74  ? 0.8495 0.7509 1.3203 0.0126  -0.0831 0.4357  73  HIS A CA  
522 C C   . HIS A 74  ? 0.8126 0.6856 1.3299 0.0396  -0.0625 0.3737  73  HIS A C   
523 O O   . HIS A 74  ? 0.9188 0.7288 1.4753 0.0468  -0.0375 0.3445  73  HIS A O   
524 C CB  . HIS A 74  ? 0.8543 0.7508 1.3666 0.0316  -0.0958 0.4854  73  HIS A CB  
525 C CG  . HIS A 74  ? 0.9925 0.9013 1.4680 0.0029  -0.1099 0.5431  73  HIS A CG  
526 N ND1 . HIS A 74  ? 1.0999 0.9472 1.5645 -0.0192 -0.0936 0.5493  73  HIS A ND1 
527 C CD2 . HIS A 74  ? 1.0313 1.0124 1.4756 -0.0119 -0.1376 0.5938  73  HIS A CD2 
528 C CE1 . HIS A 74  ? 1.1747 1.0544 1.6033 -0.0442 -0.1114 0.6037  73  HIS A CE1 
529 N NE2 . HIS A 74  ? 1.1448 1.1083 1.5614 -0.0407 -0.1383 0.6308  73  HIS A NE2 
530 N N   . ARG A 75  ? 0.7374 0.6609 1.2458 0.0507  -0.0718 0.3494  74  ARG A N   
531 C CA  . ARG A 75  ? 0.8199 0.7299 1.3660 0.0723  -0.0528 0.2883  74  ARG A CA  
532 C C   . ARG A 75  ? 0.7127 0.6387 1.2130 0.0537  -0.0392 0.2296  74  ARG A C   
533 O O   . ARG A 75  ? 0.7011 0.6165 1.2247 0.0624  -0.0201 0.1758  74  ARG A O   
534 C CB  . ARG A 75  ? 0.9422 0.9021 1.5112 0.0979  -0.0665 0.2888  74  ARG A CB  
535 C CG  . ARG A 75  ? 0.9265 0.9363 1.4718 0.0988  -0.0702 0.2477  74  ARG A CG  
536 C CD  . ARG A 75  ? 0.9787 0.9988 1.5598 0.1208  -0.0605 0.2134  74  ARG A CD  
537 N NE  . ARG A 75  ? 0.9541 1.0109 1.5064 0.1150  -0.0580 0.1670  74  ARG A NE  
538 C CZ  . ARG A 75  ? 0.8480 0.9620 1.3603 0.1064  -0.0779 0.1740  74  ARG A CZ  
539 N NH1 . ARG A 75  ? 0.9358 1.0846 1.4291 0.0999  -0.1022 0.2234  74  ARG A NH1 
540 N NH2 . ARG A 75  ? 0.6220 0.7600 1.1080 0.0989  -0.0724 0.1307  74  ARG A NH2 
541 N N   . VAL A 76  ? 0.5904 0.5511 1.0190 0.0244  -0.0461 0.2341  75  VAL A N   
542 C CA  . VAL A 76  ? 0.4308 0.4159 0.8112 0.0077  -0.0325 0.1793  75  VAL A CA  
543 C C   . VAL A 76  ? 0.4743 0.4409 0.8246 -0.0221 -0.0161 0.1720  75  VAL A C   
544 O O   . VAL A 76  ? 0.5059 0.4766 0.8292 -0.0418 -0.0235 0.2119  75  VAL A O   
545 C CB  . VAL A 76  ? 0.5006 0.5481 0.8264 0.0010  -0.0491 0.1780  75  VAL A CB  
546 C CG1 . VAL A 76  ? 0.3718 0.4365 0.6640 -0.0062 -0.0345 0.1243  75  VAL A CG1 
547 C CG2 . VAL A 76  ? 0.5288 0.6038 0.8823 0.0234  -0.0681 0.1924  75  VAL A CG2 
548 N N   . PRO A 77  ? 0.5378 0.4932 0.8921 -0.0294 0.0061  0.1224  76  PRO A N   
549 C CA  . PRO A 77  ? 0.5576 0.5108 0.8846 -0.0605 0.0218  0.1125  76  PRO A CA  
550 C C   . PRO A 77  ? 0.3647 0.3780 0.6328 -0.0733 0.0183  0.1030  76  PRO A C   
551 O O   . PRO A 77  ? 0.3412 0.3873 0.5939 -0.0579 0.0103  0.0868  76  PRO A O   
552 C CB  . PRO A 77  ? 0.6348 0.5735 0.9881 -0.0639 0.0443  0.0602  76  PRO A CB  
553 C CG  . PRO A 77  ? 0.6104 0.5445 1.0019 -0.0342 0.0414  0.0414  76  PRO A CG  
554 C CD  . PRO A 77  ? 0.5620 0.5220 0.9416 -0.0140 0.0166  0.0743  76  PRO A CD  
555 N N   . SER A 78  ? 0.4451 0.4715 0.6837 -0.1016 0.0263  0.1120  77  SER A N   
556 C CA  . SER A 78  ? 0.4594 0.5450 0.6511 -0.1116 0.0295  0.0955  77  SER A CA  
557 C C   . SER A 78  ? 0.3942 0.5046 0.5931 -0.1009 0.0414  0.0477  77  SER A C   
558 O O   . SER A 78  ? 0.3931 0.4837 0.6229 -0.1013 0.0509  0.0270  77  SER A O   
559 C CB  . SER A 78  ? 0.4984 0.6008 0.6643 -0.1463 0.0395  0.1112  77  SER A CB  
560 O OG  . SER A 78  ? 0.6210 0.7160 0.7690 -0.1606 0.0263  0.1618  77  SER A OG  
561 N N   . THR A 79  ? 0.3403 0.4950 0.5118 -0.0925 0.0419  0.0306  78  THR A N   
562 C CA  . THR A 79  ? 0.2749 0.4612 0.4541 -0.0826 0.0521  -0.0043 78  THR A CA  
563 C C   . THR A 79  ? 0.3022 0.5181 0.4814 -0.1073 0.0678  -0.0112 78  THR A C   
564 O O   . THR A 79  ? 0.3145 0.5253 0.4803 -0.1320 0.0712  0.0095  78  THR A O   
565 C CB  . THR A 79  ? 0.2955 0.5122 0.4520 -0.0649 0.0512  -0.0170 78  THR A CB  
566 O OG1 . THR A 79  ? 0.3056 0.5512 0.4312 -0.0798 0.0584  -0.0109 78  THR A OG1 
567 C CG2 . THR A 79  ? 0.3036 0.4941 0.4567 -0.0487 0.0360  -0.0108 78  THR A CG2 
568 N N   . CYS A 80  ? 0.3045 0.4087 0.3495 -0.0159 -0.0162 -0.0504 79  CYS A N   
569 C CA  . CYS A 80  ? 0.3232 0.4329 0.4100 -0.0191 -0.0256 -0.0298 79  CYS A CA  
570 C C   . CYS A 80  ? 0.3982 0.5199 0.4505 -0.0155 -0.0043 -0.0282 79  CYS A C   
571 O O   . CYS A 80  ? 0.3172 0.4283 0.3327 -0.0086 0.0097  -0.0534 79  CYS A O   
572 C CB  . CYS A 80  ? 0.3301 0.4214 0.4731 -0.0154 -0.0467 -0.0582 79  CYS A CB  
573 S SG  . CYS A 80  ? 0.3650 0.4586 0.5916 -0.0206 -0.0719 -0.0284 79  CYS A SG  
574 N N   . CYS A 81  ? 0.3082 0.4562 0.3834 -0.0222 -0.0068 0.0047  80  CYS A N   
575 C CA  . CYS A 81  ? 0.3079 0.4763 0.3632 -0.0184 0.0108  0.0039  80  CYS A CA  
576 C C   . CYS A 81  ? 0.3486 0.4857 0.4213 -0.0129 0.0067  -0.0107 80  CYS A C   
577 O O   . CYS A 81  ? 0.3107 0.4427 0.4291 -0.0172 -0.0097 0.0040  80  CYS A O   
578 C CB  . CYS A 81  ? 0.3043 0.5322 0.3782 -0.0323 0.0087  0.0466  80  CYS A CB  
579 S SG  . CYS A 81  ? 0.3126 0.5895 0.3691 -0.0270 0.0314  0.0359  80  CYS A SG  
580 N N   . VAL A 82  ? 0.2941 0.4153 0.3391 -0.0055 0.0172  -0.0365 81  VAL A N   
581 C CA  . VAL A 82  ? 0.2757 0.3816 0.3337 -0.0057 0.0118  -0.0464 81  VAL A CA  
582 C C   . VAL A 82  ? 0.2596 0.3652 0.3068 -0.0017 0.0207  -0.0490 81  VAL A C   
583 O O   . VAL A 82  ? 0.3098 0.4226 0.3450 0.0044  0.0292  -0.0566 81  VAL A O   
584 C CB  . VAL A 82  ? 0.3032 0.4034 0.3558 -0.0097 0.0032  -0.0715 81  VAL A CB  
585 C CG1 . VAL A 82  ? 0.3175 0.4204 0.4105 -0.0106 -0.0133 -0.0820 81  VAL A CG1 
586 C CG2 . VAL A 82  ? 0.2986 0.3937 0.3133 -0.0097 0.0098  -0.0804 81  VAL A CG2 
587 N N   . PRO A 83  ? 0.2939 0.3958 0.3569 -0.0049 0.0154  -0.0462 82  PRO A N   
588 C CA  . PRO A 83  ? 0.3148 0.4122 0.3826 -0.0031 0.0159  -0.0453 82  PRO A CA  
589 C C   . PRO A 83  ? 0.2912 0.3790 0.3488 -0.0081 0.0082  -0.0513 82  PRO A C   
590 O O   . PRO A 83  ? 0.3553 0.4506 0.3978 -0.0201 0.0011  -0.0521 82  PRO A O   
591 C CB  . PRO A 83  ? 0.3100 0.4114 0.3954 -0.0109 0.0081  -0.0365 82  PRO A CB  
592 C CG  . PRO A 83  ? 0.2805 0.3887 0.3815 -0.0100 0.0070  -0.0355 82  PRO A CG  
593 C CD  . PRO A 83  ? 0.2771 0.3837 0.3677 -0.0094 0.0057  -0.0448 82  PRO A CD  
594 N N   . THR A 84  ? 0.3071 0.3877 0.3831 0.0000  0.0062  -0.0582 83  THR A N   
595 C CA  . THR A 84  ? 0.2859 0.3535 0.3720 -0.0061 -0.0093 -0.0578 83  THR A CA  
596 C C   . THR A 84  ? 0.3683 0.4258 0.5082 -0.0113 -0.0319 -0.0430 83  THR A C   
597 O O   . THR A 84  ? 0.3169 0.3661 0.4826 -0.0243 -0.0556 -0.0267 83  THR A O   
598 C CB  . THR A 84  ? 0.3951 0.4623 0.4803 0.0078  -0.0026 -0.0839 83  THR A CB  
599 O OG1 . THR A 84  ? 0.3331 0.4213 0.4461 0.0250  0.0069  -0.1079 83  THR A OG1 
600 C CG2 . THR A 84  ? 0.3977 0.4739 0.4351 0.0069  0.0121  -0.0878 83  THR A CG2 
601 N N   . GLU A 85  ? 0.2950 0.3553 0.4604 -0.0033 -0.0285 -0.0445 84  GLU A N   
602 C CA  . GLU A 85  ? 0.3228 0.3733 0.5479 -0.0095 -0.0532 -0.0266 84  GLU A CA  
603 C C   . GLU A 85  ? 0.3071 0.3686 0.5241 -0.0120 -0.0444 -0.0142 84  GLU A C   
604 O O   . GLU A 85  ? 0.3048 0.3774 0.5045 0.0022  -0.0221 -0.0318 84  GLU A O   
605 C CB  . GLU A 85  ? 0.3586 0.4007 0.6563 0.0116  -0.0645 -0.0596 84  GLU A CB  
606 C CG  . GLU A 85  ? 0.5687 0.5937 0.9127 0.0123  -0.0891 -0.0692 84  GLU A CG  
607 C CD  . GLU A 85  ? 0.7921 0.8342 1.1120 0.0320  -0.0670 -0.1166 84  GLU A CD  
608 O OE1 . GLU A 85  ? 0.7819 0.8530 1.0410 0.0387  -0.0340 -0.1292 84  GLU A OE1 
609 O OE2 . GLU A 85  ? 0.9337 0.9657 1.3027 0.0385  -0.0862 -0.1378 84  GLU A OE2 
610 N N   . LEU A 86  ? 0.3157 0.3625 0.4027 -0.0314 -0.0006 0.0338  85  LEU A N   
611 C CA  . LEU A 86  ? 0.3568 0.4056 0.4450 -0.0261 -0.0007 0.0343  85  LEU A CA  
612 C C   . LEU A 86  ? 0.4046 0.4424 0.4758 -0.0243 -0.0004 0.0359  85  LEU A C   
613 O O   . LEU A 86  ? 0.3804 0.4015 0.4342 -0.0313 -0.0038 0.0384  85  LEU A O   
614 C CB  . LEU A 86  ? 0.3458 0.4074 0.4495 -0.0239 -0.0022 0.0258  85  LEU A CB  
615 C CG  . LEU A 86  ? 0.3330 0.3946 0.4541 -0.0183 -0.0162 0.0180  85  LEU A CG  
616 C CD1 . LEU A 86  ? 0.3840 0.4743 0.5227 -0.0169 -0.0139 0.0000  85  LEU A CD1 
617 C CD2 . LEU A 86  ? 0.3173 0.3676 0.4442 -0.0113 -0.0330 0.0141  85  LEU A CD2 
618 N N   . SER A 87  ? 0.3179 0.3611 0.3900 -0.0174 -0.0015 0.0341  86  SER A N   
619 C CA  . SER A 87  ? 0.3082 0.3390 0.3667 -0.0099 -0.0082 0.0304  86  SER A CA  
620 C C   . SER A 87  ? 0.3526 0.3902 0.4147 -0.0090 -0.0053 0.0302  86  SER A C   
621 O O   . SER A 87  ? 0.3127 0.3641 0.3883 -0.0128 -0.0006 0.0318  86  SER A O   
622 C CB  . SER A 87  ? 0.3807 0.4249 0.4415 0.0038  -0.0159 0.0176  86  SER A CB  
623 O OG  . SER A 87  ? 0.3724 0.4556 0.4471 -0.0013 -0.0076 0.0151  86  SER A OG  
624 N N   . ALA A 88  ? 0.3404 0.3604 0.3874 -0.0032 -0.0145 0.0275  87  ALA A N   
625 C CA  . ALA A 88  ? 0.3727 0.3949 0.4192 -0.0026 -0.0132 0.0274  87  ALA A CA  
626 C C   . ALA A 88  ? 0.3737 0.4192 0.4342 0.0091  -0.0157 0.0172  87  ALA A C   
627 O O   . ALA A 88  ? 0.3406 0.4052 0.4081 0.0185  -0.0209 0.0050  87  ALA A O   
628 C CB  . ALA A 88  ? 0.3610 0.3469 0.3755 -0.0083 -0.0259 0.0320  87  ALA A CB  
629 N N   . ILE A 89  ? 0.2964 0.3501 0.3627 0.0071  -0.0125 0.0184  88  ILE A N   
630 C CA  . ILE A 89  ? 0.3167 0.3939 0.3920 0.0150  -0.0170 0.0073  88  ILE A CA  
631 C C   . ILE A 89  ? 0.3835 0.4402 0.4485 0.0204  -0.0235 0.0073  88  ILE A C   
632 O O   . ILE A 89  ? 0.3721 0.4109 0.4269 0.0122  -0.0192 0.0164  88  ILE A O   
633 C CB  . ILE A 89  ? 0.3482 0.4598 0.4379 -0.0003 -0.0102 0.0105  88  ILE A CB  
634 C CG1 . ILE A 89  ? 0.3415 0.4332 0.4307 -0.0087 -0.0112 0.0217  88  ILE A CG1 
635 C CG2 . ILE A 89  ? 0.2943 0.4230 0.3855 -0.0125 -0.0060 0.0140  88  ILE A CG2 
636 C CD1 . ILE A 89  ? 0.3497 0.4581 0.4418 -0.0274 -0.0168 0.0270  88  ILE A CD1 
637 N N   . SER A 90  ? 0.3030 0.3711 0.3720 0.0346  -0.0350 -0.0077 89  SER A N   
638 C CA  . SER A 90  ? 0.3509 0.4001 0.4097 0.0400  -0.0439 -0.0085 89  SER A CA  
639 C C   . SER A 90  ? 0.3870 0.4659 0.4634 0.0308  -0.0333 -0.0064 89  SER A C   
640 O O   . SER A 90  ? 0.3460 0.4677 0.4407 0.0239  -0.0286 -0.0127 89  SER A O   
641 C CB  . SER A 90  ? 0.4109 0.4572 0.4688 0.0640  -0.0685 -0.0310 89  SER A CB  
642 O OG  . SER A 90  ? 0.5580 0.5621 0.5943 0.0742  -0.0900 -0.0341 89  SER A OG  
643 N N   . MET A 91  ? 0.3563 0.4152 0.4234 0.0262  -0.0319 0.0017  90  MET A N   
644 C CA  . MET A 91  ? 0.3627 0.4382 0.4430 0.0202  -0.0307 0.0020  90  MET A CA  
645 C C   . MET A 91  ? 0.3839 0.4478 0.4562 0.0292  -0.0392 -0.0034 90  MET A C   
646 O O   . MET A 91  ? 0.3568 0.3912 0.4055 0.0320  -0.0433 -0.0007 90  MET A O   
647 C CB  . MET A 91  ? 0.3108 0.3770 0.3943 0.0101  -0.0272 0.0104  90  MET A CB  
648 C CG  . MET A 91  ? 0.3789 0.4503 0.4683 0.0003  -0.0244 0.0167  90  MET A CG  
649 S SD  . MET A 91  ? 0.4410 0.4961 0.5354 -0.0113 -0.0396 0.0227  90  MET A SD  
650 C CE  . MET A 91  ? 0.4207 0.4659 0.5190 0.0069  -0.0407 0.0081  90  MET A CE  
651 N N   . LEU A 92  ? 0.2996 0.3884 0.3866 0.0284  -0.0433 -0.0102 91  LEU A N   
652 C CA  . LEU A 92  ? 0.2946 0.3738 0.3764 0.0370  -0.0526 -0.0160 91  LEU A CA  
653 C C   . LEU A 92  ? 0.3303 0.4049 0.4163 0.0261  -0.0517 -0.0087 91  LEU A C   
654 O O   . LEU A 92  ? 0.3037 0.3933 0.4009 0.0102  -0.0529 -0.0035 91  LEU A O   
655 C CB  . LEU A 92  ? 0.3168 0.4349 0.4165 0.0455  -0.0613 -0.0347 91  LEU A CB  
656 C CG  . LEU A 92  ? 0.3366 0.4434 0.4317 0.0593  -0.0758 -0.0446 91  LEU A CG  
657 C CD1 . LEU A 92  ? 0.3634 0.4175 0.4280 0.0762  -0.0930 -0.0454 91  LEU A CD1 
658 C CD2 . LEU A 92  ? 0.3451 0.5124 0.4687 0.0648  -0.0827 -0.0694 91  LEU A CD2 
659 N N   . TYR A 93  ? 0.2977 0.3495 0.3698 0.0320  -0.0541 -0.0093 92  TYR A N   
660 C CA  . TYR A 93  ? 0.3103 0.3564 0.3882 0.0292  -0.0594 -0.0104 92  TYR A CA  
661 C C   . TYR A 93  ? 0.3597 0.3970 0.4260 0.0379  -0.0645 -0.0184 92  TYR A C   
662 O O   . TYR A 93  ? 0.3742 0.4032 0.4198 0.0413  -0.0634 -0.0188 92  TYR A O   
663 C CB  . TYR A 93  ? 0.3284 0.3705 0.4096 0.0280  -0.0566 -0.0112 92  TYR A CB  
664 C CG  . TYR A 93  ? 0.3869 0.4349 0.4531 0.0310  -0.0451 -0.0178 92  TYR A CG  
665 C CD1 . TYR A 93  ? 0.3812 0.4279 0.4338 0.0243  -0.0348 -0.0099 92  TYR A CD1 
666 C CD2 . TYR A 93  ? 0.3929 0.4536 0.4560 0.0363  -0.0464 -0.0340 92  TYR A CD2 
667 C CE1 . TYR A 93  ? 0.3959 0.4504 0.4265 0.0149  -0.0260 -0.0124 92  TYR A CE1 
668 C CE2 . TYR A 93  ? 0.4560 0.5398 0.5010 0.0281  -0.0336 -0.0415 92  TYR A CE2 
669 C CZ  . TYR A 93  ? 0.4222 0.5011 0.4486 0.0133  -0.0233 -0.0278 92  TYR A CZ  
670 O OH  . TYR A 93  ? 0.5153 0.6194 0.5159 -0.0065 -0.0121 -0.0317 92  TYR A OH  
671 N N   . LEU A 94  ? 0.3745 0.4075 0.4497 0.0402  -0.0757 -0.0251 93  LEU A N   
672 C CA  . LEU A 94  ? 0.3394 0.3699 0.4058 0.0494  -0.0815 -0.0371 93  LEU A CA  
673 C C   . LEU A 94  ? 0.3808 0.4265 0.4467 0.0563  -0.0786 -0.0547 93  LEU A C   
674 O O   . LEU A 94  ? 0.4116 0.4564 0.4953 0.0618  -0.0888 -0.0631 93  LEU A O   
675 C CB  . LEU A 94  ? 0.3698 0.3888 0.4485 0.0494  -0.1019 -0.0389 93  LEU A CB  
676 C CG  . LEU A 94  ? 0.4386 0.4648 0.5211 0.0403  -0.1041 -0.0302 93  LEU A CG  
677 C CD1 . LEU A 94  ? 0.5139 0.5320 0.6058 0.0253  -0.1247 -0.0255 93  LEU A CD1 
678 C CD2 . LEU A 94  ? 0.4349 0.4607 0.5043 0.0517  -0.1031 -0.0370 93  LEU A CD2 
679 N N   . ASP A 95  ? 0.4537 0.3990 0.4696 0.0367  0.0000  -0.0403 94  ASP A N   
680 C CA  . ASP A 95  ? 0.5295 0.4940 0.5534 0.0582  0.0037  -0.0430 94  ASP A CA  
681 C C   . ASP A 95  ? 0.5294 0.4777 0.5370 0.0694  0.0089  -0.0693 94  ASP A C   
682 O O   . ASP A 95  ? 0.5452 0.4595 0.5346 0.0537  0.0113  -0.0852 94  ASP A O   
683 C CB  . ASP A 95  ? 0.5234 0.5451 0.5610 0.0556  0.0080  -0.0300 94  ASP A CB  
684 C CG  . ASP A 95  ? 0.5165 0.5666 0.5406 0.0510  0.0132  -0.0341 94  ASP A CG  
685 O OD1 . ASP A 95  ? 0.4684 0.5138 0.4810 0.0520  0.0136  -0.0548 94  ASP A OD1 
686 O OD2 . ASP A 95  ? 0.4859 0.5635 0.5062 0.0450  0.0183  -0.0172 94  ASP A OD2 
687 N N   . GLU A 96  ? 0.4786 0.4574 0.4923 0.0940  0.0114  -0.0789 95  GLU A N   
688 C CA  . GLU A 96  ? 0.5664 0.5271 0.5630 0.1117  0.0146  -0.1085 95  GLU A CA  
689 C C   . GLU A 96  ? 0.5229 0.5095 0.5141 0.0940  0.0210  -0.1275 95  GLU A C   
690 O O   . GLU A 96  ? 0.5531 0.5145 0.5272 0.0996  0.0246  -0.1579 95  GLU A O   
691 C CB  . GLU A 96  ? 0.7056 0.7181 0.7132 0.1473  0.0142  -0.1191 95  GLU A CB  
692 C CG  . GLU A 96  ? 0.7955 0.9062 0.8280 0.1369  0.0209  -0.1098 95  GLU A CG  
693 C CD  . GLU A 96  ? 0.8810 1.0153 0.9320 0.1183  0.0206  -0.0808 95  GLU A CD  
694 O OE1 . GLU A 96  ? 0.7668 0.8545 0.8177 0.1179  0.0131  -0.0695 95  GLU A OE1 
695 O OE2 . GLU A 96  ? 0.9518 1.1487 1.0131 0.1010  0.0295  -0.0704 95  GLU A OE2 
696 N N   . ASN A 97  ? 0.5335 0.5687 0.5340 0.0763  0.0218  -0.1116 96  ASN A N   
697 C CA  . ASN A 97  ? 0.5367 0.6106 0.5289 0.0663  0.0254  -0.1290 96  ASN A CA  
698 C C   . ASN A 97  ? 0.5520 0.6112 0.5363 0.0423  0.0220  -0.1315 96  ASN A C   
699 O O   . ASN A 97  ? 0.4885 0.5973 0.4666 0.0372  0.0224  -0.1453 96  ASN A O   
700 C CB  . ASN A 97  ? 0.5282 0.6731 0.5228 0.0734  0.0287  -0.1112 96  ASN A CB  
701 C CG  . ASN A 97  ? 0.6389 0.8253 0.6418 0.0911  0.0350  -0.1181 96  ASN A CG  
702 O OD1 . ASN A 97  ? 0.6831 0.8734 0.6848 0.1056  0.0366  -0.1506 96  ASN A OD1 
703 N ND2 . ASN A 97  ? 0.6028 0.8221 0.6120 0.0880  0.0395  -0.0916 96  ASN A ND2 
704 N N   . GLU A 98  ? 0.4965 0.4997 0.4800 0.0302  0.0185  -0.1205 97  GLU A N   
705 C CA  . GLU A 98  ? 0.5184 0.5195 0.4965 0.0052  0.0155  -0.1242 97  GLU A CA  
706 C C   . GLU A 98  ? 0.4763 0.5310 0.4595 0.0132  0.0074  -0.1054 97  GLU A C   
707 O O   . GLU A 98  ? 0.4185 0.5100 0.3957 0.0041  0.0035  -0.1191 97  GLU A O   
708 C CB  . GLU A 98  ? 0.6133 0.6225 0.5774 -0.0197 0.0233  -0.1656 97  GLU A CB  
709 C CG  . GLU A 98  ? 0.8395 0.7733 0.7843 -0.0275 0.0330  -0.1880 97  GLU A CG  
710 C CD  . GLU A 98  ? 1.0894 0.9292 1.0125 -0.0458 0.0356  -0.1765 97  GLU A CD  
711 O OE1 . GLU A 98  ? 1.2073 1.0106 1.1064 -0.0867 0.0460  -0.1998 97  GLU A OE1 
712 O OE2 . GLU A 98  ? 1.1763 0.9826 1.1024 -0.0218 0.0289  -0.1454 97  GLU A OE2 
713 N N   . LYS A 99  ? 0.4517 0.5110 0.4406 0.0306  0.0055  -0.0765 98  LYS A N   
714 C CA  . LYS A 99  ? 0.4696 0.5439 0.4505 0.0385  -0.0018 -0.0534 98  LYS A CA  
715 C C   . LYS A 99  ? 0.4019 0.4402 0.3932 0.0298  -0.0090 -0.0393 98  LYS A C   
716 O O   . LYS A 99  ? 0.4294 0.4360 0.4350 0.0248  -0.0070 -0.0323 98  LYS A O   
717 C CB  . LYS A 99  ? 0.4611 0.5437 0.4338 0.0498  0.0036  -0.0286 98  LYS A CB  
718 C CG  . LYS A 99  ? 0.5549 0.6839 0.5120 0.0612  0.0105  -0.0386 98  LYS A CG  
719 C CD  . LYS A 99  ? 0.6353 0.7696 0.5770 0.0635  0.0196  -0.0102 98  LYS A CD  
720 C CE  . LYS A 99  ? 0.6399 0.8290 0.5667 0.0742  0.0281  -0.0201 98  LYS A CE  
721 N NZ  . LYS A 99  ? 0.7871 0.9838 0.6957 0.0668  0.0413  0.0079  98  LYS A NZ  
722 N N   . VAL A 100 ? 0.4081 0.4590 0.3899 0.0337  -0.0189 -0.0376 99  VAL A N   
723 C CA  . VAL A 100 ? 0.3917 0.4184 0.3833 0.0272  -0.0268 -0.0278 99  VAL A CA  
724 C C   . VAL A 100 ? 0.4525 0.4503 0.4442 0.0342  -0.0278 -0.0001 99  VAL A C   
725 O O   . VAL A 100 ? 0.5039 0.4970 0.4713 0.0478  -0.0285 0.0133  99  VAL A O   
726 C CB  . VAL A 100 ? 0.4103 0.4721 0.3921 0.0319  -0.0382 -0.0431 99  VAL A CB  
727 C CG1 . VAL A 100 ? 0.4640 0.5088 0.4572 0.0261  -0.0466 -0.0358 99  VAL A CG1 
728 C CG2 . VAL A 100 ? 0.4290 0.5307 0.4115 0.0123  -0.0331 -0.0768 99  VAL A CG2 
729 N N   . VAL A 101 ? 0.3751 0.3516 0.3884 0.0236  -0.0265 0.0075  100 VAL A N   
730 C CA  . VAL A 101 ? 0.4308 0.3902 0.4493 0.0200  -0.0247 0.0258  100 VAL A CA  
731 C C   . VAL A 101 ? 0.3736 0.3209 0.4046 0.0158  -0.0348 0.0268  100 VAL A C   
732 O O   . VAL A 101 ? 0.3911 0.3445 0.4352 0.0124  -0.0389 0.0185  100 VAL A O   
733 C CB  . VAL A 101 ? 0.4428 0.4150 0.4804 0.0143  -0.0139 0.0270  100 VAL A CB  
734 C CG1 . VAL A 101 ? 0.4083 0.3796 0.4525 0.0000  -0.0083 0.0390  100 VAL A CG1 
735 C CG2 . VAL A 101 ? 0.4731 0.4668 0.5005 0.0205  -0.0044 0.0210  100 VAL A CG2 
736 N N   . LEU A 102 ? 0.3976 0.3217 0.4176 0.0151  -0.0378 0.0368  101 LEU A N   
737 C CA  . LEU A 102 ? 0.3910 0.3072 0.4252 0.0108  -0.0469 0.0342  101 LEU A CA  
738 C C   . LEU A 102 ? 0.3865 0.2943 0.4330 -0.0087 -0.0374 0.0408  101 LEU A C   
739 O O   . LEU A 102 ? 0.4340 0.3113 0.4564 -0.0188 -0.0279 0.0513  101 LEU A O   
740 C CB  . LEU A 102 ? 0.4248 0.3182 0.4316 0.0280  -0.0599 0.0318  101 LEU A CB  
741 C CG  . LEU A 102 ? 0.5019 0.3892 0.5209 0.0269  -0.0712 0.0239  101 LEU A CG  
742 C CD1 . LEU A 102 ? 0.4073 0.3410 0.4596 0.0197  -0.0755 0.0132  101 LEU A CD1 
743 C CD2 . LEU A 102 ? 0.5475 0.4156 0.5334 0.0554  -0.0868 0.0163  101 LEU A CD2 
744 N N   . LYS A 103 ? 0.3380 0.2758 0.4169 -0.0159 -0.0383 0.0334  102 LYS A N   
745 C CA  . LYS A 103 ? 0.3608 0.3181 0.4576 -0.0368 -0.0279 0.0312  102 LYS A CA  
746 C C   . LYS A 103 ? 0.3424 0.3272 0.4670 -0.0405 -0.0360 0.0191  102 LYS A C   
747 O O   . LYS A 103 ? 0.3589 0.3627 0.4944 -0.0232 -0.0466 0.0162  102 LYS A O   
748 C CB  . LYS A 103 ? 0.3575 0.3583 0.4682 -0.0337 -0.0178 0.0289  102 LYS A CB  
749 C CG  . LYS A 103 ? 0.3746 0.4315 0.5121 -0.0508 -0.0085 0.0173  102 LYS A CG  
750 C CD  . LYS A 103 ? 0.4113 0.5175 0.5558 -0.0417 0.0010  0.0118  102 LYS A CD  
751 C CE  . LYS A 103 ? 0.5259 0.7155 0.7033 -0.0374 0.0020  -0.0081 102 LYS A CE  
752 N NZ  . LYS A 103 ? 0.5794 0.7982 0.7731 -0.0766 0.0098  -0.0193 102 LYS A NZ  
753 N N   . ASN A 104 ? 0.3599 0.3456 0.4912 -0.0666 -0.0294 0.0113  103 ASN A N   
754 C CA  . ASN A 104 ? 0.2974 0.3301 0.4606 -0.0729 -0.0350 -0.0063 103 ASN A CA  
755 C C   . ASN A 104 ? 0.3214 0.4350 0.5145 -0.0718 -0.0281 -0.0167 103 ASN A C   
756 O O   . ASN A 104 ? 0.3657 0.5074 0.5636 -0.0973 -0.0121 -0.0234 103 ASN A O   
757 C CB  . ASN A 104 ? 0.3422 0.3425 0.4985 -0.1056 -0.0297 -0.0178 103 ASN A CB  
758 C CG  . ASN A 104 ? 0.5143 0.4392 0.6387 -0.0920 -0.0423 -0.0134 103 ASN A CG  
759 O OD1 . ASN A 104 ? 0.5053 0.4313 0.6256 -0.0607 -0.0570 -0.0081 103 ASN A OD1 
760 N ND2 . ASN A 104 ? 0.5446 0.4041 0.6417 -0.1160 -0.0362 -0.0186 103 ASN A ND2 
761 N N   . TYR A 105 ? 0.3316 0.4843 0.5383 -0.0405 -0.0398 -0.0187 104 TYR A N   
762 C CA  . TYR A 105 ? 0.2932 0.5263 0.5212 -0.0234 -0.0384 -0.0311 104 TYR A CA  
763 C C   . TYR A 105 ? 0.3680 0.6749 0.6266 -0.0323 -0.0422 -0.0548 104 TYR A C   
764 O O   . TYR A 105 ? 0.2287 0.5301 0.4893 -0.0231 -0.0547 -0.0551 104 TYR A O   
765 C CB  . TYR A 105 ? 0.2994 0.5190 0.5100 0.0217  -0.0491 -0.0182 104 TYR A CB  
766 C CG  . TYR A 105 ? 0.3644 0.5378 0.5510 0.0327  -0.0432 -0.0059 104 TYR A CG  
767 C CD1 . TYR A 105 ? 0.3650 0.4693 0.5293 0.0214  -0.0424 0.0075  104 TYR A CD1 
768 C CD2 . TYR A 105 ? 0.3730 0.5824 0.5589 0.0583  -0.0397 -0.0130 104 TYR A CD2 
769 C CE1 . TYR A 105 ? 0.4322 0.5049 0.5766 0.0296  -0.0369 0.0132  104 TYR A CE1 
770 C CE2 . TYR A 105 ? 0.3917 0.5604 0.5558 0.0687  -0.0348 -0.0068 104 TYR A CE2 
771 C CZ  . TYR A 105 ? 0.4482 0.5486 0.5928 0.0514  -0.0326 0.0063  104 TYR A CZ  
772 O OH  . TYR A 105 ? 0.5638 0.6336 0.6888 0.0597  -0.0273 0.0073  104 TYR A OH  
773 N N   . GLN A 106 ? 0.3798 0.4693 0.4275 0.0136  0.0484  0.0612  105 GLN A N   
774 C CA  . GLN A 106 ? 0.3701 0.4469 0.4252 -0.0019 0.0439  0.0664  105 GLN A CA  
775 C C   . GLN A 106 ? 0.2991 0.3823 0.3565 0.0045  0.0489  0.0500  105 GLN A C   
776 O O   . GLN A 106 ? 0.2981 0.3999 0.3539 0.0190  0.0520  0.0389  105 GLN A O   
777 C CB  . GLN A 106 ? 0.4192 0.5309 0.4815 -0.0209 0.0408  0.0947  105 GLN A CB  
778 C CG  . GLN A 106 ? 0.5180 0.6271 0.5824 -0.0351 0.0296  0.1227  105 GLN A CG  
779 C CD  . GLN A 106 ? 0.5088 0.5493 0.5739 -0.0363 0.0119  0.1154  105 GLN A CD  
780 O OE1 . GLN A 106 ? 0.5913 0.5945 0.6640 -0.0431 -0.0029 0.1089  105 GLN A OE1 
781 N NE2 . GLN A 106 ? 0.5146 0.5418 0.5715 -0.0249 0.0109  0.1117  105 GLN A NE2 
782 N N   . ASP A 107 ? 0.3066 0.3724 0.3690 -0.0049 0.0450  0.0477  106 ASP A N   
783 C CA  . ASP A 107 ? 0.3243 0.4008 0.3901 -0.0029 0.0482  0.0383  106 ASP A CA  
784 C C   . ASP A 107 ? 0.3158 0.3879 0.3802 0.0092  0.0484  0.0255  106 ASP A C   
785 O O   . ASP A 107 ? 0.2853 0.3703 0.3533 0.0150  0.0460  0.0209  106 ASP A O   
786 C CB  . ASP A 107 ? 0.3195 0.4365 0.3884 -0.0043 0.0518  0.0455  106 ASP A CB  
787 C CG  . ASP A 107 ? 0.3944 0.5254 0.4701 -0.0243 0.0486  0.0670  106 ASP A CG  
788 O OD1 . ASP A 107 ? 0.4050 0.5012 0.4856 -0.0366 0.0388  0.0699  106 ASP A OD1 
789 O OD2 . ASP A 107 ? 0.3409 0.5229 0.4184 -0.0270 0.0521  0.0812  106 ASP A OD2 
790 N N   . MET A 108 ? 0.3030 0.3591 0.3646 0.0124  0.0467  0.0213  107 MET A N   
791 C CA  . MET A 108 ? 0.3109 0.3683 0.3753 0.0176  0.0431  0.0177  107 MET A CA  
792 C C   . MET A 108 ? 0.2958 0.3629 0.3639 0.0115  0.0414  0.0184  107 MET A C   
793 O O   . MET A 108 ? 0.3021 0.3784 0.3780 0.0077  0.0344  0.0249  107 MET A O   
794 C CB  . MET A 108 ? 0.3216 0.3715 0.3817 0.0245  0.0427  0.0160  107 MET A CB  
795 C CG  . MET A 108 ? 0.2906 0.3432 0.3471 0.0331  0.0433  0.0160  107 MET A CG  
796 S SD  . MET A 108 ? 0.3428 0.4038 0.4072 0.0458  0.0307  0.0072  107 MET A SD  
797 C CE  . MET A 108 ? 0.3725 0.4170 0.4438 0.0453  0.0195  0.0076  107 MET A CE  
798 N N   . VAL A 109 ? 0.2926 0.3615 0.3570 0.0109  0.0431  0.0125  108 VAL A N   
799 C CA  . VAL A 109 ? 0.2826 0.3785 0.3483 0.0111  0.0416  0.0090  108 VAL A CA  
800 C C   . VAL A 109 ? 0.3043 0.4014 0.3710 0.0087  0.0405  0.0032  108 VAL A C   
801 O O   . VAL A 109 ? 0.2923 0.3669 0.3577 0.0101  0.0357  -0.0043 108 VAL A O   
802 C CB  . VAL A 109 ? 0.2847 0.3926 0.3441 0.0234  0.0389  -0.0037 108 VAL A CB  
803 C CG1 . VAL A 109 ? 0.2636 0.4218 0.3228 0.0298  0.0368  -0.0115 108 VAL A CG1 
804 C CG2 . VAL A 109 ? 0.3341 0.4459 0.3936 0.0246  0.0403  0.0032  108 VAL A CG2 
805 N N   . VAL A 110 ? 0.2530 0.3752 0.3244 0.0030  0.0410  0.0093  109 VAL A N   
806 C CA  . VAL A 110 ? 0.2545 0.3825 0.3268 0.0024  0.0394  0.0019  109 VAL A CA  
807 C C   . VAL A 110 ? 0.2978 0.4459 0.3656 0.0166  0.0329  -0.0181 109 VAL A C   
808 O O   . VAL A 110 ? 0.2878 0.4799 0.3529 0.0246  0.0333  -0.0202 109 VAL A O   
809 C CB  . VAL A 110 ? 0.2624 0.4156 0.3406 -0.0062 0.0398  0.0142  109 VAL A CB  
810 C CG1 . VAL A 110 ? 0.2970 0.4617 0.3752 -0.0045 0.0385  0.0039  109 VAL A CG1 
811 C CG2 . VAL A 110 ? 0.3168 0.4468 0.4002 -0.0125 0.0378  0.0248  109 VAL A CG2 
812 N N   . GLU A 111 ? 0.2629 0.3846 0.3316 0.0210  0.0224  -0.0332 110 GLU A N   
813 C CA  . GLU A 111 ? 0.2830 0.4183 0.3492 0.0417  0.0065  -0.0613 110 GLU A CA  
814 C C   . GLU A 111 ? 0.3633 0.5120 0.4336 0.0441  -0.0008 -0.0726 110 GLU A C   
815 O O   . GLU A 111 ? 0.3586 0.5404 0.4264 0.0662  -0.0135 -0.0990 110 GLU A O   
816 C CB  . GLU A 111 ? 0.3371 0.4204 0.4047 0.0488  -0.0137 -0.0743 110 GLU A CB  
817 C CG  . GLU A 111 ? 0.3024 0.3741 0.3645 0.0508  -0.0088 -0.0674 110 GLU A CG  
818 C CD  . GLU A 111 ? 0.4037 0.5243 0.4578 0.0739  -0.0091 -0.0857 110 GLU A CD  
819 O OE1 . GLU A 111 ? 0.3588 0.5335 0.4108 0.0899  -0.0122 -0.1031 110 GLU A OE1 
820 O OE2 . GLU A 111 ? 0.4148 0.5289 0.4649 0.0773  -0.0064 -0.0824 110 GLU A OE2 
821 N N   . GLY A 112 ? 0.2935 0.4236 0.3702 0.0249  0.0056  -0.0560 111 GLY A N   
822 C CA  . GLY A 112 ? 0.3260 0.4690 0.4071 0.0262  -0.0010 -0.0659 111 GLY A CA  
823 C C   . GLY A 112 ? 0.3209 0.4707 0.4054 0.0076  0.0142  -0.0433 111 GLY A C   
824 O O   . GLY A 112 ? 0.2948 0.4238 0.3810 -0.0054 0.0228  -0.0248 111 GLY A O   
825 N N   . CYS A 113 ? 0.2764 0.4599 0.3616 0.0100  0.0152  -0.0473 112 CYS A N   
826 C CA  . CYS A 113 ? 0.2588 0.4487 0.3475 -0.0040 0.0247  -0.0294 112 CYS A CA  
827 C C   . CYS A 113 ? 0.2879 0.4745 0.3829 -0.0054 0.0168  -0.0406 112 CYS A C   
828 O O   . CYS A 113 ? 0.3447 0.5375 0.4408 0.0078  0.0025  -0.0635 112 CYS A O   
829 C CB  . CYS A 113 ? 0.2971 0.5351 0.3827 -0.0039 0.0308  -0.0160 112 CYS A CB  
830 S SG  . CYS A 113 ? 0.3039 0.5501 0.3878 -0.0080 0.0349  0.0037  112 CYS A SG  
831 N N   . GLY A 114 ? 0.2944 0.4749 0.3944 -0.0183 0.0225  -0.0275 113 GLY A N   
832 C CA  . GLY A 114 ? 0.2780 0.4616 0.3852 -0.0219 0.0158  -0.0350 113 GLY A CA  
833 C C   . GLY A 114 ? 0.2784 0.4738 0.3877 -0.0304 0.0247  -0.0211 113 GLY A C   
834 O O   . GLY A 114 ? 0.2897 0.4843 0.3959 -0.0315 0.0316  -0.0085 113 GLY A O   
835 N N   . CYS A 115 ? 0.2383 0.4442 0.3536 -0.0334 0.0205  -0.0268 114 CYS A N   
836 C CA  . CYS A 115 ? 0.2685 0.4891 0.3861 -0.0378 0.0260  -0.0181 114 CYS A CA  
837 C C   . CYS A 115 ? 0.2918 0.5099 0.4188 -0.0499 0.0256  -0.0113 114 CYS A C   
838 O O   . CYS A 115 ? 0.2643 0.4736 0.4018 -0.0607 0.0156  -0.0127 114 CYS A O   
839 C CB  . CYS A 115 ? 0.3111 0.5557 0.4293 -0.0336 0.0226  -0.0261 114 CYS A CB  
840 S SG  . CYS A 115 ? 0.3345 0.6095 0.4428 -0.0228 0.0234  -0.0234 114 CYS A SG  
841 N N   . ARG A 116 ? 0.2811 0.5127 0.4061 -0.0477 0.0321  -0.0032 115 ARG A N   
842 C CA  . ARG A 116 ? 0.2411 0.4946 0.3740 -0.0574 0.0338  0.0068  115 ARG A CA  
843 C C   . ARG A 116 ? 0.2932 0.5866 0.4260 -0.0478 0.0364  0.0039  115 ARG A C   
844 O O   . ARG A 116 ? 0.2558 0.5458 0.3820 -0.0314 0.0335  -0.0054 115 ARG A O   
845 C CB  . ARG A 116 ? 0.2373 0.4829 0.3665 -0.0574 0.0372  0.0155  115 ARG A CB  
846 C CG  . ARG A 116 ? 0.2727 0.4809 0.4037 -0.0663 0.0307  0.0181  115 ARG A CG  
847 C CD  . ARG A 116 ? 0.2914 0.4975 0.4386 -0.0879 0.0174  0.0292  115 ARG A CD  
848 N NE  . ARG A 116 ? 0.4086 0.5731 0.5604 -0.0947 0.0021  0.0311  115 ARG A NE  
849 C CZ  . ARG A 116 ? 0.4548 0.5860 0.6070 -0.0861 -0.0128 0.0111  115 ARG A CZ  
850 N NH1 . ARG A 116 ? 0.4739 0.6161 0.6210 -0.0727 -0.0101 -0.0081 115 ARG A NH1 
851 N NH2 . ARG A 116 ? 0.3746 0.4668 0.5318 -0.0877 -0.0329 0.0084  115 ARG A NH2 
852 O OXT . ARG A 116 ? 0.2007 0.5347 0.3419 -0.0564 0.0376  0.0120  115 ARG A OXT 
# 
